data_2P65
# 
_entry.id   2P65 
# 
_audit_conform.dict_name       mmcif_pdbx.dic 
_audit_conform.dict_version    5.377 
_audit_conform.dict_location   http://mmcif.pdb.org/dictionaries/ascii/mmcif_pdbx.dic 
# 
loop_
_database_2.database_id 
_database_2.database_code 
_database_2.pdbx_database_accession 
_database_2.pdbx_DOI 
PDB   2P65         pdb_00002p65 10.2210/pdb2p65/pdb 
RCSB  RCSB042014   ?            ?                   
WWPDB D_1000042014 ?            ?                   
# 
_pdbx_database_status.status_code                     REL 
_pdbx_database_status.entry_id                        2P65 
_pdbx_database_status.recvd_initial_deposition_date   2007-03-16 
_pdbx_database_status.deposit_site                    RCSB 
_pdbx_database_status.process_site                    RCSB 
_pdbx_database_status.status_code_sf                  REL 
_pdbx_database_status.status_code_mr                  ? 
_pdbx_database_status.SG_entry                        Y 
_pdbx_database_status.pdb_format_compatible           Y 
_pdbx_database_status.status_code_cs                  ? 
_pdbx_database_status.status_code_nmr_data            ? 
_pdbx_database_status.methods_development_category    ? 
# 
loop_
_audit_author.name 
_audit_author.pdbx_ordinal 
'Wernimont, A.K.'                      1  
'Lew, J.'                              2  
'Kozieradzki, I.'                      3  
'Lin, Y.H.'                            4  
'Hassanali, A.'                        5  
'Zhao, Y.'                             6  
'Arrowsmith, C.H.'                     7  
'Edwards, A.M.'                        8  
'Weigelt, J.'                          9  
'Sundstrom, M.'                        10 
'Bochkarev, A.'                        11 
'Hui, R.'                              12 
'Artz, J.D.'                           13 
'Structural Genomics Consortium (SGC)' 14 
# 
_citation.id                        primary 
_citation.title                     
'Crystal Structure of the first nucleotide binding domain of chaperone ClpB1, putative, (Pv089580) from Plasmodium Vivax' 
_citation.journal_abbrev            'To be Published' 
_citation.journal_volume            ? 
_citation.page_first                ? 
_citation.page_last                 ? 
_citation.year                      ? 
_citation.journal_id_ASTM           ? 
_citation.country                   ? 
_citation.journal_id_ISSN           ? 
_citation.journal_id_CSD            0353 
_citation.book_publisher            ? 
_citation.pdbx_database_id_PubMed   ? 
_citation.pdbx_database_id_DOI      ? 
# 
loop_
_citation_author.citation_id 
_citation_author.name 
_citation_author.ordinal 
_citation_author.identifier_ORCID 
primary 'Wernimont, A.K.'  1  ? 
primary 'Lew, J.'          2  ? 
primary 'Kozieradzki, I.'  3  ? 
primary 'Lin, Y.H.'        4  ? 
primary 'Hassanali, A.'    5  ? 
primary 'Zhao, Y.'         6  ? 
primary 'Arrowsmith, C.H.' 7  ? 
primary 'Edwards, A.M.'    8  ? 
primary 'Weigelt, J.'      9  ? 
primary 'Sundstrom, M.'    10 ? 
primary 'Bochkarev, A.'    11 ? 
primary 'Hui, R.'          12 ? 
primary 'Artz, J.D.'       13 ? 
# 
_cell.entry_id           2P65 
_cell.length_a           31.728 
_cell.length_b           52.213 
_cell.length_c           91.920 
_cell.angle_alpha        90.00 
_cell.angle_beta         90.00 
_cell.angle_gamma        90.00 
_cell.Z_PDB              4 
_cell.pdbx_unique_axis   ? 
_cell.length_a_esd       ? 
_cell.length_b_esd       ? 
_cell.length_c_esd       ? 
_cell.angle_alpha_esd    ? 
_cell.angle_beta_esd     ? 
_cell.angle_gamma_esd    ? 
# 
_symmetry.entry_id                         2P65 
_symmetry.space_group_name_H-M             'P 21 21 21' 
_symmetry.pdbx_full_space_group_name_H-M   ? 
_symmetry.cell_setting                     ? 
_symmetry.Int_Tables_number                19 
_symmetry.space_group_name_Hall            ? 
# 
loop_
_entity.id 
_entity.type 
_entity.src_method 
_entity.pdbx_description 
_entity.formula_weight 
_entity.pdbx_number_of_molecules 
_entity.pdbx_ec 
_entity.pdbx_mutation 
_entity.pdbx_fragment 
_entity.details 
1 polymer man 'Hypothetical protein PF08_0063' 20439.584 1   ? ? 'Putative nucleotide binding domain (Residues 190-480)' ? 
2 water   nat water                            18.015    139 ? ? ?                                                       ? 
# 
_entity_poly.entity_id                      1 
_entity_poly.type                           'polypeptide(L)' 
_entity_poly.nstd_linkage                   no 
_entity_poly.nstd_monomer                   no 
_entity_poly.pdbx_seq_one_letter_code       
;GYQALEKYSRDLTALARAGKLDPVIGRDTEIRRAIQILSRRTKNNPILLGDPGVGKTAIVEGLAIKIVQGDVPDSLKGRK
LVSLDLSSLIAGAKYRGDFEERLKSILKEVQDAEGQVVMFIDEIHTVVGAGAVAEGALDAGNILKPMLARGELRCIGATT
VSEYRQFIEKDKALERRFQQILVEQPS
;
_entity_poly.pdbx_seq_one_letter_code_can   
;GYQALEKYSRDLTALARAGKLDPVIGRDTEIRRAIQILSRRTKNNPILLGDPGVGKTAIVEGLAIKIVQGDVPDSLKGRK
LVSLDLSSLIAGAKYRGDFEERLKSILKEVQDAEGQVVMFIDEIHTVVGAGAVAEGALDAGNILKPMLARGELRCIGATT
VSEYRQFIEKDKALERRFQQILVEQPS
;
_entity_poly.pdbx_strand_id                 A 
_entity_poly.pdbx_target_identifier         ? 
# 
loop_
_entity_poly_seq.entity_id 
_entity_poly_seq.num 
_entity_poly_seq.mon_id 
_entity_poly_seq.hetero 
1 1   GLY n 
1 2   TYR n 
1 3   GLN n 
1 4   ALA n 
1 5   LEU n 
1 6   GLU n 
1 7   LYS n 
1 8   TYR n 
1 9   SER n 
1 10  ARG n 
1 11  ASP n 
1 12  LEU n 
1 13  THR n 
1 14  ALA n 
1 15  LEU n 
1 16  ALA n 
1 17  ARG n 
1 18  ALA n 
1 19  GLY n 
1 20  LYS n 
1 21  LEU n 
1 22  ASP n 
1 23  PRO n 
1 24  VAL n 
1 25  ILE n 
1 26  GLY n 
1 27  ARG n 
1 28  ASP n 
1 29  THR n 
1 30  GLU n 
1 31  ILE n 
1 32  ARG n 
1 33  ARG n 
1 34  ALA n 
1 35  ILE n 
1 36  GLN n 
1 37  ILE n 
1 38  LEU n 
1 39  SER n 
1 40  ARG n 
1 41  ARG n 
1 42  THR n 
1 43  LYS n 
1 44  ASN n 
1 45  ASN n 
1 46  PRO n 
1 47  ILE n 
1 48  LEU n 
1 49  LEU n 
1 50  GLY n 
1 51  ASP n 
1 52  PRO n 
1 53  GLY n 
1 54  VAL n 
1 55  GLY n 
1 56  LYS n 
1 57  THR n 
1 58  ALA n 
1 59  ILE n 
1 60  VAL n 
1 61  GLU n 
1 62  GLY n 
1 63  LEU n 
1 64  ALA n 
1 65  ILE n 
1 66  LYS n 
1 67  ILE n 
1 68  VAL n 
1 69  GLN n 
1 70  GLY n 
1 71  ASP n 
1 72  VAL n 
1 73  PRO n 
1 74  ASP n 
1 75  SER n 
1 76  LEU n 
1 77  LYS n 
1 78  GLY n 
1 79  ARG n 
1 80  LYS n 
1 81  LEU n 
1 82  VAL n 
1 83  SER n 
1 84  LEU n 
1 85  ASP n 
1 86  LEU n 
1 87  SER n 
1 88  SER n 
1 89  LEU n 
1 90  ILE n 
1 91  ALA n 
1 92  GLY n 
1 93  ALA n 
1 94  LYS n 
1 95  TYR n 
1 96  ARG n 
1 97  GLY n 
1 98  ASP n 
1 99  PHE n 
1 100 GLU n 
1 101 GLU n 
1 102 ARG n 
1 103 LEU n 
1 104 LYS n 
1 105 SER n 
1 106 ILE n 
1 107 LEU n 
1 108 LYS n 
1 109 GLU n 
1 110 VAL n 
1 111 GLN n 
1 112 ASP n 
1 113 ALA n 
1 114 GLU n 
1 115 GLY n 
1 116 GLN n 
1 117 VAL n 
1 118 VAL n 
1 119 MET n 
1 120 PHE n 
1 121 ILE n 
1 122 ASP n 
1 123 GLU n 
1 124 ILE n 
1 125 HIS n 
1 126 THR n 
1 127 VAL n 
1 128 VAL n 
1 129 GLY n 
1 130 ALA n 
1 131 GLY n 
1 132 ALA n 
1 133 VAL n 
1 134 ALA n 
1 135 GLU n 
1 136 GLY n 
1 137 ALA n 
1 138 LEU n 
1 139 ASP n 
1 140 ALA n 
1 141 GLY n 
1 142 ASN n 
1 143 ILE n 
1 144 LEU n 
1 145 LYS n 
1 146 PRO n 
1 147 MET n 
1 148 LEU n 
1 149 ALA n 
1 150 ARG n 
1 151 GLY n 
1 152 GLU n 
1 153 LEU n 
1 154 ARG n 
1 155 CYS n 
1 156 ILE n 
1 157 GLY n 
1 158 ALA n 
1 159 THR n 
1 160 THR n 
1 161 VAL n 
1 162 SER n 
1 163 GLU n 
1 164 TYR n 
1 165 ARG n 
1 166 GLN n 
1 167 PHE n 
1 168 ILE n 
1 169 GLU n 
1 170 LYS n 
1 171 ASP n 
1 172 LYS n 
1 173 ALA n 
1 174 LEU n 
1 175 GLU n 
1 176 ARG n 
1 177 ARG n 
1 178 PHE n 
1 179 GLN n 
1 180 GLN n 
1 181 ILE n 
1 182 LEU n 
1 183 VAL n 
1 184 GLU n 
1 185 GLN n 
1 186 PRO n 
1 187 SER n 
# 
_entity_src_gen.entity_id                          1 
_entity_src_gen.pdbx_src_id                        1 
_entity_src_gen.pdbx_alt_source_flag               sample 
_entity_src_gen.pdbx_seq_type                      ? 
_entity_src_gen.pdbx_beg_seq_num                   ? 
_entity_src_gen.pdbx_end_seq_num                   ? 
_entity_src_gen.gene_src_common_name               'malaria parasite P. falciparum' 
_entity_src_gen.gene_src_genus                     Plasmodium 
_entity_src_gen.pdbx_gene_src_gene                 PV089580:Y168-S353 
_entity_src_gen.gene_src_species                   ? 
_entity_src_gen.gene_src_strain                    ? 
_entity_src_gen.gene_src_tissue                    ? 
_entity_src_gen.gene_src_tissue_fraction           ? 
_entity_src_gen.gene_src_details                   ? 
_entity_src_gen.pdbx_gene_src_fragment             ? 
_entity_src_gen.pdbx_gene_src_scientific_name      'Plasmodium falciparum' 
_entity_src_gen.pdbx_gene_src_ncbi_taxonomy_id     5833 
_entity_src_gen.pdbx_gene_src_variant              ? 
_entity_src_gen.pdbx_gene_src_cell_line            ? 
_entity_src_gen.pdbx_gene_src_atcc                 ? 
_entity_src_gen.pdbx_gene_src_organ                ? 
_entity_src_gen.pdbx_gene_src_organelle            ? 
_entity_src_gen.pdbx_gene_src_cell                 ? 
_entity_src_gen.pdbx_gene_src_cellular_location    ? 
_entity_src_gen.host_org_common_name               ? 
_entity_src_gen.pdbx_host_org_scientific_name      'Escherichia coli' 
_entity_src_gen.pdbx_host_org_ncbi_taxonomy_id     562 
_entity_src_gen.host_org_genus                     Escherichia 
_entity_src_gen.pdbx_host_org_gene                 ? 
_entity_src_gen.pdbx_host_org_organ                ? 
_entity_src_gen.host_org_species                   ? 
_entity_src_gen.pdbx_host_org_tissue               ? 
_entity_src_gen.pdbx_host_org_tissue_fraction      ? 
_entity_src_gen.pdbx_host_org_strain               Rosetta-Oxford 
_entity_src_gen.pdbx_host_org_variant              ? 
_entity_src_gen.pdbx_host_org_cell_line            ? 
_entity_src_gen.pdbx_host_org_atcc                 ? 
_entity_src_gen.pdbx_host_org_culture_collection   ? 
_entity_src_gen.pdbx_host_org_cell                 ? 
_entity_src_gen.pdbx_host_org_organelle            ? 
_entity_src_gen.pdbx_host_org_cellular_location    ? 
_entity_src_gen.pdbx_host_org_vector_type          plasmid 
_entity_src_gen.pdbx_host_org_vector               ? 
_entity_src_gen.host_org_details                   ? 
_entity_src_gen.expression_system_id               ? 
_entity_src_gen.plasmid_name                       p15-tev-lic 
_entity_src_gen.plasmid_details                    ? 
_entity_src_gen.pdbx_description                   ? 
# 
_struct_ref.id                         1 
_struct_ref.db_name                    UNP 
_struct_ref.db_code                    Q8IB03_PLAF7 
_struct_ref.pdbx_db_accession          Q8IB03 
_struct_ref.entity_id                  1 
_struct_ref.pdbx_seq_one_letter_code   
;YQALEKYSRDLTALARAGKLDPVIGRDNEIRRAIQILSRRTKNNPILLGDPGVGKTAIVEGLAIKIVQGDVPDSLKGRKL
VSLDMSSLIAGAKYRGDFEERLKSILKEVQDAEGQVVMFIDEIHTVVGAGAVAEGALDAGNILKPMLARGELRCIGATTV
SEYRQFIEKDKALERRFQQILVEQPS
;
_struct_ref.pdbx_align_begin           311 
_struct_ref.pdbx_db_isoform            ? 
# 
_struct_ref_seq.align_id                      1 
_struct_ref_seq.ref_id                        1 
_struct_ref_seq.pdbx_PDB_id_code              2P65 
_struct_ref_seq.pdbx_strand_id                A 
_struct_ref_seq.seq_align_beg                 2 
_struct_ref_seq.pdbx_seq_align_beg_ins_code   ? 
_struct_ref_seq.seq_align_end                 187 
_struct_ref_seq.pdbx_seq_align_end_ins_code   ? 
_struct_ref_seq.pdbx_db_accession             Q8IB03 
_struct_ref_seq.db_align_beg                  311 
_struct_ref_seq.pdbx_db_align_beg_ins_code    ? 
_struct_ref_seq.db_align_end                  496 
_struct_ref_seq.pdbx_db_align_end_ins_code    ? 
_struct_ref_seq.pdbx_auth_seq_align_beg       2 
_struct_ref_seq.pdbx_auth_seq_align_end       187 
# 
loop_
_struct_ref_seq_dif.align_id 
_struct_ref_seq_dif.pdbx_pdb_id_code 
_struct_ref_seq_dif.mon_id 
_struct_ref_seq_dif.pdbx_pdb_strand_id 
_struct_ref_seq_dif.seq_num 
_struct_ref_seq_dif.pdbx_pdb_ins_code 
_struct_ref_seq_dif.pdbx_seq_db_name 
_struct_ref_seq_dif.pdbx_seq_db_accession_code 
_struct_ref_seq_dif.db_mon_id 
_struct_ref_seq_dif.pdbx_seq_db_seq_num 
_struct_ref_seq_dif.details 
_struct_ref_seq_dif.pdbx_auth_seq_num 
_struct_ref_seq_dif.pdbx_ordinal 
1 2P65 GLY A 1  ? UNP Q8IB03 ?   ?   'cloning artifact' 1  1 
1 2P65 THR A 29 ? UNP Q8IB03 ASN 338 conflict           29 2 
1 2P65 LEU A 86 ? UNP Q8IB03 MET 395 conflict           86 3 
# 
loop_
_chem_comp.id 
_chem_comp.type 
_chem_comp.mon_nstd_flag 
_chem_comp.name 
_chem_comp.pdbx_synonyms 
_chem_comp.formula 
_chem_comp.formula_weight 
ALA 'L-peptide linking' y ALANINE         ? 'C3 H7 N O2'     89.093  
ARG 'L-peptide linking' y ARGININE        ? 'C6 H15 N4 O2 1' 175.209 
ASN 'L-peptide linking' y ASPARAGINE      ? 'C4 H8 N2 O3'    132.118 
ASP 'L-peptide linking' y 'ASPARTIC ACID' ? 'C4 H7 N O4'     133.103 
CYS 'L-peptide linking' y CYSTEINE        ? 'C3 H7 N O2 S'   121.158 
GLN 'L-peptide linking' y GLUTAMINE       ? 'C5 H10 N2 O3'   146.144 
GLU 'L-peptide linking' y 'GLUTAMIC ACID' ? 'C5 H9 N O4'     147.129 
GLY 'peptide linking'   y GLYCINE         ? 'C2 H5 N O2'     75.067  
HIS 'L-peptide linking' y HISTIDINE       ? 'C6 H10 N3 O2 1' 156.162 
HOH non-polymer         . WATER           ? 'H2 O'           18.015  
ILE 'L-peptide linking' y ISOLEUCINE      ? 'C6 H13 N O2'    131.173 
LEU 'L-peptide linking' y LEUCINE         ? 'C6 H13 N O2'    131.173 
LYS 'L-peptide linking' y LYSINE          ? 'C6 H15 N2 O2 1' 147.195 
MET 'L-peptide linking' y METHIONINE      ? 'C5 H11 N O2 S'  149.211 
PHE 'L-peptide linking' y PHENYLALANINE   ? 'C9 H11 N O2'    165.189 
PRO 'L-peptide linking' y PROLINE         ? 'C5 H9 N O2'     115.130 
SER 'L-peptide linking' y SERINE          ? 'C3 H7 N O3'     105.093 
THR 'L-peptide linking' y THREONINE       ? 'C4 H9 N O3'     119.119 
TYR 'L-peptide linking' y TYROSINE        ? 'C9 H11 N O3'    181.189 
VAL 'L-peptide linking' y VALINE          ? 'C5 H11 N O2'    117.146 
# 
_exptl.entry_id          2P65 
_exptl.method            'X-RAY DIFFRACTION' 
_exptl.crystals_number   1 
# 
_exptl_crystal.id                    1 
_exptl_crystal.density_meas          ? 
_exptl_crystal.density_Matthews      1.86 
_exptl_crystal.density_percent_sol   33.94 
_exptl_crystal.description           ? 
_exptl_crystal.F_000                 ? 
_exptl_crystal.preparation           ? 
# 
_exptl_crystal_grow.crystal_id      1 
_exptl_crystal_grow.method          'VAPOR DIFFUSION, HANGING DROP' 
_exptl_crystal_grow.temp            298 
_exptl_crystal_grow.temp_details    ? 
_exptl_crystal_grow.pH              8.5 
_exptl_crystal_grow.pdbx_details    
;1.4 M Sodium Citrate 
100 mM Tris pH 8.5, VAPOR DIFFUSION, HANGING DROP, temperature 298K
;
_exptl_crystal_grow.pdbx_pH_range   . 
# 
_diffrn.id                     1 
_diffrn.ambient_temp           100 
_diffrn.ambient_temp_details   ? 
_diffrn.crystal_id             1 
# 
_diffrn_detector.diffrn_id              1 
_diffrn_detector.detector               'IMAGE PLATE' 
_diffrn_detector.type                   'RIGAKU RAXIS IV' 
_diffrn_detector.pdbx_collection_date   2007-03-14 
_diffrn_detector.details                ? 
# 
_diffrn_radiation.diffrn_id                        1 
_diffrn_radiation.wavelength_id                    1 
_diffrn_radiation.pdbx_monochromatic_or_laue_m_l   M 
_diffrn_radiation.monochromator                    ? 
_diffrn_radiation.pdbx_diffrn_protocol             'SINGLE WAVELENGTH' 
_diffrn_radiation.pdbx_scattering_type             x-ray 
# 
_diffrn_radiation_wavelength.id           1 
_diffrn_radiation_wavelength.wavelength   1.5418 
_diffrn_radiation_wavelength.wt           1.0 
# 
_diffrn_source.diffrn_id                   1 
_diffrn_source.source                      'ROTATING ANODE' 
_diffrn_source.type                        RIGAKU 
_diffrn_source.pdbx_synchrotron_site       ? 
_diffrn_source.pdbx_synchrotron_beamline   ? 
_diffrn_source.pdbx_wavelength             ? 
_diffrn_source.pdbx_wavelength_list        1.5418 
# 
_reflns.entry_id                     2P65 
_reflns.observed_criterion_sigma_F   ? 
_reflns.observed_criterion_sigma_I   ? 
_reflns.d_resolution_high            1.7 
_reflns.d_resolution_low             92.06 
_reflns.number_all                   17611 
_reflns.number_obs                   16520 
_reflns.percent_possible_obs         93.8 
_reflns.pdbx_Rmerge_I_obs            .090 
_reflns.pdbx_Rsym_value              .092 
_reflns.pdbx_netI_over_sigmaI        19.1 
_reflns.B_iso_Wilson_estimate        ? 
_reflns.pdbx_redundancy              6.3 
_reflns.R_free_details               ? 
_reflns.limit_h_max                  ? 
_reflns.limit_h_min                  ? 
_reflns.limit_k_max                  ? 
_reflns.limit_k_min                  ? 
_reflns.limit_l_max                  ? 
_reflns.limit_l_min                  ? 
_reflns.observed_criterion_F_max     ? 
_reflns.observed_criterion_F_min     ? 
_reflns.pdbx_chi_squared             ? 
_reflns.pdbx_scaling_rejects         ? 
_reflns.pdbx_diffrn_id               1 
_reflns.pdbx_ordinal                 1 
# 
_reflns_shell.d_res_high             1.70 
_reflns_shell.d_res_low              1.76 
_reflns_shell.percent_possible_all   67.4 
_reflns_shell.Rmerge_I_obs           .340 
_reflns_shell.pdbx_Rsym_value        .325 
_reflns_shell.meanI_over_sigI_obs    5.08 
_reflns_shell.pdbx_redundancy        5.1 
_reflns_shell.percent_possible_obs   ? 
_reflns_shell.number_unique_all      1167 
_reflns_shell.number_measured_all    ? 
_reflns_shell.number_measured_obs    ? 
_reflns_shell.number_unique_obs      ? 
_reflns_shell.pdbx_chi_squared       ? 
_reflns_shell.pdbx_diffrn_id         ? 
_reflns_shell.pdbx_ordinal           1 
# 
_refine.entry_id                                 2P65 
_refine.ls_number_reflns_obs                     15670 
_refine.ls_number_reflns_all                     16711 
_refine.pdbx_ls_sigma_I                          ? 
_refine.pdbx_ls_sigma_F                          ? 
_refine.pdbx_data_cutoff_high_absF               ? 
_refine.pdbx_data_cutoff_low_absF                ? 
_refine.pdbx_data_cutoff_high_rms_absF           ? 
_refine.ls_d_res_low                             92.06 
_refine.ls_d_res_high                            1.70 
_refine.ls_percent_reflns_obs                    93.77 
_refine.ls_R_factor_obs                          0.20295 
_refine.ls_R_factor_all                          0.20295 
_refine.ls_R_factor_R_work                       0.20103 
_refine.ls_R_factor_R_free                       0.23927 
_refine.ls_R_factor_R_free_error                 ? 
_refine.ls_R_factor_R_free_error_details         ? 
_refine.ls_percent_reflns_R_free                 5.1 
_refine.ls_number_reflns_R_free                  841 
_refine.ls_number_parameters                     ? 
_refine.ls_number_restraints                     ? 
_refine.occupancy_min                            ? 
_refine.occupancy_max                            ? 
_refine.correlation_coeff_Fo_to_Fc               0.953 
_refine.correlation_coeff_Fo_to_Fc_free          0.940 
_refine.B_iso_mean                               21.753 
_refine.aniso_B[1][1]                            -0.69 
_refine.aniso_B[2][2]                            1.35 
_refine.aniso_B[3][3]                            -0.66 
_refine.aniso_B[1][2]                            0.00 
_refine.aniso_B[1][3]                            0.00 
_refine.aniso_B[2][3]                            0.00 
_refine.solvent_model_details                    MASK 
_refine.solvent_model_param_ksol                 ? 
_refine.solvent_model_param_bsol                 ? 
_refine.pdbx_solvent_vdw_probe_radii             1.40 
_refine.pdbx_solvent_ion_probe_radii             0.80 
_refine.pdbx_solvent_shrinkage_radii             0.80 
_refine.pdbx_ls_cross_valid_method               THROUGHOUT 
_refine.details                                  'HYDROGENS HAVE BEEN ADDED IN THE RIDING POSITIONS' 
_refine.pdbx_starting_model                      1JBK.pdb 
_refine.pdbx_method_to_determine_struct          'MOLECULAR REPLACEMENT' 
_refine.pdbx_isotropic_thermal_model             ? 
_refine.pdbx_stereochemistry_target_values       'MAXIMUM LIKELIHOOD' 
_refine.pdbx_stereochem_target_val_spec_case     ? 
_refine.pdbx_R_Free_selection_details            RANDOM 
_refine.pdbx_overall_ESU_R                       0.143 
_refine.pdbx_overall_ESU_R_Free                  0.133 
_refine.overall_SU_ML                            0.084 
_refine.overall_SU_B                             2.466 
_refine.ls_redundancy_reflns_obs                 ? 
_refine.B_iso_min                                ? 
_refine.B_iso_max                                ? 
_refine.overall_SU_R_Cruickshank_DPI             ? 
_refine.overall_SU_R_free                        ? 
_refine.ls_wR_factor_R_free                      ? 
_refine.ls_wR_factor_R_work                      ? 
_refine.overall_FOM_free_R_set                   ? 
_refine.overall_FOM_work_R_set                   ? 
_refine.pdbx_refine_id                           'X-RAY DIFFRACTION' 
_refine.pdbx_diffrn_id                           1 
_refine.pdbx_TLS_residual_ADP_flag               ? 
_refine.pdbx_overall_phase_error                 ? 
_refine.pdbx_overall_SU_R_free_Cruickshank_DPI   ? 
_refine.pdbx_overall_SU_R_Blow_DPI               ? 
_refine.pdbx_overall_SU_R_free_Blow_DPI          ? 
# 
_refine_hist.pdbx_refine_id                   'X-RAY DIFFRACTION' 
_refine_hist.cycle_id                         LAST 
_refine_hist.pdbx_number_atoms_protein        1409 
_refine_hist.pdbx_number_atoms_nucleic_acid   0 
_refine_hist.pdbx_number_atoms_ligand         0 
_refine_hist.number_atoms_solvent             139 
_refine_hist.number_atoms_total               1548 
_refine_hist.d_res_high                       1.70 
_refine_hist.d_res_low                        92.06 
# 
loop_
_refine_ls_restr.type 
_refine_ls_restr.dev_ideal 
_refine_ls_restr.dev_ideal_target 
_refine_ls_restr.weight 
_refine_ls_restr.number 
_refine_ls_restr.pdbx_refine_id 
_refine_ls_restr.pdbx_restraint_function 
r_bond_refined_d             0.007  0.022  ? 1422 'X-RAY DIFFRACTION' ? 
r_bond_other_d               ?      ?      ? ?    'X-RAY DIFFRACTION' ? 
r_angle_refined_deg          1.074  1.999  ? 1913 'X-RAY DIFFRACTION' ? 
r_angle_other_deg            ?      ?      ? ?    'X-RAY DIFFRACTION' ? 
r_dihedral_angle_1_deg       5.208  5.000  ? 184  'X-RAY DIFFRACTION' ? 
r_dihedral_angle_2_deg       32.962 23.448 ? 58   'X-RAY DIFFRACTION' ? 
r_dihedral_angle_3_deg       14.315 15.000 ? 273  'X-RAY DIFFRACTION' ? 
r_dihedral_angle_4_deg       18.827 15.000 ? 15   'X-RAY DIFFRACTION' ? 
r_chiral_restr               0.073  0.200  ? 226  'X-RAY DIFFRACTION' ? 
r_gen_planes_refined         0.003  0.020  ? 1037 'X-RAY DIFFRACTION' ? 
r_gen_planes_other           ?      ?      ? ?    'X-RAY DIFFRACTION' ? 
r_nbd_refined                0.191  0.200  ? 676  'X-RAY DIFFRACTION' ? 
r_nbd_other                  ?      ?      ? ?    'X-RAY DIFFRACTION' ? 
r_nbtor_refined              0.297  0.200  ? 995  'X-RAY DIFFRACTION' ? 
r_nbtor_other                ?      ?      ? ?    'X-RAY DIFFRACTION' ? 
r_xyhbond_nbd_refined        0.130  0.200  ? 115  'X-RAY DIFFRACTION' ? 
r_xyhbond_nbd_other          ?      ?      ? ?    'X-RAY DIFFRACTION' ? 
r_metal_ion_refined          ?      ?      ? ?    'X-RAY DIFFRACTION' ? 
r_metal_ion_other            ?      ?      ? ?    'X-RAY DIFFRACTION' ? 
r_symmetry_vdw_refined       0.158  0.200  ? 59   'X-RAY DIFFRACTION' ? 
r_symmetry_vdw_other         ?      ?      ? ?    'X-RAY DIFFRACTION' ? 
r_symmetry_hbond_refined     0.142  0.200  ? 20   'X-RAY DIFFRACTION' ? 
r_symmetry_hbond_other       ?      ?      ? ?    'X-RAY DIFFRACTION' ? 
r_symmetry_metal_ion_refined ?      ?      ? ?    'X-RAY DIFFRACTION' ? 
r_symmetry_metal_ion_other   ?      ?      ? ?    'X-RAY DIFFRACTION' ? 
r_mcbond_it                  0.540  1.500  ? 949  'X-RAY DIFFRACTION' ? 
r_mcbond_other               ?      ?      ? ?    'X-RAY DIFFRACTION' ? 
r_mcangle_it                 0.828  2.000  ? 1465 'X-RAY DIFFRACTION' ? 
r_scbond_it                  1.572  3.000  ? 521  'X-RAY DIFFRACTION' ? 
r_scangle_it                 2.514  4.500  ? 448  'X-RAY DIFFRACTION' ? 
r_rigid_bond_restr           ?      ?      ? ?    'X-RAY DIFFRACTION' ? 
r_sphericity_free            ?      ?      ? ?    'X-RAY DIFFRACTION' ? 
r_sphericity_bonded          ?      ?      ? ?    'X-RAY DIFFRACTION' ? 
# 
_refine_ls_shell.pdbx_total_number_of_bins_used   20 
_refine_ls_shell.d_res_high                       1.70 
_refine_ls_shell.d_res_low                        1.741 
_refine_ls_shell.number_reflns_R_work             781 
_refine_ls_shell.R_factor_R_work                  0.339 
_refine_ls_shell.percent_reflns_obs               64.50 
_refine_ls_shell.R_factor_R_free                  0.454 
_refine_ls_shell.R_factor_R_free_error            ? 
_refine_ls_shell.percent_reflns_R_free            ? 
_refine_ls_shell.number_reflns_R_free             42 
_refine_ls_shell.number_reflns_all                ? 
_refine_ls_shell.R_factor_all                     ? 
_refine_ls_shell.number_reflns_obs                781 
_refine_ls_shell.redundancy_reflns_obs            ? 
_refine_ls_shell.pdbx_refine_id                   'X-RAY DIFFRACTION' 
# 
_struct.entry_id                  2P65 
_struct.title                     
'Crystal Structure of the first nucleotide binding domain of chaperone ClpB1, putative, (Pv089580) from Plasmodium Vivax' 
_struct.pdbx_model_details        ? 
_struct.pdbx_CASP_flag            ? 
_struct.pdbx_model_type_details   ? 
# 
_struct_keywords.entry_id        2P65 
_struct_keywords.pdbx_keywords   'STRUCTURAL GENOMICS, UNKNOWN FUNCTION' 
_struct_keywords.text            
'ClpB, plasmodium, malaria, Structural Genomics, Structural Genomics Consortium, SGC, UNKNOWN FUNCTION' 
# 
loop_
_struct_asym.id 
_struct_asym.pdbx_blank_PDB_chainid_flag 
_struct_asym.pdbx_modified 
_struct_asym.entity_id 
_struct_asym.details 
A N N 1 ? 
B N N 2 ? 
# 
loop_
_struct_conf.conf_type_id 
_struct_conf.id 
_struct_conf.pdbx_PDB_helix_id 
_struct_conf.beg_label_comp_id 
_struct_conf.beg_label_asym_id 
_struct_conf.beg_label_seq_id 
_struct_conf.pdbx_beg_PDB_ins_code 
_struct_conf.end_label_comp_id 
_struct_conf.end_label_asym_id 
_struct_conf.end_label_seq_id 
_struct_conf.pdbx_end_PDB_ins_code 
_struct_conf.beg_auth_comp_id 
_struct_conf.beg_auth_asym_id 
_struct_conf.beg_auth_seq_id 
_struct_conf.end_auth_comp_id 
_struct_conf.end_auth_asym_id 
_struct_conf.end_auth_seq_id 
_struct_conf.pdbx_PDB_helix_class 
_struct_conf.details 
_struct_conf.pdbx_PDB_helix_length 
HELX_P HELX_P1  1  LEU A 12  ? ALA A 18  ? LEU A 12  ALA A 18  1 ? 7  
HELX_P HELX_P2  2  ARG A 27  ? SER A 39  ? ARG A 27  SER A 39  1 ? 13 
HELX_P HELX_P3  3  ASP A 51  ? VAL A 54  ? ASP A 51  VAL A 54  5 ? 4  
HELX_P HELX_P4  4  GLY A 55  ? GLN A 69  ? GLY A 55  GLN A 69  1 ? 15 
HELX_P HELX_P5  5  ASP A 85  ? ALA A 93  ? ASP A 85  ALA A 93  1 ? 9  
HELX_P HELX_P6  6  TYR A 95  ? ALA A 113 ? TYR A 95  ALA A 113 1 ? 19 
HELX_P HELX_P7  7  GLU A 123 ? VAL A 128 ? GLU A 123 VAL A 128 5 ? 6  
HELX_P HELX_P8  8  ALA A 140 ? ARG A 150 ? ALA A 140 ARG A 150 1 ? 11 
HELX_P HELX_P9  9  THR A 160 ? ILE A 168 ? THR A 160 ILE A 168 1 ? 9  
HELX_P HELX_P10 10 ASP A 171 ? ARG A 177 ? ASP A 171 ARG A 177 1 ? 7  
# 
_struct_conf_type.id          HELX_P 
_struct_conf_type.criteria    ? 
_struct_conf_type.reference   ? 
# 
_struct_mon_prot_cis.pdbx_id                1 
_struct_mon_prot_cis.label_comp_id          GLN 
_struct_mon_prot_cis.label_seq_id           3 
_struct_mon_prot_cis.label_asym_id          A 
_struct_mon_prot_cis.label_alt_id           . 
_struct_mon_prot_cis.pdbx_PDB_ins_code      ? 
_struct_mon_prot_cis.auth_comp_id           GLN 
_struct_mon_prot_cis.auth_seq_id            3 
_struct_mon_prot_cis.auth_asym_id           A 
_struct_mon_prot_cis.pdbx_label_comp_id_2   ALA 
_struct_mon_prot_cis.pdbx_label_seq_id_2    4 
_struct_mon_prot_cis.pdbx_label_asym_id_2   A 
_struct_mon_prot_cis.pdbx_PDB_ins_code_2    ? 
_struct_mon_prot_cis.pdbx_auth_comp_id_2    ALA 
_struct_mon_prot_cis.pdbx_auth_seq_id_2     4 
_struct_mon_prot_cis.pdbx_auth_asym_id_2    A 
_struct_mon_prot_cis.pdbx_PDB_model_num     1 
_struct_mon_prot_cis.pdbx_omega_angle       -17.73 
# 
_struct_sheet.id               A 
_struct_sheet.type             ? 
_struct_sheet.number_strands   6 
_struct_sheet.details          ? 
# 
loop_
_struct_sheet_order.sheet_id 
_struct_sheet_order.range_id_1 
_struct_sheet_order.range_id_2 
_struct_sheet_order.offset 
_struct_sheet_order.sense 
A 1 2 ? anti-parallel 
A 2 3 ? parallel      
A 3 4 ? parallel      
A 4 5 ? parallel      
A 5 6 ? parallel      
# 
loop_
_struct_sheet_range.sheet_id 
_struct_sheet_range.id 
_struct_sheet_range.beg_label_comp_id 
_struct_sheet_range.beg_label_asym_id 
_struct_sheet_range.beg_label_seq_id 
_struct_sheet_range.pdbx_beg_PDB_ins_code 
_struct_sheet_range.end_label_comp_id 
_struct_sheet_range.end_label_asym_id 
_struct_sheet_range.end_label_seq_id 
_struct_sheet_range.pdbx_end_PDB_ins_code 
_struct_sheet_range.beg_auth_comp_id 
_struct_sheet_range.beg_auth_asym_id 
_struct_sheet_range.beg_auth_seq_id 
_struct_sheet_range.end_auth_comp_id 
_struct_sheet_range.end_auth_asym_id 
_struct_sheet_range.end_auth_seq_id 
A 1 SER A 9   ? ASP A 11  ? SER A 9   ASP A 11  
A 2 LYS A 80  ? LEU A 84  ? LYS A 80  LEU A 84  
A 3 VAL A 117 ? ILE A 121 ? VAL A 117 ILE A 121 
A 4 CYS A 155 ? THR A 159 ? CYS A 155 THR A 159 
A 5 ASN A 45  ? LEU A 49  ? ASN A 45  LEU A 49  
A 6 PHE A 178 ? LEU A 182 ? PHE A 178 LEU A 182 
# 
loop_
_pdbx_struct_sheet_hbond.sheet_id 
_pdbx_struct_sheet_hbond.range_id_1 
_pdbx_struct_sheet_hbond.range_id_2 
_pdbx_struct_sheet_hbond.range_1_label_atom_id 
_pdbx_struct_sheet_hbond.range_1_label_comp_id 
_pdbx_struct_sheet_hbond.range_1_label_asym_id 
_pdbx_struct_sheet_hbond.range_1_label_seq_id 
_pdbx_struct_sheet_hbond.range_1_PDB_ins_code 
_pdbx_struct_sheet_hbond.range_1_auth_atom_id 
_pdbx_struct_sheet_hbond.range_1_auth_comp_id 
_pdbx_struct_sheet_hbond.range_1_auth_asym_id 
_pdbx_struct_sheet_hbond.range_1_auth_seq_id 
_pdbx_struct_sheet_hbond.range_2_label_atom_id 
_pdbx_struct_sheet_hbond.range_2_label_comp_id 
_pdbx_struct_sheet_hbond.range_2_label_asym_id 
_pdbx_struct_sheet_hbond.range_2_label_seq_id 
_pdbx_struct_sheet_hbond.range_2_PDB_ins_code 
_pdbx_struct_sheet_hbond.range_2_auth_atom_id 
_pdbx_struct_sheet_hbond.range_2_auth_comp_id 
_pdbx_struct_sheet_hbond.range_2_auth_asym_id 
_pdbx_struct_sheet_hbond.range_2_auth_seq_id 
A 1 2 N ARG A 10  ? N ARG A 10  O SER A 83  ? O SER A 83  
A 2 3 N VAL A 82  ? N VAL A 82  O PHE A 120 ? O PHE A 120 
A 3 4 N ILE A 121 ? N ILE A 121 O ILE A 156 ? O ILE A 156 
A 4 5 O GLY A 157 ? O GLY A 157 N LEU A 48  ? N LEU A 48  
A 5 6 N ILE A 47  ? N ILE A 47  O ILE A 181 ? O ILE A 181 
# 
_atom_sites.entry_id                    2P65 
_atom_sites.fract_transf_matrix[1][1]   0.01818347 
_atom_sites.fract_transf_matrix[1][2]   -0.00985159 
_atom_sites.fract_transf_matrix[1][3]   0.02378428 
_atom_sites.fract_transf_matrix[2][1]   0.00078549 
_atom_sites.fract_transf_matrix[2][2]   -0.01745956 
_atom_sites.fract_transf_matrix[2][3]   -0.00783237 
_atom_sites.fract_transf_matrix[3][1]   0.00887474 
_atom_sites.fract_transf_matrix[3][2]   0.00290347 
_atom_sites.fract_transf_matrix[3][3]   -0.00558225 
_atom_sites.fract_transf_vector[1]      0.088354 
_atom_sites.fract_transf_vector[2]      0.996523 
_atom_sites.fract_transf_vector[3]      0.107570 
# 
loop_
_atom_type.symbol 
C 
N 
O 
S 
# 
loop_
_atom_site.group_PDB 
_atom_site.id 
_atom_site.type_symbol 
_atom_site.label_atom_id 
_atom_site.label_alt_id 
_atom_site.label_comp_id 
_atom_site.label_asym_id 
_atom_site.label_entity_id 
_atom_site.label_seq_id 
_atom_site.pdbx_PDB_ins_code 
_atom_site.Cartn_x 
_atom_site.Cartn_y 
_atom_site.Cartn_z 
_atom_site.occupancy 
_atom_site.B_iso_or_equiv 
_atom_site.pdbx_formal_charge 
_atom_site.auth_seq_id 
_atom_site.auth_comp_id 
_atom_site.auth_asym_id 
_atom_site.auth_atom_id 
_atom_site.pdbx_PDB_model_num 
ATOM   1    N N   . GLN A 1 3   ? -0.852  -16.157 4.328   1.00 39.00 ? 3   GLN A N   1 
ATOM   2    C CA  . GLN A 1 3   ? -1.846  -16.853 5.202   1.00 39.06 ? 3   GLN A CA  1 
ATOM   3    C C   . GLN A 1 3   ? -2.161  -16.040 6.480   1.00 38.48 ? 3   GLN A C   1 
ATOM   4    O O   . GLN A 1 3   ? -1.256  -15.780 7.277   1.00 38.72 ? 3   GLN A O   1 
ATOM   5    C CB  . GLN A 1 3   ? -1.335  -18.255 5.560   1.00 39.32 ? 3   GLN A CB  1 
ATOM   6    C CG  . GLN A 1 3   ? -0.134  -18.285 6.530   1.00 40.57 ? 3   GLN A CG  1 
ATOM   7    C CD  . GLN A 1 3   ? 1.209   -17.929 5.888   1.00 41.81 ? 3   GLN A CD  1 
ATOM   8    O OE1 . GLN A 1 3   ? 1.407   -18.083 4.676   1.00 42.61 ? 3   GLN A OE1 1 
ATOM   9    N NE2 . GLN A 1 3   ? 2.145   -17.462 6.713   1.00 42.37 ? 3   GLN A NE2 1 
ATOM   10   N N   . ALA A 1 4   ? -3.405  -15.562 6.651   1.00 37.79 ? 4   ALA A N   1 
ATOM   11   C CA  . ALA A 1 4   ? -4.390  -15.429 5.558   1.00 36.68 ? 4   ALA A CA  1 
ATOM   12   C C   . ALA A 1 4   ? -3.995  -14.255 4.654   1.00 35.82 ? 4   ALA A C   1 
ATOM   13   O O   . ALA A 1 4   ? -4.802  -13.762 3.857   1.00 35.51 ? 4   ALA A O   1 
ATOM   14   C CB  . ALA A 1 4   ? -5.793  -15.220 6.124   1.00 36.82 ? 4   ALA A CB  1 
ATOM   15   N N   . LEU A 1 5   ? -2.750  -13.807 4.813   1.00 35.04 ? 5   LEU A N   1 
ATOM   16   C CA  . LEU A 1 5   ? -2.113  -12.846 3.918   1.00 34.18 ? 5   LEU A CA  1 
ATOM   17   C C   . LEU A 1 5   ? -2.258  -13.278 2.465   1.00 33.74 ? 5   LEU A C   1 
ATOM   18   O O   . LEU A 1 5   ? -2.673  -12.487 1.624   1.00 33.64 ? 5   LEU A O   1 
ATOM   19   C CB  . LEU A 1 5   ? -0.628  -12.687 4.273   1.00 34.12 ? 5   LEU A CB  1 
ATOM   20   C CG  . LEU A 1 5   ? 0.248   -11.799 3.380   1.00 33.97 ? 5   LEU A CG  1 
ATOM   21   C CD1 . LEU A 1 5   ? -0.209  -10.346 3.419   1.00 33.44 ? 5   LEU A CD1 1 
ATOM   22   C CD2 . LEU A 1 5   ? 1.712   -11.913 3.780   1.00 34.19 ? 5   LEU A CD2 1 
ATOM   23   N N   . GLU A 1 6   ? -1.933  -14.540 2.182   1.00 33.27 ? 6   GLU A N   1 
ATOM   24   C CA  . GLU A 1 6   ? -2.041  -15.090 0.833   1.00 32.99 ? 6   GLU A CA  1 
ATOM   25   C C   . GLU A 1 6   ? -3.488  -15.044 0.343   1.00 32.49 ? 6   GLU A C   1 
ATOM   26   O O   . GLU A 1 6   ? -3.745  -14.758 -0.825  1.00 32.53 ? 6   GLU A O   1 
ATOM   27   C CB  . GLU A 1 6   ? -1.494  -16.521 0.784   1.00 33.15 ? 6   GLU A CB  1 
ATOM   28   C CG  . GLU A 1 6   ? -0.902  -16.924 -0.565  1.00 33.90 ? 6   GLU A CG  1 
ATOM   29   C CD  . GLU A 1 6   ? 0.457   -16.288 -0.830  1.00 34.71 ? 6   GLU A CD  1 
ATOM   30   N N   . LYS A 1 7   ? -4.431  -15.304 1.247   1.00 31.97 ? 7   LYS A N   1 
ATOM   31   C CA  . LYS A 1 7   ? -5.851  -15.248 0.909   1.00 31.61 ? 7   LYS A CA  1 
ATOM   32   C C   . LYS A 1 7   ? -6.324  -13.824 0.619   1.00 30.62 ? 7   LYS A C   1 
ATOM   33   O O   . LYS A 1 7   ? -7.117  -13.599 -0.297  1.00 30.77 ? 7   LYS A O   1 
ATOM   34   C CB  . LYS A 1 7   ? -6.700  -15.871 2.032   1.00 31.68 ? 7   LYS A CB  1 
ATOM   35   C CG  . LYS A 1 7   ? -8.183  -15.950 1.723   1.00 32.08 ? 7   LYS A CG  1 
ATOM   36   C CD  . LYS A 1 7   ? -8.947  -16.589 2.873   1.00 32.23 ? 7   LYS A CD  1 
ATOM   37   C CE  . LYS A 1 7   ? -10.423 -16.703 2.552   1.00 33.47 ? 7   LYS A CE  1 
ATOM   38   N NZ  . LYS A 1 7   ? -11.147 -17.498 3.587   1.00 33.62 ? 7   LYS A NZ  1 
ATOM   39   N N   . TYR A 1 8   ? -5.827  -12.864 1.390   1.00 29.75 ? 8   TYR A N   1 
ATOM   40   C CA  . TYR A 1 8   ? -6.335  -11.498 1.314   1.00 28.69 ? 8   TYR A CA  1 
ATOM   41   C C   . TYR A 1 8   ? -5.359  -10.500 0.682   1.00 27.76 ? 8   TYR A C   1 
ATOM   42   O O   . TYR A 1 8   ? -5.412  -9.302  0.966   1.00 27.50 ? 8   TYR A O   1 
ATOM   43   C CB  . TYR A 1 8   ? -6.808  -11.034 2.695   1.00 29.14 ? 8   TYR A CB  1 
ATOM   44   C CG  . TYR A 1 8   ? -8.032  -11.789 3.183   1.00 29.40 ? 8   TYR A CG  1 
ATOM   45   C CD1 . TYR A 1 8   ? -9.270  -11.602 2.575   1.00 29.45 ? 8   TYR A CD1 1 
ATOM   46   C CD2 . TYR A 1 8   ? -7.946  -12.699 4.238   1.00 30.05 ? 8   TYR A CD2 1 
ATOM   47   C CE1 . TYR A 1 8   ? -10.398 -12.296 3.008   1.00 29.96 ? 8   TYR A CE1 1 
ATOM   48   C CE2 . TYR A 1 8   ? -9.071  -13.396 4.683   1.00 29.92 ? 8   TYR A CE2 1 
ATOM   49   C CZ  . TYR A 1 8   ? -10.289 -13.186 4.060   1.00 30.14 ? 8   TYR A CZ  1 
ATOM   50   O OH  . TYR A 1 8   ? -11.412 -13.862 4.485   1.00 30.88 ? 8   TYR A OH  1 
ATOM   51   N N   . SER A 1 9   ? -4.483  -11.005 -0.187  1.00 26.54 ? 9   SER A N   1 
ATOM   52   C CA  . SER A 1 9   ? -3.576  -10.149 -0.945  1.00 25.67 ? 9   SER A CA  1 
ATOM   53   C C   . SER A 1 9   ? -3.173  -10.762 -2.283  1.00 24.98 ? 9   SER A C   1 
ATOM   54   O O   . SER A 1 9   ? -3.230  -11.982 -2.463  1.00 25.03 ? 9   SER A O   1 
ATOM   55   C CB  . SER A 1 9   ? -2.335  -9.786  -0.120  1.00 25.42 ? 9   SER A CB  1 
ATOM   56   O OG  . SER A 1 9   ? -1.476  -10.899 0.047   1.00 25.59 ? 9   SER A OG  1 
ATOM   57   N N   . ARG A 1 10  ? -2.789  -9.895  -3.215  1.00 24.25 ? 10  ARG A N   1 
ATOM   58   C CA  . ARG A 1 10  ? -2.231  -10.288 -4.503  1.00 23.60 ? 10  ARG A CA  1 
ATOM   59   C C   . ARG A 1 10  ? -0.714  -10.094 -4.397  1.00 22.18 ? 10  ARG A C   1 
ATOM   60   O O   . ARG A 1 10  ? -0.257  -9.042  -3.955  1.00 21.65 ? 10  ARG A O   1 
ATOM   61   C CB  . ARG A 1 10  ? -2.838  -9.412  -5.611  1.00 23.96 ? 10  ARG A CB  1 
ATOM   62   C CG  . ARG A 1 10  ? -2.417  -9.752  -7.035  1.00 24.81 ? 10  ARG A CG  1 
ATOM   63   C CD  . ARG A 1 10  ? -3.371  -9.156  -8.083  1.00 25.69 ? 10  ARG A CD  1 
ATOM   64   N NE  . ARG A 1 10  ? -3.183  -7.720  -8.318  1.00 29.99 ? 10  ARG A NE  1 
ATOM   65   C CZ  . ARG A 1 10  ? -2.742  -7.180  -9.456  1.00 31.50 ? 10  ARG A CZ  1 
ATOM   66   N NH1 . ARG A 1 10  ? -2.431  -7.947  -10.495 1.00 32.87 ? 10  ARG A NH1 1 
ATOM   67   N NH2 . ARG A 1 10  ? -2.609  -5.862  -9.561  1.00 31.76 ? 10  ARG A NH2 1 
ATOM   68   N N   . ASP A 1 11  ? 0.053   -11.117 -4.772  1.00 20.88 ? 11  ASP A N   1 
ATOM   69   C CA  . ASP A 1 11  ? 1.518   -11.074 -4.691  1.00 19.87 ? 11  ASP A CA  1 
ATOM   70   C C   . ASP A 1 11  ? 2.073   -10.572 -6.017  1.00 19.00 ? 11  ASP A C   1 
ATOM   71   O O   . ASP A 1 11  ? 2.279   -11.347 -6.960  1.00 18.06 ? 11  ASP A O   1 
ATOM   72   C CB  . ASP A 1 11  ? 2.105   -12.450 -4.326  1.00 20.08 ? 11  ASP A CB  1 
ATOM   73   C CG  . ASP A 1 11  ? 3.632   -12.421 -4.107  1.00 20.74 ? 11  ASP A CG  1 
ATOM   74   O OD1 . ASP A 1 11  ? 4.311   -11.462 -4.548  1.00 20.17 ? 11  ASP A OD1 1 
ATOM   75   O OD2 . ASP A 1 11  ? 4.159   -13.378 -3.491  1.00 22.57 ? 11  ASP A OD2 1 
ATOM   76   N N   . LEU A 1 12  ? 2.315   -9.270  -6.072  1.00 18.41 ? 12  LEU A N   1 
ATOM   77   C CA  . LEU A 1 12  ? 2.757   -8.615  -7.304  1.00 18.11 ? 12  LEU A CA  1 
ATOM   78   C C   . LEU A 1 12  ? 4.138   -9.081  -7.745  1.00 17.82 ? 12  LEU A C   1 
ATOM   79   O O   . LEU A 1 12  ? 4.398   -9.212  -8.942  1.00 17.69 ? 12  LEU A O   1 
ATOM   80   C CB  . LEU A 1 12  ? 2.711   -7.089  -7.160  1.00 18.33 ? 12  LEU A CB  1 
ATOM   81   C CG  . LEU A 1 12  ? 1.325   -6.487  -6.866  1.00 18.77 ? 12  LEU A CG  1 
ATOM   82   C CD1 . LEU A 1 12  ? 1.422   -4.985  -6.715  1.00 19.22 ? 12  LEU A CD1 1 
ATOM   83   C CD2 . LEU A 1 12  ? 0.331   -6.835  -7.953  1.00 20.13 ? 12  LEU A CD2 1 
ATOM   84   N N   . THR A 1 13  ? 5.018   -9.348  -6.783  1.00 17.12 ? 13  THR A N   1 
ATOM   85   C CA  . THR A 1 13  ? 6.357   -9.840  -7.114  1.00 17.04 ? 13  THR A CA  1 
ATOM   86   C C   . THR A 1 13  ? 6.302   -11.231 -7.762  1.00 16.94 ? 13  THR A C   1 
ATOM   87   O O   . THR A 1 13  ? 7.026   -11.503 -8.727  1.00 16.33 ? 13  THR A O   1 
ATOM   88   C CB  . THR A 1 13  ? 7.336   -9.769  -5.903  1.00 17.08 ? 13  THR A CB  1 
ATOM   89   O OG1 . THR A 1 13  ? 6.652   -10.103 -4.685  1.00 17.05 ? 13  THR A OG1 1 
ATOM   90   C CG2 . THR A 1 13  ? 7.901   -8.362  -5.772  1.00 17.78 ? 13  THR A CG2 1 
ATOM   91   N N   . ALA A 1 14  ? 5.412   -12.089 -7.260  1.00 16.57 ? 14  ALA A N   1 
ATOM   92   C CA  . ALA A 1 14  ? 5.188   -13.416 -7.843  1.00 16.90 ? 14  ALA A CA  1 
ATOM   93   C C   . ALA A 1 14  ? 4.630   -13.281 -9.261  1.00 17.04 ? 14  ALA A C   1 
ATOM   94   O O   . ALA A 1 14  ? 5.071   -13.971 -10.181 1.00 16.93 ? 14  ALA A O   1 
ATOM   95   C CB  . ALA A 1 14  ? 4.240   -14.227 -6.975  1.00 17.18 ? 14  ALA A CB  1 
ATOM   96   N N   . LEU A 1 15  ? 3.653   -12.393 -9.424  1.00 16.98 ? 15  LEU A N   1 
ATOM   97   C CA  . LEU A 1 15  ? 3.077   -12.124 -10.737 1.00 17.03 ? 15  LEU A CA  1 
ATOM   98   C C   . LEU A 1 15  ? 4.127   -11.607 -11.713 1.00 17.05 ? 15  LEU A C   1 
ATOM   99   O O   . LEU A 1 15  ? 4.155   -12.017 -12.874 1.00 16.98 ? 15  LEU A O   1 
ATOM   100  C CB  . LEU A 1 15  ? 1.923   -11.133 -10.631 1.00 17.42 ? 15  LEU A CB  1 
ATOM   101  C CG  . LEU A 1 15  ? 0.661   -11.650 -9.932  1.00 17.86 ? 15  LEU A CG  1 
ATOM   102  C CD1 . LEU A 1 15  ? -0.242  -10.481 -9.617  1.00 19.92 ? 15  LEU A CD1 1 
ATOM   103  C CD2 . LEU A 1 15  ? -0.059  -12.675 -10.788 1.00 19.25 ? 15  LEU A CD2 1 
ATOM   104  N N   . ALA A 1 16  ? 4.987   -10.708 -11.231 1.00 16.86 ? 16  ALA A N   1 
ATOM   105  C CA  . ALA A 1 16  ? 6.072   -10.158 -12.051 1.00 16.91 ? 16  ALA A CA  1 
ATOM   106  C C   . ALA A 1 16  ? 6.969   -11.299 -12.549 1.00 17.07 ? 16  ALA A C   1 
ATOM   107  O O   . ALA A 1 16  ? 7.264   -11.395 -13.741 1.00 17.20 ? 16  ALA A O   1 
ATOM   108  C CB  . ALA A 1 16  ? 6.882   -9.137  -11.257 1.00 17.28 ? 16  ALA A CB  1 
ATOM   109  N N   . ARG A 1 17  ? 7.378   -12.170 -11.630 1.00 17.30 ? 17  ARG A N   1 
ATOM   110  C CA  . ARG A 1 17  ? 8.206   -13.337 -11.964 1.00 18.49 ? 17  ARG A CA  1 
ATOM   111  C C   . ARG A 1 17  ? 7.593   -14.294 -12.990 1.00 18.56 ? 17  ARG A C   1 
ATOM   112  O O   . ARG A 1 17  ? 8.327   -14.998 -13.693 1.00 18.62 ? 17  ARG A O   1 
ATOM   113  C CB  . ARG A 1 17  ? 8.586   -14.105 -10.696 1.00 18.09 ? 17  ARG A CB  1 
ATOM   114  C CG  . ARG A 1 17  ? 9.724   -13.459 -9.943  1.00 20.40 ? 17  ARG A CG  1 
ATOM   115  C CD  . ARG A 1 17  ? 10.222  -14.325 -8.792  1.00 21.90 ? 17  ARG A CD  1 
ATOM   116  N NE  . ARG A 1 17  ? 11.268  -13.603 -8.081  1.00 24.77 ? 17  ARG A NE  1 
ATOM   117  C CZ  . ARG A 1 17  ? 11.081  -12.893 -6.970  1.00 25.51 ? 17  ARG A CZ  1 
ATOM   118  N NH1 . ARG A 1 17  ? 12.109  -12.256 -6.427  1.00 26.30 ? 17  ARG A NH1 1 
ATOM   119  N NH2 . ARG A 1 17  ? 9.882   -12.830 -6.395  1.00 24.97 ? 17  ARG A NH2 1 
ATOM   120  N N   . ALA A 1 18  ? 6.265   -14.328 -13.082 1.00 18.95 ? 18  ALA A N   1 
ATOM   121  C CA  . ALA A 1 18  ? 5.585   -15.226 -14.023 1.00 19.60 ? 18  ALA A CA  1 
ATOM   122  C C   . ALA A 1 18  ? 5.289   -14.569 -15.376 1.00 19.75 ? 18  ALA A C   1 
ATOM   123  O O   . ALA A 1 18  ? 4.712   -15.200 -16.266 1.00 20.31 ? 18  ALA A O   1 
ATOM   124  C CB  . ALA A 1 18  ? 4.301   -15.780 -13.402 1.00 19.50 ? 18  ALA A CB  1 
ATOM   125  N N   . GLY A 1 19  ? 5.686   -13.305 -15.526 1.00 19.77 ? 19  GLY A N   1 
ATOM   126  C CA  . GLY A 1 19  ? 5.424   -12.550 -16.752 1.00 20.10 ? 19  GLY A CA  1 
ATOM   127  C C   . GLY A 1 19  ? 3.963   -12.166 -16.920 1.00 20.59 ? 19  GLY A C   1 
ATOM   128  O O   . GLY A 1 19  ? 3.501   -11.928 -18.034 1.00 20.63 ? 19  GLY A O   1 
ATOM   129  N N   . LYS A 1 20  ? 3.243   -12.087 -15.806 1.00 20.62 ? 20  LYS A N   1 
ATOM   130  C CA  . LYS A 1 20  ? 1.807   -11.841 -15.823 1.00 21.45 ? 20  LYS A CA  1 
ATOM   131  C C   . LYS A 1 20  ? 1.449   -10.355 -15.736 1.00 21.83 ? 20  LYS A C   1 
ATOM   132  O O   . LYS A 1 20  ? 0.294   -9.974  -15.941 1.00 22.11 ? 20  LYS A O   1 
ATOM   133  C CB  . LYS A 1 20  ? 1.124   -12.631 -14.706 1.00 21.74 ? 20  LYS A CB  1 
ATOM   134  C CG  . LYS A 1 20  ? 0.990   -14.118 -14.989 1.00 22.82 ? 20  LYS A CG  1 
ATOM   135  C CD  . LYS A 1 20  ? 0.698   -14.882 -13.709 1.00 26.59 ? 20  LYS A CD  1 
ATOM   136  C CE  . LYS A 1 20  ? -0.281  -16.016 -13.940 1.00 29.48 ? 20  LYS A CE  1 
ATOM   137  N NZ  . LYS A 1 20  ? -1.671  -15.623 -13.549 1.00 31.59 ? 20  LYS A NZ  1 
ATOM   138  N N   . LEU A 1 21  ? 2.436   -9.515  -15.449 1.00 21.98 ? 21  LEU A N   1 
ATOM   139  C CA  . LEU A 1 21  ? 2.197   -8.076  -15.401 1.00 22.53 ? 21  LEU A CA  1 
ATOM   140  C C   . LEU A 1 21  ? 2.528   -7.448  -16.754 1.00 22.95 ? 21  LEU A C   1 
ATOM   141  O O   . LEU A 1 21  ? 3.553   -7.775  -17.357 1.00 23.27 ? 21  LEU A O   1 
ATOM   142  C CB  . LEU A 1 21  ? 3.007   -7.420  -14.274 1.00 22.57 ? 21  LEU A CB  1 
ATOM   143  C CG  . LEU A 1 21  ? 2.792   -7.919  -12.836 1.00 22.60 ? 21  LEU A CG  1 
ATOM   144  C CD1 . LEU A 1 21  ? 3.699   -7.154  -11.874 1.00 22.34 ? 21  LEU A CD1 1 
ATOM   145  C CD2 . LEU A 1 21  ? 1.337   -7.792  -12.409 1.00 23.30 ? 21  LEU A CD2 1 
ATOM   146  N N   . ASP A 1 22  ? 1.654   -6.563  -17.232 1.00 23.69 ? 22  ASP A N   1 
ATOM   147  C CA  . ASP A 1 22  ? 1.906   -5.821  -18.472 1.00 24.08 ? 22  ASP A CA  1 
ATOM   148  C C   . ASP A 1 22  ? 3.111   -4.897  -18.317 1.00 23.86 ? 22  ASP A C   1 
ATOM   149  O O   . ASP A 1 22  ? 3.333   -4.360  -17.235 1.00 23.63 ? 22  ASP A O   1 
ATOM   150  C CB  . ASP A 1 22  ? 0.675   -4.992  -18.864 1.00 24.71 ? 22  ASP A CB  1 
ATOM   151  C CG  . ASP A 1 22  ? -0.491  -5.851  -19.322 1.00 26.13 ? 22  ASP A CG  1 
ATOM   152  O OD1 . ASP A 1 22  ? -0.271  -7.005  -19.756 1.00 28.35 ? 22  ASP A OD1 1 
ATOM   153  O OD2 . ASP A 1 22  ? -1.638  -5.362  -19.256 1.00 28.77 ? 22  ASP A OD2 1 
ATOM   154  N N   . PRO A 1 23  ? 3.907   -4.721  -19.393 1.00 23.94 ? 23  PRO A N   1 
ATOM   155  C CA  . PRO A 1 23  ? 4.962   -3.715  -19.340 1.00 24.00 ? 23  PRO A CA  1 
ATOM   156  C C   . PRO A 1 23  ? 4.411   -2.335  -19.004 1.00 23.91 ? 23  PRO A C   1 
ATOM   157  O O   . PRO A 1 23  ? 3.337   -1.955  -19.486 1.00 23.84 ? 23  PRO A O   1 
ATOM   158  C CB  . PRO A 1 23  ? 5.529   -3.735  -20.763 1.00 24.16 ? 23  PRO A CB  1 
ATOM   159  C CG  . PRO A 1 23  ? 5.301   -5.118  -21.211 1.00 24.39 ? 23  PRO A CG  1 
ATOM   160  C CD  . PRO A 1 23  ? 3.926   -5.443  -20.678 1.00 24.02 ? 23  PRO A CD  1 
ATOM   161  N N   . VAL A 1 24  ? 5.143   -1.615  -18.161 1.00 23.91 ? 24  VAL A N   1 
ATOM   162  C CA  . VAL A 1 24  ? 4.770   -0.272  -17.750 1.00 24.01 ? 24  VAL A CA  1 
ATOM   163  C C   . VAL A 1 24  ? 5.693   0.703   -18.464 1.00 24.05 ? 24  VAL A C   1 
ATOM   164  O O   . VAL A 1 24  ? 6.911   0.657   -18.284 1.00 24.05 ? 24  VAL A O   1 
ATOM   165  C CB  . VAL A 1 24  ? 4.911   -0.089  -16.219 1.00 24.07 ? 24  VAL A CB  1 
ATOM   166  C CG1 . VAL A 1 24  ? 4.293   1.238   -15.780 1.00 24.13 ? 24  VAL A CG1 1 
ATOM   167  C CG2 . VAL A 1 24  ? 4.288   -1.269  -15.476 1.00 23.99 ? 24  VAL A CG2 1 
ATOM   168  N N   . ILE A 1 25  ? 5.119   1.572   -19.284 1.00 24.28 ? 25  ILE A N   1 
ATOM   169  C CA  . ILE A 1 25  ? 5.931   2.558   -19.995 1.00 24.47 ? 25  ILE A CA  1 
ATOM   170  C C   . ILE A 1 25  ? 5.655   3.983   -19.525 1.00 23.77 ? 25  ILE A C   1 
ATOM   171  O O   . ILE A 1 25  ? 4.553   4.300   -19.064 1.00 23.86 ? 25  ILE A O   1 
ATOM   172  C CB  . ILE A 1 25  ? 5.852   2.387   -21.547 1.00 25.00 ? 25  ILE A CB  1 
ATOM   173  C CG1 . ILE A 1 25  ? 4.410   2.462   -22.053 1.00 25.79 ? 25  ILE A CG1 1 
ATOM   174  C CG2 . ILE A 1 25  ? 6.476   1.065   -21.972 1.00 25.40 ? 25  ILE A CG2 1 
ATOM   175  C CD1 . ILE A 1 25  ? 4.089   3.753   -22.743 1.00 27.53 ? 25  ILE A CD1 1 
ATOM   176  N N   . GLY A 1 26  ? 6.690   4.819   -19.589 1.00 22.95 ? 26  GLY A N   1 
ATOM   177  C CA  . GLY A 1 26  ? 6.589   6.222   -19.208 1.00 22.16 ? 26  GLY A CA  1 
ATOM   178  C C   . GLY A 1 26  ? 6.520   6.503   -17.715 1.00 21.63 ? 26  GLY A C   1 
ATOM   179  O O   . GLY A 1 26  ? 6.186   7.619   -17.322 1.00 21.44 ? 26  GLY A O   1 
ATOM   180  N N   . ARG A 1 27  ? 6.841   5.507   -16.887 1.00 20.63 ? 27  ARG A N   1 
ATOM   181  C CA  . ARG A 1 27  ? 6.767   5.661   -15.424 1.00 20.11 ? 27  ARG A CA  1 
ATOM   182  C C   . ARG A 1 27  ? 8.096   5.457   -14.699 1.00 19.86 ? 27  ARG A C   1 
ATOM   183  O O   . ARG A 1 27  ? 8.118   5.322   -13.476 1.00 19.24 ? 27  ARG A O   1 
ATOM   184  C CB  . ARG A 1 27  ? 5.714   4.725   -14.817 1.00 19.98 ? 27  ARG A CB  1 
ATOM   185  C CG  . ARG A 1 27  ? 4.296   4.960   -15.293 1.00 20.52 ? 27  ARG A CG  1 
ATOM   186  C CD  . ARG A 1 27  ? 3.794   6.347   -14.946 1.00 21.16 ? 27  ARG A CD  1 
ATOM   187  N NE  . ARG A 1 27  ? 2.352   6.414   -15.127 1.00 21.13 ? 27  ARG A NE  1 
ATOM   188  C CZ  . ARG A 1 27  ? 1.653   7.521   -15.343 1.00 21.58 ? 27  ARG A CZ  1 
ATOM   189  N NH1 . ARG A 1 27  ? 2.250   8.713   -15.416 1.00 20.96 ? 27  ARG A NH1 1 
ATOM   190  N NH2 . ARG A 1 27  ? 0.338   7.431   -15.496 1.00 22.39 ? 27  ARG A NH2 1 
ATOM   191  N N   . ASP A 1 28  ? 9.200   5.439   -15.440 1.00 20.03 ? 28  ASP A N   1 
ATOM   192  C CA  . ASP A 1 28  ? 10.513  5.201   -14.828 1.00 20.13 ? 28  ASP A CA  1 
ATOM   193  C C   . ASP A 1 28  ? 10.819  6.163   -13.682 1.00 19.63 ? 28  ASP A C   1 
ATOM   194  O O   . ASP A 1 28  ? 11.342  5.753   -12.640 1.00 19.10 ? 28  ASP A O   1 
ATOM   195  C CB  . ASP A 1 28  ? 11.623  5.246   -15.886 1.00 21.11 ? 28  ASP A CB  1 
ATOM   196  C CG  . ASP A 1 28  ? 11.649  3.999   -16.760 1.00 23.45 ? 28  ASP A CG  1 
ATOM   197  O OD1 . ASP A 1 28  ? 10.833  3.077   -16.535 1.00 26.91 ? 28  ASP A OD1 1 
ATOM   198  O OD2 . ASP A 1 28  ? 12.503  3.931   -17.670 1.00 27.84 ? 28  ASP A OD2 1 
ATOM   199  N N   . THR A 1 29  ? 10.488  7.436   -13.877 1.00 19.05 ? 29  THR A N   1 
ATOM   200  C CA  . THR A 1 29  ? 10.747  8.462   -12.865 1.00 19.09 ? 29  THR A CA  1 
ATOM   201  C C   . THR A 1 29  ? 9.931   8.204   -11.592 1.00 18.45 ? 29  THR A C   1 
ATOM   202  O O   . THR A 1 29  ? 10.492  8.170   -10.490 1.00 18.34 ? 29  THR A O   1 
ATOM   203  C CB  . THR A 1 29  ? 10.494  9.875   -13.430 1.00 19.27 ? 29  THR A CB  1 
ATOM   204  O OG1 . THR A 1 29  ? 11.313  10.066  -14.594 1.00 19.70 ? 29  THR A OG1 1 
ATOM   205  C CG2 . THR A 1 29  ? 10.833  10.942  -12.410 1.00 20.09 ? 29  THR A CG2 1 
ATOM   206  N N   . GLU A 1 30  ? 8.625   7.999   -11.758 1.00 18.35 ? 30  GLU A N   1 
ATOM   207  C CA  . GLU A 1 30  ? 7.723   7.719   -10.627 1.00 18.28 ? 30  GLU A CA  1 
ATOM   208  C C   . GLU A 1 30  ? 8.157   6.468   -9.851  1.00 18.38 ? 30  GLU A C   1 
ATOM   209  O O   . GLU A 1 30  ? 8.128   6.449   -8.619  1.00 18.10 ? 30  GLU A O   1 
ATOM   210  C CB  . GLU A 1 30  ? 6.274   7.542   -11.103 1.00 18.03 ? 30  GLU A CB  1 
ATOM   211  C CG  . GLU A 1 30  ? 5.565   8.816   -11.562 1.00 18.87 ? 30  GLU A CG  1 
ATOM   212  C CD  . GLU A 1 30  ? 5.891   9.218   -12.991 1.00 20.27 ? 30  GLU A CD  1 
ATOM   213  O OE1 . GLU A 1 30  ? 6.652   8.494   -13.680 1.00 19.41 ? 30  GLU A OE1 1 
ATOM   214  O OE2 . GLU A 1 30  ? 5.377   10.279  -13.429 1.00 23.06 ? 30  GLU A OE2 1 
ATOM   215  N N   . ILE A 1 31  ? 8.552   5.425   -10.582 1.00 18.29 ? 31  ILE A N   1 
ATOM   216  C CA  . ILE A 1 31  ? 8.987   4.173   -9.964  1.00 18.38 ? 31  ILE A CA  1 
ATOM   217  C C   . ILE A 1 31  ? 10.281  4.406   -9.188  1.00 18.84 ? 31  ILE A C   1 
ATOM   218  O O   . ILE A 1 31  ? 10.425  3.953   -8.044  1.00 18.44 ? 31  ILE A O   1 
ATOM   219  C CB  . ILE A 1 31  ? 9.125   3.040   -11.021 1.00 18.26 ? 31  ILE A CB  1 
ATOM   220  C CG1 . ILE A 1 31  ? 7.739   2.675   -11.568 1.00 18.10 ? 31  ILE A CG1 1 
ATOM   221  C CG2 . ILE A 1 31  ? 9.819   1.809   -10.429 1.00 18.86 ? 31  ILE A CG2 1 
ATOM   222  C CD1 . ILE A 1 31  ? 7.763   1.789   -12.807 1.00 18.27 ? 31  ILE A CD1 1 
ATOM   223  N N   . ARG A 1 32  ? 11.204  5.141   -9.803  1.00 18.94 ? 32  ARG A N   1 
ATOM   224  C CA  . ARG A 1 32  ? 12.466  5.494   -9.163  1.00 19.97 ? 32  ARG A CA  1 
ATOM   225  C C   . ARG A 1 32  ? 12.227  6.280   -7.876  1.00 19.27 ? 32  ARG A C   1 
ATOM   226  O O   . ARG A 1 32  ? 12.894  6.039   -6.868  1.00 19.18 ? 32  ARG A O   1 
ATOM   227  C CB  . ARG A 1 32  ? 13.346  6.290   -10.124 1.00 20.70 ? 32  ARG A CB  1 
ATOM   228  C CG  . ARG A 1 32  ? 14.834  6.200   -9.835  1.00 24.11 ? 32  ARG A CG  1 
ATOM   229  C CD  . ARG A 1 32  ? 15.321  7.464   -9.155  1.00 29.33 ? 32  ARG A CD  1 
ATOM   230  N NE  . ARG A 1 32  ? 16.775  7.588   -9.161  1.00 32.88 ? 32  ARG A NE  1 
ATOM   231  C CZ  . ARG A 1 32  ? 17.473  8.264   -10.073 1.00 34.42 ? 32  ARG A CZ  1 
ATOM   232  N NH1 . ARG A 1 32  ? 18.794  8.317   -9.982  1.00 34.87 ? 32  ARG A NH1 1 
ATOM   233  N NH2 . ARG A 1 32  ? 16.861  8.882   -11.079 1.00 34.84 ? 32  ARG A NH2 1 
ATOM   234  N N   . ARG A 1 33  ? 11.267  7.203   -7.913  1.00 18.63 ? 33  ARG A N   1 
ATOM   235  C CA  . ARG A 1 33  ? 10.941  7.996   -6.736  1.00 18.02 ? 33  ARG A CA  1 
ATOM   236  C C   . ARG A 1 33  ? 10.389  7.134   -5.603  1.00 17.44 ? 33  ARG A C   1 
ATOM   237  O O   . ARG A 1 33  ? 10.799  7.300   -4.455  1.00 17.22 ? 33  ARG A O   1 
ATOM   238  C CB  . ARG A 1 33  ? 9.973   9.131   -7.060  1.00 17.87 ? 33  ARG A CB  1 
ATOM   239  C CG  . ARG A 1 33  ? 9.754   10.040  -5.867  1.00 18.08 ? 33  ARG A CG  1 
ATOM   240  C CD  . ARG A 1 33  ? 8.950   11.270  -6.208  1.00 18.48 ? 33  ARG A CD  1 
ATOM   241  N NE  . ARG A 1 33  ? 8.972   12.222  -5.104  1.00 19.02 ? 33  ARG A NE  1 
ATOM   242  C CZ  . ARG A 1 33  ? 8.165   13.275  -4.994  1.00 18.59 ? 33  ARG A CZ  1 
ATOM   243  N NH1 . ARG A 1 33  ? 7.250   13.518  -5.923  1.00 19.72 ? 33  ARG A NH1 1 
ATOM   244  N NH2 . ARG A 1 33  ? 8.279   14.086  -3.948  1.00 20.05 ? 33  ARG A NH2 1 
ATOM   245  N N   . ALA A 1 34  ? 9.476   6.222   -5.938  1.00 17.13 ? 34  ALA A N   1 
ATOM   246  C CA  . ALA A 1 34  ? 8.898   5.279   -4.977  1.00 17.10 ? 34  ALA A CA  1 
ATOM   247  C C   . ALA A 1 34  ? 9.982   4.456   -4.286  1.00 17.29 ? 34  ALA A C   1 
ATOM   248  O O   . ALA A 1 34  ? 9.945   4.249   -3.072  1.00 17.00 ? 34  ALA A O   1 
ATOM   249  C CB  . ALA A 1 34  ? 7.905   4.353   -5.675  1.00 16.65 ? 34  ALA A CB  1 
ATOM   250  N N   . ILE A 1 35  ? 10.937  3.981   -5.079  1.00 17.59 ? 35  ILE A N   1 
ATOM   251  C CA  . ILE A 1 35  ? 12.106  3.273   -4.574  1.00 18.10 ? 35  ILE A CA  1 
ATOM   252  C C   . ILE A 1 35  ? 12.893  4.119   -3.568  1.00 18.20 ? 35  ILE A C   1 
ATOM   253  O O   . ILE A 1 35  ? 13.189  3.645   -2.469  1.00 18.82 ? 35  ILE A O   1 
ATOM   254  C CB  . ILE A 1 35  ? 13.004  2.797   -5.748  1.00 18.24 ? 35  ILE A CB  1 
ATOM   255  C CG1 . ILE A 1 35  ? 12.312  1.662   -6.499  1.00 19.00 ? 35  ILE A CG1 1 
ATOM   256  C CG2 . ILE A 1 35  ? 14.382  2.357   -5.250  1.00 18.82 ? 35  ILE A CG2 1 
ATOM   257  C CD1 . ILE A 1 35  ? 12.922  1.350   -7.852  1.00 20.05 ? 35  ILE A CD1 1 
ATOM   258  N N   . GLN A 1 36  ? 13.209  5.364   -3.933  1.00 18.47 ? 36  GLN A N   1 
ATOM   259  C CA  . GLN A 1 36  ? 13.933  6.290   -3.051  1.00 18.84 ? 36  GLN A CA  1 
ATOM   260  C C   . GLN A 1 36  ? 13.184  6.501   -1.733  1.00 18.20 ? 36  GLN A C   1 
ATOM   261  O O   . GLN A 1 36  ? 13.781  6.473   -0.652  1.00 17.78 ? 36  GLN A O   1 
ATOM   262  C CB  . GLN A 1 36  ? 14.146  7.637   -3.744  1.00 19.45 ? 36  GLN A CB  1 
ATOM   263  C CG  . GLN A 1 36  ? 15.144  7.606   -4.891  1.00 21.99 ? 36  GLN A CG  1 
ATOM   264  C CD  . GLN A 1 36  ? 16.560  8.003   -4.475  1.00 25.89 ? 36  GLN A CD  1 
ATOM   265  O OE1 . GLN A 1 36  ? 16.934  7.920   -3.299  1.00 28.20 ? 36  GLN A OE1 1 
ATOM   266  N NE2 . GLN A 1 36  ? 17.357  8.437   -5.450  1.00 27.51 ? 36  GLN A NE2 1 
ATOM   267  N N   . ILE A 1 37  ? 11.873  6.694   -1.834  1.00 17.74 ? 37  ILE A N   1 
ATOM   268  C CA  . ILE A 1 37  ? 11.036  6.914   -0.656  1.00 17.69 ? 37  ILE A CA  1 
ATOM   269  C C   . ILE A 1 37  ? 11.053  5.692   0.265   1.00 17.40 ? 37  ILE A C   1 
ATOM   270  O O   . ILE A 1 37  ? 11.267  5.826   1.472   1.00 17.47 ? 37  ILE A O   1 
ATOM   271  C CB  . ILE A 1 37  ? 9.584   7.288   -1.049  1.00 17.55 ? 37  ILE A CB  1 
ATOM   272  C CG1 . ILE A 1 37  ? 9.559   8.647   -1.751  1.00 17.51 ? 37  ILE A CG1 1 
ATOM   273  C CG2 . ILE A 1 37  ? 8.691   7.367   0.170   1.00 17.30 ? 37  ILE A CG2 1 
ATOM   274  C CD1 . ILE A 1 37  ? 8.292   8.881   -2.540  1.00 15.82 ? 37  ILE A CD1 1 
ATOM   275  N N   . LEU A 1 38  ? 10.849  4.506   -0.311  1.00 17.77 ? 38  LEU A N   1 
ATOM   276  C CA  . LEU A 1 38  ? 10.838  3.242   0.446   1.00 18.11 ? 38  LEU A CA  1 
ATOM   277  C C   . LEU A 1 38  ? 12.174  2.939   1.152   1.00 19.24 ? 38  LEU A C   1 
ATOM   278  O O   . LEU A 1 38  ? 12.247  2.064   2.030   1.00 19.08 ? 38  LEU A O   1 
ATOM   279  C CB  . LEU A 1 38  ? 10.423  2.078   -0.465  1.00 17.79 ? 38  LEU A CB  1 
ATOM   280  C CG  . LEU A 1 38  ? 8.929   2.004   -0.802  1.00 16.77 ? 38  LEU A CG  1 
ATOM   281  C CD1 . LEU A 1 38  ? 8.655   1.120   -2.014  1.00 17.56 ? 38  LEU A CD1 1 
ATOM   282  C CD2 . LEU A 1 38  ? 8.122   1.518   0.402   1.00 15.87 ? 38  LEU A CD2 1 
ATOM   283  N N   . SER A 1 39  ? 13.211  3.682   0.775   1.00 20.33 ? 39  SER A N   1 
ATOM   284  C CA  . SER A 1 39  ? 14.560  3.489   1.307   1.00 21.88 ? 39  SER A CA  1 
ATOM   285  C C   . SER A 1 39  ? 14.893  4.351   2.542   1.00 22.47 ? 39  SER A C   1 
ATOM   286  O O   . SER A 1 39  ? 15.928  4.138   3.192   1.00 22.94 ? 39  SER A O   1 
ATOM   287  C CB  . SER A 1 39  ? 15.579  3.747   0.194   1.00 22.02 ? 39  SER A CB  1 
ATOM   288  O OG  . SER A 1 39  ? 15.472  2.773   -0.833  1.00 23.73 ? 39  SER A OG  1 
ATOM   289  N N   . ARG A 1 40  ? 14.005  5.283   2.883   1.00 23.08 ? 40  ARG A N   1 
ATOM   290  C CA  . ARG A 1 40  ? 14.240  6.273   3.953   1.00 23.30 ? 40  ARG A CA  1 
ATOM   291  C C   . ARG A 1 40  ? 13.866  5.815   5.374   1.00 23.31 ? 40  ARG A C   1 
ATOM   292  O O   . ARG A 1 40  ? 13.210  4.788   5.556   1.00 23.43 ? 40  ARG A O   1 
ATOM   293  C CB  . ARG A 1 40  ? 13.531  7.590   3.605   1.00 23.18 ? 40  ARG A CB  1 
ATOM   294  C CG  . ARG A 1 40  ? 13.881  8.083   2.213   1.00 22.97 ? 40  ARG A CG  1 
ATOM   295  C CD  . ARG A 1 40  ? 13.349  9.463   1.874   1.00 24.24 ? 40  ARG A CD  1 
ATOM   296  N NE  . ARG A 1 40  ? 14.130  9.991   0.757   1.00 26.23 ? 40  ARG A NE  1 
ATOM   297  C CZ  . ARG A 1 40  ? 13.649  10.726  -0.238  1.00 27.03 ? 40  ARG A CZ  1 
ATOM   298  N NH1 . ARG A 1 40  ? 12.361  11.047  -0.282  1.00 26.46 ? 40  ARG A NH1 1 
ATOM   299  N NH2 . ARG A 1 40  ? 14.470  11.134  -1.204  1.00 26.33 ? 40  ARG A NH2 1 
ATOM   300  N N   . ARG A 1 41  ? 14.283  6.595   6.375   1.00 23.60 ? 41  ARG A N   1 
ATOM   301  C CA  . ARG A 1 41  ? 14.085  6.229   7.781   1.00 23.66 ? 41  ARG A CA  1 
ATOM   302  C C   . ARG A 1 41  ? 12.638  6.360   8.270   1.00 23.30 ? 41  ARG A C   1 
ATOM   303  O O   . ARG A 1 41  ? 12.109  5.454   8.931   1.00 23.21 ? 41  ARG A O   1 
ATOM   304  C CB  . ARG A 1 41  ? 15.025  7.030   8.693   1.00 24.13 ? 41  ARG A CB  1 
ATOM   305  C CG  . ARG A 1 41  ? 14.939  6.604   10.155  1.00 25.86 ? 41  ARG A CG  1 
ATOM   306  C CD  . ARG A 1 41  ? 15.471  7.647   11.123  1.00 28.33 ? 41  ARG A CD  1 
ATOM   307  N NE  . ARG A 1 41  ? 15.022  7.310   12.473  1.00 30.03 ? 41  ARG A NE  1 
ATOM   308  C CZ  . ARG A 1 41  ? 15.247  8.028   13.568  1.00 30.67 ? 41  ARG A CZ  1 
ATOM   309  N NH1 . ARG A 1 41  ? 14.767  7.598   14.727  1.00 31.25 ? 41  ARG A NH1 1 
ATOM   310  N NH2 . ARG A 1 41  ? 15.937  9.166   13.518  1.00 30.88 ? 41  ARG A NH2 1 
ATOM   311  N N   . THR A 1 42  ? 12.004  7.485   7.953   1.00 22.52 ? 42  THR A N   1 
ATOM   312  C CA  . THR A 1 42  ? 10.702  7.810   8.540   1.00 22.27 ? 42  THR A CA  1 
ATOM   313  C C   . THR A 1 42  ? 9.639   8.161   7.503   1.00 21.70 ? 42  THR A C   1 
ATOM   314  O O   . THR A 1 42  ? 8.553   7.559   7.497   1.00 22.24 ? 42  THR A O   1 
ATOM   315  C CB  . THR A 1 42  ? 10.838  8.944   9.584   1.00 22.15 ? 42  THR A CB  1 
ATOM   316  O OG1 . THR A 1 42  ? 11.796  8.555   10.578  1.00 22.75 ? 42  THR A OG1 1 
ATOM   317  C CG2 . THR A 1 42  ? 9.494   9.241   10.254  1.00 22.63 ? 42  THR A CG2 1 
ATOM   318  N N   . LYS A 1 43  ? 9.946   9.134   6.642   1.00 20.79 ? 43  LYS A N   1 
ATOM   319  C CA  . LYS A 1 43  ? 9.011   9.583   5.606   1.00 19.99 ? 43  LYS A CA  1 
ATOM   320  C C   . LYS A 1 43  ? 9.119   8.646   4.401   1.00 19.25 ? 43  LYS A C   1 
ATOM   321  O O   . LYS A 1 43  ? 9.515   9.049   3.303   1.00 18.86 ? 43  LYS A O   1 
ATOM   322  C CB  . LYS A 1 43  ? 9.293   11.042  5.217   1.00 20.08 ? 43  LYS A CB  1 
ATOM   323  C CG  . LYS A 1 43  ? 8.133   11.738  4.494   1.00 20.16 ? 43  LYS A CG  1 
ATOM   324  C CD  . LYS A 1 43  ? 8.400   13.234  4.339   1.00 20.98 ? 43  LYS A CD  1 
ATOM   325  C CE  . LYS A 1 43  ? 7.205   13.966  3.734   1.00 22.07 ? 43  LYS A CE  1 
ATOM   326  N NZ  . LYS A 1 43  ? 6.020   14.016  4.651   1.00 21.29 ? 43  LYS A NZ  1 
ATOM   327  N N   . ASN A 1 44  ? 8.748   7.386   4.627   1.00 18.35 ? 44  ASN A N   1 
ATOM   328  C CA  . ASN A 1 44  ? 9.101   6.294   3.718   1.00 17.93 ? 44  ASN A CA  1 
ATOM   329  C C   . ASN A 1 44  ? 7.928   5.491   3.149   1.00 17.81 ? 44  ASN A C   1 
ATOM   330  O O   . ASN A 1 44  ? 8.112   4.380   2.641   1.00 17.67 ? 44  ASN A O   1 
ATOM   331  C CB  . ASN A 1 44  ? 10.074  5.357   4.429   1.00 18.00 ? 44  ASN A CB  1 
ATOM   332  C CG  . ASN A 1 44  ? 9.507   4.810   5.728   1.00 17.63 ? 44  ASN A CG  1 
ATOM   333  O OD1 . ASN A 1 44  ? 8.286   4.768   5.931   1.00 20.18 ? 44  ASN A OD1 1 
ATOM   334  N ND2 . ASN A 1 44  ? 10.387  4.396   6.618   1.00 19.63 ? 44  ASN A ND2 1 
ATOM   335  N N   . ASN A 1 45  ? 6.724   6.036   3.251   1.00 17.62 ? 45  ASN A N   1 
ATOM   336  C CA  . ASN A 1 45  ? 5.565   5.442   2.594   1.00 17.63 ? 45  ASN A CA  1 
ATOM   337  C C   . ASN A 1 45  ? 5.173   6.284   1.395   1.00 16.76 ? 45  ASN A C   1 
ATOM   338  O O   . ASN A 1 45  ? 4.575   7.344   1.562   1.00 16.89 ? 45  ASN A O   1 
ATOM   339  C CB  . ASN A 1 45  ? 4.369   5.338   3.539   1.00 18.48 ? 45  ASN A CB  1 
ATOM   340  C CG  . ASN A 1 45  ? 4.660   4.508   4.755   1.00 20.71 ? 45  ASN A CG  1 
ATOM   341  O OD1 . ASN A 1 45  ? 5.146   3.379   4.658   1.00 21.41 ? 45  ASN A OD1 1 
ATOM   342  N ND2 . ASN A 1 45  ? 4.364   5.068   5.926   1.00 23.81 ? 45  ASN A ND2 1 
ATOM   343  N N   . PRO A 1 46  ? 5.508   5.823   0.182   1.00 16.31 ? 46  PRO A N   1 
ATOM   344  C CA  . PRO A 1 46  ? 5.082   6.608   -0.980  1.00 15.88 ? 46  PRO A CA  1 
ATOM   345  C C   . PRO A 1 46  ? 3.571   6.501   -1.164  1.00 15.52 ? 46  PRO A C   1 
ATOM   346  O O   . PRO A 1 46  ? 3.004   5.417   -0.992  1.00 15.37 ? 46  PRO A O   1 
ATOM   347  C CB  . PRO A 1 46  ? 5.817   5.955   -2.151  1.00 16.16 ? 46  PRO A CB  1 
ATOM   348  C CG  . PRO A 1 46  ? 6.171   4.597   -1.702  1.00 16.23 ? 46  PRO A CG  1 
ATOM   349  C CD  . PRO A 1 46  ? 6.234   4.597   -0.195  1.00 16.45 ? 46  PRO A CD  1 
ATOM   350  N N   . ILE A 1 47  ? 2.927   7.621   -1.473  1.00 15.12 ? 47  ILE A N   1 
ATOM   351  C CA  . ILE A 1 47  ? 1.493   7.620   -1.767  1.00 15.14 ? 47  ILE A CA  1 
ATOM   352  C C   . ILE A 1 47  ? 1.266   8.218   -3.138  1.00 15.11 ? 47  ILE A C   1 
ATOM   353  O O   . ILE A 1 47  ? 1.520   9.406   -3.357  1.00 15.03 ? 47  ILE A O   1 
ATOM   354  C CB  . ILE A 1 47  ? 0.651   8.394   -0.720  1.00 15.35 ? 47  ILE A CB  1 
ATOM   355  C CG1 . ILE A 1 47  ? 1.007   7.957   0.709   1.00 16.29 ? 47  ILE A CG1 1 
ATOM   356  C CG2 . ILE A 1 47  ? -0.854  8.239   -1.011  1.00 15.92 ? 47  ILE A CG2 1 
ATOM   357  C CD1 . ILE A 1 47  ? 0.669   6.510   1.058   1.00 19.07 ? 47  ILE A CD1 1 
ATOM   358  N N   . LEU A 1 48  ? 0.793   7.374   -4.048  1.00 14.94 ? 48  LEU A N   1 
ATOM   359  C CA  . LEU A 1 48  ? 0.453   7.776   -5.414  1.00 15.32 ? 48  LEU A CA  1 
ATOM   360  C C   . LEU A 1 48  ? -0.877  8.512   -5.424  1.00 15.67 ? 48  LEU A C   1 
ATOM   361  O O   . LEU A 1 48  ? -1.899  7.970   -4.988  1.00 15.90 ? 48  LEU A O   1 
ATOM   362  C CB  . LEU A 1 48  ? 0.380   6.555   -6.333  1.00 15.45 ? 48  LEU A CB  1 
ATOM   363  C CG  . LEU A 1 48  ? 1.642   5.689   -6.376  1.00 15.69 ? 48  LEU A CG  1 
ATOM   364  C CD1 . LEU A 1 48  ? 1.354   4.316   -6.986  1.00 14.82 ? 48  LEU A CD1 1 
ATOM   365  C CD2 . LEU A 1 48  ? 2.778   6.402   -7.118  1.00 15.31 ? 48  LEU A CD2 1 
ATOM   366  N N   . LEU A 1 49  ? -0.846  9.749   -5.912  1.00 15.59 ? 49  LEU A N   1 
ATOM   367  C CA  . LEU A 1 49  ? -2.037  10.583  -5.991  1.00 16.12 ? 49  LEU A CA  1 
ATOM   368  C C   . LEU A 1 49  ? -2.368  10.869  -7.434  1.00 16.26 ? 49  LEU A C   1 
ATOM   369  O O   . LEU A 1 49  ? -1.499  11.264  -8.210  1.00 16.87 ? 49  LEU A O   1 
ATOM   370  C CB  . LEU A 1 49  ? -1.824  11.908  -5.250  1.00 16.26 ? 49  LEU A CB  1 
ATOM   371  C CG  . LEU A 1 49  ? -1.526  11.819  -3.753  1.00 16.67 ? 49  LEU A CG  1 
ATOM   372  C CD1 . LEU A 1 49  ? -1.450  13.216  -3.157  1.00 18.15 ? 49  LEU A CD1 1 
ATOM   373  C CD2 . LEU A 1 49  ? -2.578  10.989  -3.054  1.00 18.21 ? 49  LEU A CD2 1 
ATOM   374  N N   . GLY A 1 50  ? -3.627  10.666  -7.795  1.00 16.40 ? 50  GLY A N   1 
ATOM   375  C CA  . GLY A 1 50  ? -4.067  10.994  -9.138  1.00 16.86 ? 50  GLY A CA  1 
ATOM   376  C C   . GLY A 1 50  ? -5.442  10.436  -9.384  1.00 17.42 ? 50  GLY A C   1 
ATOM   377  O O   . GLY A 1 50  ? -5.944  9.615   -8.604  1.00 17.47 ? 50  GLY A O   1 
ATOM   378  N N   . ASP A 1 51  ? -6.057  10.888  -10.470 1.00 18.12 ? 51  ASP A N   1 
ATOM   379  C CA  . ASP A 1 51  ? -7.371  10.396  -10.846 1.00 18.48 ? 51  ASP A CA  1 
ATOM   380  C C   . ASP A 1 51  ? -7.284  8.921   -11.250 1.00 18.41 ? 51  ASP A C   1 
ATOM   381  O O   . ASP A 1 51  ? -6.206  8.443   -11.599 1.00 18.51 ? 51  ASP A O   1 
ATOM   382  C CB  . ASP A 1 51  ? -7.967  11.278  -11.946 1.00 18.78 ? 51  ASP A CB  1 
ATOM   383  C CG  . ASP A 1 51  ? -8.240  12.702  -11.464 1.00 20.55 ? 51  ASP A CG  1 
ATOM   384  O OD1 . ASP A 1 51  ? -8.478  12.906  -10.245 1.00 21.71 ? 51  ASP A OD1 1 
ATOM   385  O OD2 . ASP A 1 51  ? -8.209  13.617  -12.307 1.00 23.72 ? 51  ASP A OD2 1 
ATOM   386  N N   . PRO A 1 52  ? -8.406  8.182   -11.167 1.00 18.42 ? 52  PRO A N   1 
ATOM   387  C CA  . PRO A 1 52  ? -8.382  6.754   -11.495 1.00 18.37 ? 52  PRO A CA  1 
ATOM   388  C C   . PRO A 1 52  ? -7.813  6.462   -12.878 1.00 18.00 ? 52  PRO A C   1 
ATOM   389  O O   . PRO A 1 52  ? -7.137  5.452   -13.062 1.00 18.15 ? 52  PRO A O   1 
ATOM   390  C CB  . PRO A 1 52  ? -9.861  6.364   -11.443 1.00 18.72 ? 52  PRO A CB  1 
ATOM   391  C CG  . PRO A 1 52  ? -10.450 7.317   -10.485 1.00 18.33 ? 52  PRO A CG  1 
ATOM   392  C CD  . PRO A 1 52  ? -9.750  8.615   -10.745 1.00 18.65 ? 52  PRO A CD  1 
ATOM   393  N N   . GLY A 1 53  ? -8.068  7.354   -13.832 1.00 17.82 ? 53  GLY A N   1 
ATOM   394  C CA  . GLY A 1 53  ? -7.671  7.148   -15.224 1.00 17.60 ? 53  GLY A CA  1 
ATOM   395  C C   . GLY A 1 53  ? -6.188  7.222   -15.537 1.00 17.37 ? 53  GLY A C   1 
ATOM   396  O O   . GLY A 1 53  ? -5.798  6.991   -16.681 1.00 17.66 ? 53  GLY A O   1 
ATOM   397  N N   . VAL A 1 54  ? -5.358  7.542   -14.543 1.00 16.99 ? 54  VAL A N   1 
ATOM   398  C CA  . VAL A 1 54  ? -3.904  7.621   -14.766 1.00 17.21 ? 54  VAL A CA  1 
ATOM   399  C C   . VAL A 1 54  ? -3.155  6.298   -14.556 1.00 17.19 ? 54  VAL A C   1 
ATOM   400  O O   . VAL A 1 54  ? -1.944  6.219   -14.799 1.00 17.77 ? 54  VAL A O   1 
ATOM   401  C CB  . VAL A 1 54  ? -3.230  8.770   -13.947 1.00 17.09 ? 54  VAL A CB  1 
ATOM   402  C CG1 . VAL A 1 54  ? -3.926  10.107  -14.198 1.00 17.29 ? 54  VAL A CG1 1 
ATOM   403  C CG2 . VAL A 1 54  ? -3.193  8.437   -12.453 1.00 16.45 ? 54  VAL A CG2 1 
ATOM   404  N N   . GLY A 1 55  ? -3.863  5.259   -14.110 1.00 16.94 ? 55  GLY A N   1 
ATOM   405  C CA  . GLY A 1 55  ? -3.258  3.933   -13.931 1.00 17.23 ? 55  GLY A CA  1 
ATOM   406  C C   . GLY A 1 55  ? -2.225  3.840   -12.817 1.00 17.08 ? 55  GLY A C   1 
ATOM   407  O O   . GLY A 1 55  ? -1.081  3.450   -13.056 1.00 17.49 ? 55  GLY A O   1 
ATOM   408  N N   . LYS A 1 56  ? -2.629  4.193   -11.597 1.00 16.64 ? 56  LYS A N   1 
ATOM   409  C CA  . LYS A 1 56  ? -1.718  4.178   -10.447 1.00 16.22 ? 56  LYS A CA  1 
ATOM   410  C C   . LYS A 1 56  ? -1.179  2.786   -10.118 1.00 16.49 ? 56  LYS A C   1 
ATOM   411  O O   . LYS A 1 56  ? -0.007  2.651   -9.758  1.00 17.01 ? 56  LYS A O   1 
ATOM   412  C CB  . LYS A 1 56  ? -2.377  4.803   -9.205  1.00 16.35 ? 56  LYS A CB  1 
ATOM   413  C CG  . LYS A 1 56  ? -2.719  6.290   -9.366  1.00 15.81 ? 56  LYS A CG  1 
ATOM   414  C CD  . LYS A 1 56  ? -3.305  6.903   -8.091  1.00 16.01 ? 56  LYS A CD  1 
ATOM   415  C CE  . LYS A 1 56  ? -4.718  6.378   -7.763  1.00 16.32 ? 56  LYS A CE  1 
ATOM   416  N NZ  . LYS A 1 56  ? -5.745  6.767   -8.777  1.00 15.45 ? 56  LYS A NZ  1 
ATOM   417  N N   . THR A 1 57  ? -2.027  1.762   -10.238 1.00 16.22 ? 57  THR A N   1 
ATOM   418  C CA  . THR A 1 57  ? -1.635  0.390   -9.914  1.00 16.23 ? 57  THR A CA  1 
ATOM   419  C C   . THR A 1 57  ? -0.479  -0.068  -10.801 1.00 16.20 ? 57  THR A C   1 
ATOM   420  O O   . THR A 1 57  ? 0.429   -0.751  -10.330 1.00 16.22 ? 57  THR A O   1 
ATOM   421  C CB  . THR A 1 57  ? -2.830  -0.578  -10.000 1.00 16.39 ? 57  THR A CB  1 
ATOM   422  O OG1 . THR A 1 57  ? -3.850  -0.141  -9.092  1.00 16.45 ? 57  THR A OG1 1 
ATOM   423  C CG2 . THR A 1 57  ? -2.416  -2.010  -9.640  1.00 17.00 ? 57  THR A CG2 1 
ATOM   424  N N   . ALA A 1 58  ? -0.499  0.345   -12.067 1.00 15.82 ? 58  ALA A N   1 
ATOM   425  C CA  . ALA A 1 58  ? 0.591   0.032   -12.998 1.00 16.41 ? 58  ALA A CA  1 
ATOM   426  C C   . ALA A 1 58  ? 1.964   0.455   -12.474 1.00 16.21 ? 58  ALA A C   1 
ATOM   427  O O   . ALA A 1 58  ? 2.964   -0.217  -12.727 1.00 15.53 ? 58  ALA A O   1 
ATOM   428  C CB  . ALA A 1 58  ? 0.329   0.657   -14.370 1.00 16.37 ? 58  ALA A CB  1 
ATOM   429  N N   . ILE A 1 59  ? 2.014   1.571   -11.749 1.00 16.06 ? 59  ILE A N   1 
ATOM   430  C CA  . ILE A 1 59  ? 3.282   2.050   -11.204 1.00 16.30 ? 59  ILE A CA  1 
ATOM   431  C C   . ILE A 1 59  ? 3.783   1.064   -10.146 1.00 15.94 ? 59  ILE A C   1 
ATOM   432  O O   . ILE A 1 59  ? 4.975   0.740   -10.090 1.00 16.36 ? 59  ILE A O   1 
ATOM   433  C CB  . ILE A 1 59  ? 3.161   3.493   -10.643 1.00 15.59 ? 59  ILE A CB  1 
ATOM   434  C CG1 . ILE A 1 59  ? 2.902   4.482   -11.792 1.00 16.66 ? 59  ILE A CG1 1 
ATOM   435  C CG2 . ILE A 1 59  ? 4.401   3.882   -9.832  1.00 16.39 ? 59  ILE A CG2 1 
ATOM   436  C CD1 . ILE A 1 59  ? 2.398   5.848   -11.342 1.00 16.73 ? 59  ILE A CD1 1 
ATOM   437  N N   . VAL A 1 60  ? 2.862   0.569   -9.324  1.00 15.83 ? 60  VAL A N   1 
ATOM   438  C CA  . VAL A 1 60  ? 3.203   -0.425  -8.306  1.00 15.39 ? 60  VAL A CA  1 
ATOM   439  C C   . VAL A 1 60  ? 3.669   -1.722  -8.977  1.00 15.70 ? 60  VAL A C   1 
ATOM   440  O O   . VAL A 1 60  ? 4.648   -2.343  -8.544  1.00 15.26 ? 60  VAL A O   1 
ATOM   441  C CB  . VAL A 1 60  ? 2.025   -0.666  -7.347  1.00 15.40 ? 60  VAL A CB  1 
ATOM   442  C CG1 . VAL A 1 60  ? 2.443   -1.586  -6.213  1.00 15.46 ? 60  VAL A CG1 1 
ATOM   443  C CG2 . VAL A 1 60  ? 1.550   0.672   -6.781  1.00 14.59 ? 60  VAL A CG2 1 
ATOM   444  N N   . GLU A 1 61  ? 2.983   -2.110  -10.051 1.00 15.69 ? 61  GLU A N   1 
ATOM   445  C CA  . GLU A 1 61  ? 3.404   -3.264  -10.852 1.00 16.54 ? 61  GLU A CA  1 
ATOM   446  C C   . GLU A 1 61  ? 4.807   -3.069  -11.437 1.00 16.26 ? 61  GLU A C   1 
ATOM   447  O O   . GLU A 1 61  ? 5.616   -4.001  -11.441 1.00 16.44 ? 61  GLU A O   1 
ATOM   448  C CB  . GLU A 1 61  ? 2.370   -3.586  -11.933 1.00 16.40 ? 61  GLU A CB  1 
ATOM   449  C CG  . GLU A 1 61  ? 1.037   -4.048  -11.332 1.00 16.70 ? 61  GLU A CG  1 
ATOM   450  C CD  . GLU A 1 61  ? -0.049  -4.294  -12.366 1.00 18.62 ? 61  GLU A CD  1 
ATOM   451  O OE1 . GLU A 1 61  ? 0.142   -3.946  -13.549 1.00 22.54 ? 61  GLU A OE1 1 
ATOM   452  O OE2 . GLU A 1 61  ? -1.099  -4.850  -11.981 1.00 20.56 ? 61  GLU A OE2 1 
ATOM   453  N N   . GLY A 1 62  ? 5.104   -1.850  -11.885 1.00 16.45 ? 62  GLY A N   1 
ATOM   454  C CA  . GLY A 1 62  ? 6.454   -1.492  -12.344 1.00 16.28 ? 62  GLY A CA  1 
ATOM   455  C C   . GLY A 1 62  ? 7.514   -1.655  -11.263 1.00 16.20 ? 62  GLY A C   1 
ATOM   456  O O   . GLY A 1 62  ? 8.625   -2.120  -11.535 1.00 16.27 ? 62  GLY A O   1 
ATOM   457  N N   . LEU A 1 63  ? 7.166   -1.284  -10.031 1.00 15.70 ? 63  LEU A N   1 
ATOM   458  C CA  . LEU A 1 63  ? 8.054   -1.451  -8.889  1.00 16.15 ? 63  LEU A CA  1 
ATOM   459  C C   . LEU A 1 63  ? 8.324   -2.939  -8.635  1.00 15.73 ? 63  LEU A C   1 
ATOM   460  O O   . LEU A 1 63  ? 9.470   -3.341  -8.427  1.00 15.31 ? 63  LEU A O   1 
ATOM   461  C CB  . LEU A 1 63  ? 7.469   -0.760  -7.642  1.00 16.37 ? 63  LEU A CB  1 
ATOM   462  C CG  . LEU A 1 63  ? 8.102   -1.031  -6.269  1.00 17.57 ? 63  LEU A CG  1 
ATOM   463  C CD1 . LEU A 1 63  ? 9.575   -0.627  -6.227  1.00 20.03 ? 63  LEU A CD1 1 
ATOM   464  C CD2 . LEU A 1 63  ? 7.311   -0.357  -5.144  1.00 17.58 ? 63  LEU A CD2 1 
ATOM   465  N N   . ALA A 1 64  ? 7.266   -3.747  -8.671  1.00 15.32 ? 64  ALA A N   1 
ATOM   466  C CA  . ALA A 1 64  ? 7.391   -5.191  -8.519  1.00 15.25 ? 64  ALA A CA  1 
ATOM   467  C C   . ALA A 1 64  ? 8.377   -5.751  -9.553  1.00 15.26 ? 64  ALA A C   1 
ATOM   468  O O   . ALA A 1 64  ? 9.282   -6.533  -9.218  1.00 15.08 ? 64  ALA A O   1 
ATOM   469  C CB  . ALA A 1 64  ? 6.037   -5.849  -8.662  1.00 15.68 ? 64  ALA A CB  1 
ATOM   470  N N   . ILE A 1 65  ? 8.222   -5.299  -10.796 1.00 15.35 ? 65  ILE A N   1 
ATOM   471  C CA  . ILE A 1 65  ? 9.106   -5.701  -11.893 1.00 16.09 ? 65  ILE A CA  1 
ATOM   472  C C   . ILE A 1 65  ? 10.573  -5.365  -11.591 1.00 16.16 ? 65  ILE A C   1 
ATOM   473  O O   . ILE A 1 65  ? 11.469  -6.201  -11.767 1.00 16.15 ? 65  ILE A O   1 
ATOM   474  C CB  . ILE A 1 65  ? 8.630   -5.082  -13.233 1.00 15.94 ? 65  ILE A CB  1 
ATOM   475  C CG1 . ILE A 1 65  ? 7.329   -5.762  -13.684 1.00 15.89 ? 65  ILE A CG1 1 
ATOM   476  C CG2 . ILE A 1 65  ? 9.726   -5.175  -14.309 1.00 16.31 ? 65  ILE A CG2 1 
ATOM   477  C CD1 . ILE A 1 65  ? 6.682   -5.144  -14.915 1.00 16.78 ? 65  ILE A CD1 1 
ATOM   478  N N   . LYS A 1 66  ? 10.815  -4.144  -11.126 1.00 16.52 ? 66  LYS A N   1 
ATOM   479  C CA  . LYS A 1 66  ? 12.175  -3.730  -10.791 1.00 16.87 ? 66  LYS A CA  1 
ATOM   480  C C   . LYS A 1 66  ? 12.747  -4.560  -9.647  1.00 16.57 ? 66  LYS A C   1 
ATOM   481  O O   . LYS A 1 66  ? 13.912  -4.958  -9.691  1.00 16.03 ? 66  LYS A O   1 
ATOM   482  C CB  . LYS A 1 66  ? 12.228  -2.238  -10.455 1.00 17.50 ? 66  LYS A CB  1 
ATOM   483  C CG  . LYS A 1 66  ? 11.991  -1.336  -11.652 1.00 18.98 ? 66  LYS A CG  1 
ATOM   484  C CD  . LYS A 1 66  ? 13.217  -1.268  -12.570 1.00 24.24 ? 66  LYS A CD  1 
ATOM   485  C CE  . LYS A 1 66  ? 14.227  -0.238  -12.053 1.00 26.62 ? 66  LYS A CE  1 
ATOM   486  N NZ  . LYS A 1 66  ? 15.282  0.111   -13.045 1.00 29.80 ? 66  LYS A NZ  1 
ATOM   487  N N   . ILE A 1 67  ? 11.928  -4.825  -8.631  1.00 16.25 ? 67  ILE A N   1 
ATOM   488  C CA  . ILE A 1 67  ? 12.371  -5.634  -7.490  1.00 16.07 ? 67  ILE A CA  1 
ATOM   489  C C   . ILE A 1 67  ? 12.866  -7.004  -7.946  1.00 16.49 ? 67  ILE A C   1 
ATOM   490  O O   . ILE A 1 67  ? 13.986  -7.402  -7.623  1.00 15.99 ? 67  ILE A O   1 
ATOM   491  C CB  . ILE A 1 67  ? 11.270  -5.790  -6.408  1.00 16.08 ? 67  ILE A CB  1 
ATOM   492  C CG1 . ILE A 1 67  ? 11.019  -4.438  -5.724  1.00 15.63 ? 67  ILE A CG1 1 
ATOM   493  C CG2 . ILE A 1 67  ? 11.673  -6.859  -5.386  1.00 15.93 ? 67  ILE A CG2 1 
ATOM   494  C CD1 . ILE A 1 67  ? 9.757   -4.394  -4.871  1.00 16.18 ? 67  ILE A CD1 1 
ATOM   495  N N   . VAL A 1 68  ? 12.037  -7.705  -8.720  1.00 16.65 ? 68  VAL A N   1 
ATOM   496  C CA  . VAL A 1 68  ? 12.345  -9.083  -9.104  1.00 17.42 ? 68  VAL A CA  1 
ATOM   497  C C   . VAL A 1 68  ? 13.536  -9.205  -10.067 1.00 18.16 ? 68  VAL A C   1 
ATOM   498  O O   . VAL A 1 68  ? 14.165  -10.262 -10.134 1.00 18.42 ? 68  VAL A O   1 
ATOM   499  C CB  . VAL A 1 68  ? 11.093  -9.873  -9.605  1.00 17.47 ? 68  VAL A CB  1 
ATOM   500  C CG1 . VAL A 1 68  ? 9.971   -9.797  -8.569  1.00 17.08 ? 68  VAL A CG1 1 
ATOM   501  C CG2 . VAL A 1 68  ? 10.605  -9.359  -10.942 1.00 17.85 ? 68  VAL A CG2 1 
ATOM   502  N N   . GLN A 1 69  ? 13.859  -8.132  -10.792 1.00 18.68 ? 69  GLN A N   1 
ATOM   503  C CA  . GLN A 1 69  ? 15.075  -8.151  -11.622 1.00 19.54 ? 69  GLN A CA  1 
ATOM   504  C C   . GLN A 1 69  ? 16.319  -7.686  -10.863 1.00 19.39 ? 69  GLN A C   1 
ATOM   505  O O   . GLN A 1 69  ? 17.412  -7.650  -11.432 1.00 19.57 ? 69  GLN A O   1 
ATOM   506  C CB  . GLN A 1 69  ? 14.893  -7.397  -12.948 1.00 20.02 ? 69  GLN A CB  1 
ATOM   507  C CG  . GLN A 1 69  ? 14.698  -5.902  -12.838 1.00 21.15 ? 69  GLN A CG  1 
ATOM   508  C CD  . GLN A 1 69  ? 14.129  -5.294  -14.111 1.00 21.28 ? 69  GLN A CD  1 
ATOM   509  O OE1 . GLN A 1 69  ? 13.334  -5.923  -14.813 1.00 24.60 ? 69  GLN A OE1 1 
ATOM   510  N NE2 . GLN A 1 69  ? 14.521  -4.054  -14.402 1.00 23.68 ? 69  GLN A NE2 1 
ATOM   511  N N   . GLY A 1 70  ? 16.138  -7.338  -9.586  1.00 19.48 ? 70  GLY A N   1 
ATOM   512  C CA  . GLY A 1 70  ? 17.240  -6.928  -8.712  1.00 20.28 ? 70  GLY A CA  1 
ATOM   513  C C   . GLY A 1 70  ? 17.708  -5.501  -8.931  1.00 20.45 ? 70  GLY A C   1 
ATOM   514  O O   . GLY A 1 70  ? 18.773  -5.109  -8.457  1.00 20.93 ? 70  GLY A O   1 
ATOM   515  N N   . ASP A 1 71  ? 16.889  -4.725  -9.638  1.00 20.82 ? 71  ASP A N   1 
ATOM   516  C CA  . ASP A 1 71  ? 17.202  -3.360  -10.026 1.00 21.05 ? 71  ASP A CA  1 
ATOM   517  C C   . ASP A 1 71  ? 16.788  -2.357  -8.948  1.00 20.47 ? 71  ASP A C   1 
ATOM   518  O O   . ASP A 1 71  ? 16.163  -1.341  -9.250  1.00 20.79 ? 71  ASP A O   1 
ATOM   519  C CB  . ASP A 1 71  ? 16.446  -3.047  -11.317 1.00 22.10 ? 71  ASP A CB  1 
ATOM   520  C CG  . ASP A 1 71  ? 17.298  -2.371  -12.344 1.00 24.79 ? 71  ASP A CG  1 
ATOM   521  O OD1 . ASP A 1 71  ? 17.588  -3.027  -13.368 1.00 29.22 ? 71  ASP A OD1 1 
ATOM   522  O OD2 . ASP A 1 71  ? 17.675  -1.198  -12.142 1.00 27.59 ? 71  ASP A OD2 1 
ATOM   523  N N   . VAL A 1 72  ? 17.142  -2.643  -7.694  1.00 19.62 ? 72  VAL A N   1 
ATOM   524  C CA  . VAL A 1 72  ? 16.721  -1.835  -6.544  1.00 18.89 ? 72  VAL A CA  1 
ATOM   525  C C   . VAL A 1 72  ? 17.836  -1.789  -5.488  1.00 18.84 ? 72  VAL A C   1 
ATOM   526  O O   . VAL A 1 72  ? 18.720  -2.645  -5.490  1.00 17.78 ? 72  VAL A O   1 
ATOM   527  C CB  . VAL A 1 72  ? 15.420  -2.399  -5.882  1.00 18.95 ? 72  VAL A CB  1 
ATOM   528  C CG1 . VAL A 1 72  ? 14.203  -2.240  -6.804  1.00 17.99 ? 72  VAL A CG1 1 
ATOM   529  C CG2 . VAL A 1 72  ? 15.610  -3.849  -5.445  1.00 18.47 ? 72  VAL A CG2 1 
ATOM   530  N N   . PRO A 1 73  ? 17.789  -0.797  -4.571  1.00 18.99 ? 73  PRO A N   1 
ATOM   531  C CA  . PRO A 1 73  ? 18.775  -0.747  -3.488  1.00 19.15 ? 73  PRO A CA  1 
ATOM   532  C C   . PRO A 1 73  ? 18.613  -1.908  -2.511  1.00 19.50 ? 73  PRO A C   1 
ATOM   533  O O   . PRO A 1 73  ? 17.589  -2.601  -2.537  1.00 18.79 ? 73  PRO A O   1 
ATOM   534  C CB  . PRO A 1 73  ? 18.467  0.585   -2.786  1.00 19.30 ? 73  PRO A CB  1 
ATOM   535  C CG  . PRO A 1 73  ? 17.617  1.357   -3.746  1.00 19.64 ? 73  PRO A CG  1 
ATOM   536  C CD  . PRO A 1 73  ? 16.847  0.331   -4.497  1.00 19.24 ? 73  PRO A CD  1 
ATOM   537  N N   . ASP A 1 74  ? 19.621  -2.104  -1.657  1.00 19.73 ? 74  ASP A N   1 
ATOM   538  C CA  . ASP A 1 74  ? 19.599  -3.133  -0.613  1.00 20.37 ? 74  ASP A CA  1 
ATOM   539  C C   . ASP A 1 74  ? 18.295  -3.136  0.178   1.00 20.10 ? 74  ASP A C   1 
ATOM   540  O O   . ASP A 1 74  ? 17.804  -4.196  0.571   1.00 20.29 ? 74  ASP A O   1 
ATOM   541  C CB  . ASP A 1 74  ? 20.763  -2.928  0.355   1.00 20.87 ? 74  ASP A CB  1 
ATOM   542  C CG  . ASP A 1 74  ? 22.115  -3.159  -0.289  1.00 22.65 ? 74  ASP A CG  1 
ATOM   543  O OD1 . ASP A 1 74  ? 22.177  -3.772  -1.375  1.00 23.97 ? 74  ASP A OD1 1 
ATOM   544  O OD2 . ASP A 1 74  ? 23.123  -2.745  0.323   1.00 25.55 ? 74  ASP A OD2 1 
ATOM   545  N N   . SER A 1 75  ? 17.738  -1.947  0.395   1.00 19.93 ? 75  SER A N   1 
ATOM   546  C CA  . SER A 1 75  ? 16.487  -1.781  1.136   1.00 20.04 ? 75  SER A CA  1 
ATOM   547  C C   . SER A 1 75  ? 15.288  -2.527  0.531   1.00 19.53 ? 75  SER A C   1 
ATOM   548  O O   . SER A 1 75  ? 14.290  -2.756  1.223   1.00 19.18 ? 75  SER A O   1 
ATOM   549  C CB  . SER A 1 75  ? 16.154  -0.295  1.272   1.00 20.11 ? 75  SER A CB  1 
ATOM   550  O OG  . SER A 1 75  ? 15.843  0.269   0.007   1.00 22.21 ? 75  SER A OG  1 
ATOM   551  N N   . LEU A 1 76  ? 15.374  -2.891  -0.749  1.00 18.88 ? 76  LEU A N   1 
ATOM   552  C CA  . LEU A 1 76  ? 14.256  -3.546  -1.438  1.00 18.68 ? 76  LEU A CA  1 
ATOM   553  C C   . LEU A 1 76  ? 14.621  -4.875  -2.110  1.00 18.47 ? 76  LEU A C   1 
ATOM   554  O O   . LEU A 1 76  ? 13.739  -5.593  -2.596  1.00 18.08 ? 76  LEU A O   1 
ATOM   555  C CB  . LEU A 1 76  ? 13.619  -2.590  -2.463  1.00 18.65 ? 76  LEU A CB  1 
ATOM   556  C CG  . LEU A 1 76  ? 12.655  -1.509  -1.954  1.00 19.55 ? 76  LEU A CG  1 
ATOM   557  C CD1 . LEU A 1 76  ? 12.259  -0.570  -3.091  1.00 20.15 ? 76  LEU A CD1 1 
ATOM   558  C CD2 . LEU A 1 76  ? 11.410  -2.123  -1.319  1.00 19.52 ? 76  LEU A CD2 1 
ATOM   559  N N   . LYS A 1 77  ? 15.915  -5.192  -2.146  1.00 18.18 ? 77  LYS A N   1 
ATOM   560  C CA  . LYS A 1 77  ? 16.379  -6.442  -2.737  1.00 18.60 ? 77  LYS A CA  1 
ATOM   561  C C   . LYS A 1 77  ? 15.739  -7.630  -2.024  1.00 18.26 ? 77  LYS A C   1 
ATOM   562  O O   . LYS A 1 77  ? 15.779  -7.709  -0.792  1.00 18.66 ? 77  LYS A O   1 
ATOM   563  C CB  . LYS A 1 77  ? 17.903  -6.541  -2.640  1.00 19.17 ? 77  LYS A CB  1 
ATOM   564  C CG  . LYS A 1 77  ? 18.639  -5.555  -3.521  1.00 21.31 ? 77  LYS A CG  1 
ATOM   565  C CD  . LYS A 1 77  ? 20.145  -5.764  -3.451  1.00 24.14 ? 77  LYS A CD  1 
ATOM   566  C CE  . LYS A 1 77  ? 20.877  -4.717  -4.280  1.00 24.91 ? 77  LYS A CE  1 
ATOM   567  N NZ  . LYS A 1 77  ? 20.534  -4.814  -5.729  1.00 26.98 ? 77  LYS A NZ  1 
ATOM   568  N N   . GLY A 1 78  ? 15.143  -8.534  -2.802  1.00 18.01 ? 78  GLY A N   1 
ATOM   569  C CA  . GLY A 1 78  ? 14.561  -9.762  -2.269  1.00 17.85 ? 78  GLY A CA  1 
ATOM   570  C C   . GLY A 1 78  ? 13.209  -9.601  -1.591  1.00 17.68 ? 78  GLY A C   1 
ATOM   571  O O   . GLY A 1 78  ? 12.684  -10.557 -1.006  1.00 17.67 ? 78  GLY A O   1 
ATOM   572  N N   . ARG A 1 79  ? 12.638  -8.403  -1.668  1.00 17.13 ? 79  ARG A N   1 
ATOM   573  C CA  . ARG A 1 79  ? 11.347  -8.147  -1.031  1.00 17.44 ? 79  ARG A CA  1 
ATOM   574  C C   . ARG A 1 79  ? 10.174  -8.761  -1.781  1.00 17.43 ? 79  ARG A C   1 
ATOM   575  O O   . ARG A 1 79  ? 10.202  -8.915  -3.009  1.00 17.53 ? 79  ARG A O   1 
ATOM   576  C CB  . ARG A 1 79  ? 11.108  -6.646  -0.822  1.00 17.01 ? 79  ARG A CB  1 
ATOM   577  C CG  . ARG A 1 79  ? 11.541  -6.132  0.546   1.00 17.21 ? 79  ARG A CG  1 
ATOM   578  C CD  . ARG A 1 79  ? 13.021  -6.410  0.805   1.00 17.38 ? 79  ARG A CD  1 
ATOM   579  N NE  . ARG A 1 79  ? 13.476  -5.891  2.091   1.00 17.02 ? 79  ARG A NE  1 
ATOM   580  C CZ  . ARG A 1 79  ? 14.752  -5.684  2.408   1.00 18.69 ? 79  ARG A CZ  1 
ATOM   581  N NH1 . ARG A 1 79  ? 15.716  -5.927  1.527   1.00 18.50 ? 79  ARG A NH1 1 
ATOM   582  N NH2 . ARG A 1 79  ? 15.065  -5.210  3.608   1.00 18.59 ? 79  ARG A NH2 1 
ATOM   583  N N   . LYS A 1 80  ? 9.150   -9.119  -1.012  1.00 17.41 ? 80  LYS A N   1 
ATOM   584  C CA  . LYS A 1 80  ? 7.855   -9.505  -1.550  1.00 17.74 ? 80  LYS A CA  1 
ATOM   585  C C   . LYS A 1 80  ? 6.937   -8.285  -1.500  1.00 17.82 ? 80  LYS A C   1 
ATOM   586  O O   . LYS A 1 80  ? 6.843   -7.609  -0.473  1.00 18.14 ? 80  LYS A O   1 
ATOM   587  C CB  . LYS A 1 80  ? 7.272   -10.668 -0.737  1.00 18.05 ? 80  LYS A CB  1 
ATOM   588  C CG  . LYS A 1 80  ? 5.871   -11.104 -1.161  1.00 19.47 ? 80  LYS A CG  1 
ATOM   589  C CD  . LYS A 1 80  ? 5.561   -12.512 -0.670  1.00 22.90 ? 80  LYS A CD  1 
ATOM   590  C CE  . LYS A 1 80  ? 4.795   -12.524 0.628   1.00 25.19 ? 80  LYS A CE  1 
ATOM   591  N NZ  . LYS A 1 80  ? 4.173   -13.868 0.838   1.00 26.05 ? 80  LYS A NZ  1 
ATOM   592  N N   . LEU A 1 81  ? 6.276   -7.997  -2.615  1.00 17.36 ? 81  LEU A N   1 
ATOM   593  C CA  . LEU A 1 81  ? 5.354   -6.867  -2.694  1.00 17.29 ? 81  LEU A CA  1 
ATOM   594  C C   . LEU A 1 81  ? 3.927   -7.392  -2.859  1.00 17.73 ? 81  LEU A C   1 
ATOM   595  O O   . LEU A 1 81  ? 3.590   -7.996  -3.885  1.00 17.11 ? 81  LEU A O   1 
ATOM   596  C CB  . LEU A 1 81  ? 5.747   -5.927  -3.844  1.00 17.20 ? 81  LEU A CB  1 
ATOM   597  C CG  . LEU A 1 81  ? 4.931   -4.645  -4.055  1.00 17.04 ? 81  LEU A CG  1 
ATOM   598  C CD1 . LEU A 1 81  ? 4.825   -3.808  -2.793  1.00 18.35 ? 81  LEU A CD1 1 
ATOM   599  C CD2 . LEU A 1 81  ? 5.512   -3.816  -5.205  1.00 17.42 ? 81  LEU A CD2 1 
ATOM   600  N N   . VAL A 1 82  ? 3.104   -7.182  -1.832  1.00 18.02 ? 82  VAL A N   1 
ATOM   601  C CA  . VAL A 1 82  ? 1.719   -7.673  -1.854  1.00 18.74 ? 82  VAL A CA  1 
ATOM   602  C C   . VAL A 1 82  ? 0.723   -6.518  -1.911  1.00 18.93 ? 82  VAL A C   1 
ATOM   603  O O   . VAL A 1 82  ? 0.996   -5.429  -1.396  1.00 19.35 ? 82  VAL A O   1 
ATOM   604  C CB  . VAL A 1 82  ? 1.389   -8.609  -0.646  1.00 18.92 ? 82  VAL A CB  1 
ATOM   605  C CG1 . VAL A 1 82  ? 2.267   -9.849  -0.673  1.00 19.00 ? 82  VAL A CG1 1 
ATOM   606  C CG2 . VAL A 1 82  ? 1.531   -7.881  0.696   1.00 19.24 ? 82  VAL A CG2 1 
ATOM   607  N N   . SER A 1 83  ? -0.425  -6.755  -2.543  1.00 18.69 ? 83  SER A N   1 
ATOM   608  C CA  . SER A 1 83  ? -1.482  -5.746  -2.597  1.00 19.38 ? 83  SER A CA  1 
ATOM   609  C C   . SER A 1 83  ? -2.654  -6.211  -1.751  1.00 19.82 ? 83  SER A C   1 
ATOM   610  O O   . SER A 1 83  ? -3.244  -7.244  -2.037  1.00 19.56 ? 83  SER A O   1 
ATOM   611  C CB  . SER A 1 83  ? -1.931  -5.494  -4.034  1.00 19.28 ? 83  SER A CB  1 
ATOM   612  O OG  . SER A 1 83  ? -3.033  -4.596  -4.065  1.00 20.16 ? 83  SER A OG  1 
ATOM   613  N N   . LEU A 1 84  ? -2.983  -5.448  -0.716  1.00 20.58 ? 84  LEU A N   1 
ATOM   614  C CA  . LEU A 1 84  ? -4.024  -5.845  0.234   1.00 21.78 ? 84  LEU A CA  1 
ATOM   615  C C   . LEU A 1 84  ? -5.418  -5.782  -0.386  1.00 22.29 ? 84  LEU A C   1 
ATOM   616  O O   . LEU A 1 84  ? -5.794  -4.781  -0.993  1.00 22.40 ? 84  LEU A O   1 
ATOM   617  C CB  . LEU A 1 84  ? -3.968  -4.969  1.493   1.00 21.70 ? 84  LEU A CB  1 
ATOM   618  C CG  . LEU A 1 84  ? -4.983  -5.228  2.619   1.00 22.76 ? 84  LEU A CG  1 
ATOM   619  C CD1 . LEU A 1 84  ? -4.731  -6.559  3.325   1.00 24.53 ? 84  LEU A CD1 1 
ATOM   620  C CD2 . LEU A 1 84  ? -4.957  -4.076  3.617   1.00 22.37 ? 84  LEU A CD2 1 
ATOM   621  N N   . ASP A 1 85  ? -6.176  -6.862  -0.218  1.00 23.59 ? 85  ASP A N   1 
ATOM   622  C CA  . ASP A 1 85  ? -7.540  -6.956  -0.736  1.00 24.86 ? 85  ASP A CA  1 
ATOM   623  C C   . ASP A 1 85  ? -8.550  -6.784  0.403   1.00 25.63 ? 85  ASP A C   1 
ATOM   624  O O   . ASP A 1 85  ? -9.054  -7.763  0.965   1.00 25.65 ? 85  ASP A O   1 
ATOM   625  C CB  . ASP A 1 85  ? -7.756  -8.296  -1.456  1.00 25.30 ? 85  ASP A CB  1 
ATOM   626  C CG  . ASP A 1 85  ? -9.142  -8.415  -2.092  1.00 26.14 ? 85  ASP A CG  1 
ATOM   627  O OD1 . ASP A 1 85  ? -9.978  -7.504  -1.914  1.00 27.74 ? 85  ASP A OD1 1 
ATOM   628  O OD2 . ASP A 1 85  ? -9.402  -9.434  -2.768  1.00 27.02 ? 85  ASP A OD2 1 
ATOM   629  N N   . LEU A 1 86  ? -8.836  -5.525  0.731   1.00 26.44 ? 86  LEU A N   1 
ATOM   630  C CA  . LEU A 1 86  ? -9.727  -5.195  1.844   1.00 27.48 ? 86  LEU A CA  1 
ATOM   631  C C   . LEU A 1 86  ? -11.183 -5.585  1.614   1.00 27.81 ? 86  LEU A C   1 
ATOM   632  O O   . LEU A 1 86  ? -11.853 -6.034  2.546   1.00 27.96 ? 86  LEU A O   1 
ATOM   633  C CB  . LEU A 1 86  ? -9.641  -3.707  2.175   1.00 27.73 ? 86  LEU A CB  1 
ATOM   634  C CG  . LEU A 1 86  ? -8.419  -3.329  3.002   1.00 29.36 ? 86  LEU A CG  1 
ATOM   635  C CD1 . LEU A 1 86  ? -8.073  -1.883  2.761   1.00 30.92 ? 86  LEU A CD1 1 
ATOM   636  C CD2 . LEU A 1 86  ? -8.658  -3.583  4.487   1.00 30.77 ? 86  LEU A CD2 1 
ATOM   637  N N   . SER A 1 87  ? -11.665 -5.409  0.383   1.00 28.57 ? 87  SER A N   1 
ATOM   638  C CA  . SER A 1 87  ? -13.063 -5.719  0.054   1.00 29.38 ? 87  SER A CA  1 
ATOM   639  C C   . SER A 1 87  ? -13.409 -7.178  0.340   1.00 29.56 ? 87  SER A C   1 
ATOM   640  O O   . SER A 1 87  ? -14.496 -7.474  0.835   1.00 29.60 ? 87  SER A O   1 
ATOM   641  C CB  . SER A 1 87  ? -13.394 -5.347  -1.396  1.00 29.44 ? 87  SER A CB  1 
ATOM   642  O OG  . SER A 1 87  ? -12.549 -6.020  -2.314  1.00 30.92 ? 87  SER A OG  1 
ATOM   643  N N   . SER A 1 88  ? -12.471 -8.078  0.046   1.00 29.96 ? 88  SER A N   1 
ATOM   644  C CA  . SER A 1 88  ? -12.653 -9.504  0.310   1.00 30.34 ? 88  SER A CA  1 
ATOM   645  C C   . SER A 1 88  ? -12.647 -9.809  1.804   1.00 30.39 ? 88  SER A C   1 
ATOM   646  O O   . SER A 1 88  ? -13.403 -10.666 2.271   1.00 30.62 ? 88  SER A O   1 
ATOM   647  C CB  . SER A 1 88  ? -11.578 -10.318 -0.399  1.00 30.42 ? 88  SER A CB  1 
ATOM   648  O OG  . SER A 1 88  ? -11.693 -10.144 -1.799  1.00 31.27 ? 88  SER A OG  1 
ATOM   649  N N   . LEU A 1 89  ? -11.792 -9.107  2.543   1.00 30.40 ? 89  LEU A N   1 
ATOM   650  C CA  . LEU A 1 89  ? -11.749 -9.219  4.001   1.00 30.69 ? 89  LEU A CA  1 
ATOM   651  C C   . LEU A 1 89  ? -13.060 -8.747  4.626   1.00 30.55 ? 89  LEU A C   1 
ATOM   652  O O   . LEU A 1 89  ? -13.624 -9.424  5.487   1.00 30.62 ? 89  LEU A O   1 
ATOM   653  C CB  . LEU A 1 89  ? -10.574 -8.419  4.569   1.00 30.70 ? 89  LEU A CB  1 
ATOM   654  C CG  . LEU A 1 89  ? -10.317 -8.510  6.079   1.00 31.52 ? 89  LEU A CG  1 
ATOM   655  C CD1 . LEU A 1 89  ? -9.826  -9.892  6.485   1.00 32.15 ? 89  LEU A CD1 1 
ATOM   656  C CD2 . LEU A 1 89  ? -9.323  -7.435  6.506   1.00 31.16 ? 89  LEU A CD2 1 
ATOM   657  N N   . ILE A 1 90  ? -13.528 -7.581  4.190   1.00 30.64 ? 90  ILE A N   1 
ATOM   658  C CA  . ILE A 1 90  ? -14.778 -7.012  4.687   1.00 30.65 ? 90  ILE A CA  1 
ATOM   659  C C   . ILE A 1 90  ? -15.957 -7.935  4.378   1.00 31.03 ? 90  ILE A C   1 
ATOM   660  O O   . ILE A 1 90  ? -16.721 -8.287  5.278   1.00 30.98 ? 90  ILE A O   1 
ATOM   661  C CB  . ILE A 1 90  ? -15.016 -5.585  4.135   1.00 30.61 ? 90  ILE A CB  1 
ATOM   662  C CG1 . ILE A 1 90  ? -13.960 -4.624  4.696   1.00 30.22 ? 90  ILE A CG1 1 
ATOM   663  C CG2 . ILE A 1 90  ? -16.432 -5.088  4.478   1.00 30.22 ? 90  ILE A CG2 1 
ATOM   664  C CD1 . ILE A 1 90  ? -13.799 -3.336  3.905   1.00 31.10 ? 90  ILE A CD1 1 
ATOM   665  N N   . ALA A 1 91  ? -16.080 -8.342  3.114   1.00 31.20 ? 91  ALA A N   1 
ATOM   666  C CA  . ALA A 1 91  ? -17.186 -9.204  2.685   1.00 31.46 ? 91  ALA A CA  1 
ATOM   667  C C   . ALA A 1 91  ? -17.198 -10.553 3.407   1.00 31.56 ? 91  ALA A C   1 
ATOM   668  O O   . ALA A 1 91  ? -18.265 -11.134 3.623   1.00 31.82 ? 91  ALA A O   1 
ATOM   669  C CB  . ALA A 1 91  ? -17.161 -9.401  1.175   1.00 31.42 ? 91  ALA A CB  1 
ATOM   670  N N   . GLY A 1 92  ? -16.014 -11.034 3.791   1.00 31.50 ? 92  GLY A N   1 
ATOM   671  C CA  . GLY A 1 92  ? -15.870 -12.340 4.440   1.00 31.55 ? 92  GLY A CA  1 
ATOM   672  C C   . GLY A 1 92  ? -16.117 -12.353 5.941   1.00 31.66 ? 92  GLY A C   1 
ATOM   673  O O   . GLY A 1 92  ? -16.178 -13.421 6.555   1.00 31.78 ? 92  GLY A O   1 
ATOM   674  N N   . ALA A 1 93  ? -16.254 -11.167 6.531   1.00 31.52 ? 93  ALA A N   1 
ATOM   675  C CA  . ALA A 1 93  ? -16.482 -11.031 7.969   1.00 31.63 ? 93  ALA A CA  1 
ATOM   676  C C   . ALA A 1 93  ? -17.799 -10.318 8.242   1.00 31.69 ? 93  ALA A C   1 
ATOM   677  O O   . ALA A 1 93  ? -18.293 -9.557  7.404   1.00 31.90 ? 93  ALA A O   1 
ATOM   678  C CB  . ALA A 1 93  ? -15.327 -10.280 8.625   1.00 31.72 ? 93  ALA A CB  1 
ATOM   679  N N   . LYS A 1 94  ? -18.367 -10.559 9.418   1.00 31.69 ? 94  LYS A N   1 
ATOM   680  C CA  . LYS A 1 94  ? -19.616 -9.893  9.774   1.00 31.69 ? 94  LYS A CA  1 
ATOM   681  C C   . LYS A 1 94  ? -19.548 -9.117  11.089  1.00 30.97 ? 94  LYS A C   1 
ATOM   682  O O   . LYS A 1 94  ? -20.283 -8.148  11.268  1.00 31.38 ? 94  LYS A O   1 
ATOM   683  C CB  . LYS A 1 94  ? -20.791 -10.876 9.765   1.00 32.02 ? 94  LYS A CB  1 
ATOM   684  C CG  . LYS A 1 94  ? -22.093 -10.239 9.291   1.00 33.74 ? 94  LYS A CG  1 
ATOM   685  C CD  . LYS A 1 94  ? -23.048 -9.962  10.441  1.00 35.66 ? 94  LYS A CD  1 
ATOM   686  C CE  . LYS A 1 94  ? -24.229 -10.928 10.420  1.00 37.28 ? 94  LYS A CE  1 
ATOM   687  N NZ  . LYS A 1 94  ? -23.827 -12.365 10.510  1.00 38.86 ? 94  LYS A NZ  1 
ATOM   688  N N   . TYR A 1 95  ? -18.668 -9.539  12.000  1.00 29.86 ? 95  TYR A N   1 
ATOM   689  C CA  . TYR A 1 95  ? -18.519 -8.854  13.285  1.00 28.92 ? 95  TYR A CA  1 
ATOM   690  C C   . TYR A 1 95  ? -17.145 -8.229  13.466  1.00 27.76 ? 95  TYR A C   1 
ATOM   691  O O   . TYR A 1 95  ? -16.148 -8.749  12.958  1.00 27.56 ? 95  TYR A O   1 
ATOM   692  C CB  . TYR A 1 95  ? -18.822 -9.803  14.444  1.00 29.54 ? 95  TYR A CB  1 
ATOM   693  C CG  . TYR A 1 95  ? -20.162 -10.484 14.311  1.00 30.28 ? 95  TYR A CG  1 
ATOM   694  C CD1 . TYR A 1 95  ? -21.345 -9.751  14.401  1.00 31.01 ? 95  TYR A CD1 1 
ATOM   695  C CD2 . TYR A 1 95  ? -20.248 -11.857 14.082  1.00 31.19 ? 95  TYR A CD2 1 
ATOM   696  C CE1 . TYR A 1 95  ? -22.582 -10.366 14.275  1.00 31.05 ? 95  TYR A CE1 1 
ATOM   697  C CE2 . TYR A 1 95  ? -21.490 -12.489 13.955  1.00 31.39 ? 95  TYR A CE2 1 
ATOM   698  C CZ  . TYR A 1 95  ? -22.650 -11.731 14.054  1.00 31.54 ? 95  TYR A CZ  1 
ATOM   699  O OH  . TYR A 1 95  ? -23.883 -12.330 13.928  1.00 31.36 ? 95  TYR A OH  1 
ATOM   700  N N   . ARG A 1 96  ? -17.108 -7.123  14.209  1.00 26.46 ? 96  ARG A N   1 
ATOM   701  C CA  . ARG A 1 96  ? -15.882 -6.348  14.422  1.00 25.42 ? 96  ARG A CA  1 
ATOM   702  C C   . ARG A 1 96  ? -14.736 -7.196  14.982  1.00 25.22 ? 96  ARG A C   1 
ATOM   703  O O   . ARG A 1 96  ? -13.596 -7.091  14.523  1.00 24.68 ? 96  ARG A O   1 
ATOM   704  C CB  . ARG A 1 96  ? -16.154 -5.149  15.345  1.00 24.73 ? 96  ARG A CB  1 
ATOM   705  C CG  . ARG A 1 96  ? -14.986 -4.173  15.445  1.00 24.17 ? 96  ARG A CG  1 
ATOM   706  C CD  . ARG A 1 96  ? -15.387 -2.864  16.102  1.00 22.60 ? 96  ARG A CD  1 
ATOM   707  N NE  . ARG A 1 96  ? -15.393 -2.929  17.563  1.00 21.20 ? 96  ARG A NE  1 
ATOM   708  C CZ  . ARG A 1 96  ? -14.339 -2.674  18.338  1.00 21.41 ? 96  ARG A CZ  1 
ATOM   709  N NH1 . ARG A 1 96  ? -14.455 -2.747  19.662  1.00 20.62 ? 96  ARG A NH1 1 
ATOM   710  N NH2 . ARG A 1 96  ? -13.167 -2.356  17.801  1.00 19.49 ? 96  ARG A NH2 1 
ATOM   711  N N   . GLY A 1 97  ? -15.052 -8.032  15.967  1.00 25.25 ? 97  GLY A N   1 
ATOM   712  C CA  . GLY A 1 97  ? -14.059 -8.873  16.629  1.00 25.67 ? 97  GLY A CA  1 
ATOM   713  C C   . GLY A 1 97  ? -13.262 -9.759  15.691  1.00 25.85 ? 97  GLY A C   1 
ATOM   714  O O   . GLY A 1 97  ? -12.028 -9.728  15.699  1.00 25.84 ? 97  GLY A O   1 
ATOM   715  N N   . ASP A 1 98  ? -13.949 -10.566 14.888  1.00 25.72 ? 98  ASP A N   1 
ATOM   716  C CA  . ASP A 1 98  ? -13.229 -11.467 13.989  1.00 25.93 ? 98  ASP A CA  1 
ATOM   717  C C   . ASP A 1 98  ? -12.637 -10.758 12.765  1.00 24.97 ? 98  ASP A C   1 
ATOM   718  O O   . ASP A 1 98  ? -11.589 -11.164 12.267  1.00 25.04 ? 98  ASP A O   1 
ATOM   719  C CB  . ASP A 1 98  ? -14.056 -12.690 13.600  1.00 27.02 ? 98  ASP A CB  1 
ATOM   720  C CG  . ASP A 1 98  ? -15.482 -12.347 13.267  1.00 29.31 ? 98  ASP A CG  1 
ATOM   721  O OD1 . ASP A 1 98  ? -16.362 -12.660 14.100  1.00 33.92 ? 98  ASP A OD1 1 
ATOM   722  O OD2 . ASP A 1 98  ? -15.727 -11.775 12.183  1.00 32.94 ? 98  ASP A OD2 1 
ATOM   723  N N   . PHE A 1 99  ? -13.289 -9.688  12.310  1.00 23.79 ? 99  PHE A N   1 
ATOM   724  C CA  . PHE A 1 99  ? -12.723 -8.833  11.263  1.00 22.82 ? 99  PHE A CA  1 
ATOM   725  C C   . PHE A 1 99  ? -11.357 -8.316  11.707  1.00 22.40 ? 99  PHE A C   1 
ATOM   726  O O   . PHE A 1 99  ? -10.367 -8.460  10.991  1.00 21.94 ? 99  PHE A O   1 
ATOM   727  C CB  . PHE A 1 99  ? -13.660 -7.660  10.929  1.00 22.59 ? 99  PHE A CB  1 
ATOM   728  C CG  . PHE A 1 99  ? -13.055 -6.631  10.000  1.00 22.28 ? 99  PHE A CG  1 
ATOM   729  C CD1 . PHE A 1 99  ? -12.942 -6.882  8.631   1.00 21.92 ? 99  PHE A CD1 1 
ATOM   730  C CD2 . PHE A 1 99  ? -12.619 -5.398  10.492  1.00 21.20 ? 99  PHE A CD2 1 
ATOM   731  C CE1 . PHE A 1 99  ? -12.389 -5.927  7.769   1.00 21.76 ? 99  PHE A CE1 1 
ATOM   732  C CE2 . PHE A 1 99  ? -12.069 -4.434  9.644   1.00 21.40 ? 99  PHE A CE2 1 
ATOM   733  C CZ  . PHE A 1 99  ? -11.951 -4.699  8.278   1.00 22.57 ? 99  PHE A CZ  1 
ATOM   734  N N   . GLU A 1 100 ? -11.303 -7.740  12.904  1.00 22.04 ? 100 GLU A N   1 
ATOM   735  C CA  . GLU A 1 100 ? -10.062 -7.154  13.398  1.00 22.09 ? 100 GLU A CA  1 
ATOM   736  C C   . GLU A 1 100 ? -9.006  -8.213  13.703  1.00 22.64 ? 100 GLU A C   1 
ATOM   737  O O   . GLU A 1 100 ? -7.825  -8.000  13.446  1.00 22.62 ? 100 GLU A O   1 
ATOM   738  C CB  . GLU A 1 100 ? -10.319 -6.258  14.611  1.00 22.04 ? 100 GLU A CB  1 
ATOM   739  C CG  . GLU A 1 100 ? -11.068 -4.983  14.253  1.00 21.21 ? 100 GLU A CG  1 
ATOM   740  C CD  . GLU A 1 100 ? -11.177 -4.000  15.401  1.00 20.96 ? 100 GLU A CD  1 
ATOM   741  O OE1 . GLU A 1 100 ? -10.537 -4.207  16.453  1.00 21.00 ? 100 GLU A OE1 1 
ATOM   742  O OE2 . GLU A 1 100 ? -11.902 -3.004  15.237  1.00 20.78 ? 100 GLU A OE2 1 
ATOM   743  N N   . GLU A 1 101 ? -9.437  -9.363  14.213  1.00 23.11 ? 101 GLU A N   1 
ATOM   744  C CA  . GLU A 1 101 ? -8.514  -10.470 14.469  1.00 23.94 ? 101 GLU A CA  1 
ATOM   745  C C   . GLU A 1 101 ? -7.883  -10.996 13.177  1.00 24.08 ? 101 GLU A C   1 
ATOM   746  O O   . GLU A 1 101 ? -6.676  -11.267 13.133  1.00 24.46 ? 101 GLU A O   1 
ATOM   747  C CB  . GLU A 1 101 ? -9.206  -11.592 15.237  1.00 23.98 ? 101 GLU A CB  1 
ATOM   748  C CG  . GLU A 1 101 ? -9.311  -11.331 16.741  1.00 25.19 ? 101 GLU A CG  1 
ATOM   749  N N   . ARG A 1 102 ? -8.692  -11.118 12.127  1.00 24.20 ? 102 ARG A N   1 
ATOM   750  C CA  . ARG A 1 102 ? -8.192  -11.553 10.825  1.00 24.46 ? 102 ARG A CA  1 
ATOM   751  C C   . ARG A 1 102 ? -7.254  -10.506 10.217  1.00 23.97 ? 102 ARG A C   1 
ATOM   752  O O   . ARG A 1 102 ? -6.200  -10.848 9.677   1.00 23.88 ? 102 ARG A O   1 
ATOM   753  C CB  . ARG A 1 102 ? -9.341  -11.893 9.874   1.00 24.94 ? 102 ARG A CB  1 
ATOM   754  C CG  . ARG A 1 102 ? -10.147 -13.108 10.312  1.00 27.01 ? 102 ARG A CG  1 
ATOM   755  C CD  . ARG A 1 102 ? -10.922 -13.721 9.158   1.00 31.05 ? 102 ARG A CD  1 
ATOM   756  N NE  . ARG A 1 102 ? -12.036 -14.529 9.649   1.00 33.91 ? 102 ARG A NE  1 
ATOM   757  C CZ  . ARG A 1 102 ? -13.310 -14.345 9.311   1.00 35.19 ? 102 ARG A CZ  1 
ATOM   758  N NH1 . ARG A 1 102 ? -13.649 -13.390 8.453   1.00 35.27 ? 102 ARG A NH1 1 
ATOM   759  N NH2 . ARG A 1 102 ? -14.249 -15.134 9.823   1.00 36.06 ? 102 ARG A NH2 1 
ATOM   760  N N   . LEU A 1 103 ? -7.621  -9.235  10.335  1.00 23.30 ? 103 LEU A N   1 
ATOM   761  C CA  . LEU A 1 103 ? -6.779  -8.152  9.830   1.00 22.98 ? 103 LEU A CA  1 
ATOM   762  C C   . LEU A 1 103 ? -5.461  -8.059  10.602  1.00 23.34 ? 103 LEU A C   1 
ATOM   763  O O   . LEU A 1 103 ? -4.397  -7.874  10.001  1.00 22.98 ? 103 LEU A O   1 
ATOM   764  C CB  . LEU A 1 103 ? -7.531  -6.818  9.852   1.00 22.92 ? 103 LEU A CB  1 
ATOM   765  C CG  . LEU A 1 103 ? -6.825  -5.567  9.319   1.00 22.63 ? 103 LEU A CG  1 
ATOM   766  C CD1 . LEU A 1 103 ? -6.310  -5.741  7.889   1.00 22.84 ? 103 LEU A CD1 1 
ATOM   767  C CD2 . LEU A 1 103 ? -7.755  -4.375  9.409   1.00 22.76 ? 103 LEU A CD2 1 
ATOM   768  N N   . LYS A 1 104 ? -5.534  -8.189  11.926  1.00 23.40 ? 104 LYS A N   1 
ATOM   769  C CA  . LYS A 1 104 ? -4.328  -8.239  12.756  1.00 24.29 ? 104 LYS A CA  1 
ATOM   770  C C   . LYS A 1 104 ? -3.432  -9.419  12.399  1.00 24.46 ? 104 LYS A C   1 
ATOM   771  O O   . LYS A 1 104 ? -2.206  -9.286  12.390  1.00 24.68 ? 104 LYS A O   1 
ATOM   772  C CB  . LYS A 1 104 ? -4.682  -8.287  14.241  1.00 24.40 ? 104 LYS A CB  1 
ATOM   773  C CG  . LYS A 1 104 ? -5.001  -6.927  14.839  1.00 25.70 ? 104 LYS A CG  1 
ATOM   774  C CD  . LYS A 1 104 ? -5.237  -7.009  16.339  1.00 27.22 ? 104 LYS A CD  1 
ATOM   775  C CE  . LYS A 1 104 ? -6.645  -7.489  16.678  1.00 28.23 ? 104 LYS A CE  1 
ATOM   776  N NZ  . LYS A 1 104 ? -6.829  -7.690  18.152  1.00 27.93 ? 104 LYS A NZ  1 
ATOM   777  N N   . SER A 1 105 ? -4.043  -10.562 12.094  1.00 24.64 ? 105 SER A N   1 
ATOM   778  C CA  . SER A 1 105 ? -3.288  -11.765 11.733  1.00 25.43 ? 105 SER A CA  1 
ATOM   779  C C   . SER A 1 105 ? -2.510  -11.573 10.423  1.00 25.27 ? 105 SER A C   1 
ATOM   780  O O   . SER A 1 105 ? -1.343  -11.965 10.324  1.00 25.42 ? 105 SER A O   1 
ATOM   781  C CB  . SER A 1 105 ? -4.207  -12.989 11.665  1.00 25.54 ? 105 SER A CB  1 
ATOM   782  O OG  . SER A 1 105 ? -5.042  -12.948 10.521  1.00 27.46 ? 105 SER A OG  1 
ATOM   783  N N   . ILE A 1 106 ? -3.164  -10.959 9.438   1.00 24.89 ? 106 ILE A N   1 
ATOM   784  C CA  . ILE A 1 106 ? -2.545  -10.646 8.146   1.00 24.96 ? 106 ILE A CA  1 
ATOM   785  C C   . ILE A 1 106 ? -1.386  -9.668  8.343   1.00 24.62 ? 106 ILE A C   1 
ATOM   786  O O   . ILE A 1 106 ? -0.288  -9.873  7.823   1.00 24.45 ? 106 ILE A O   1 
ATOM   787  C CB  . ILE A 1 106 ? -3.590  -10.068 7.152   1.00 24.92 ? 106 ILE A CB  1 
ATOM   788  C CG1 . ILE A 1 106 ? -4.617  -11.143 6.777   1.00 26.04 ? 106 ILE A CG1 1 
ATOM   789  C CG2 . ILE A 1 106 ? -2.912  -9.491  5.896   1.00 25.24 ? 106 ILE A CG2 1 
ATOM   790  C CD1 . ILE A 1 106 ? -5.946  -10.596 6.292   1.00 26.77 ? 106 ILE A CD1 1 
ATOM   791  N N   . LEU A 1 107 ? -1.631  -8.617  9.118   1.00 24.52 ? 107 LEU A N   1 
ATOM   792  C CA  . LEU A 1 107 ? -0.641  -7.566  9.311   1.00 24.65 ? 107 LEU A CA  1 
ATOM   793  C C   . LEU A 1 107 ? 0.517   -7.983  10.222  1.00 25.09 ? 107 LEU A C   1 
ATOM   794  O O   . LEU A 1 107 ? 1.650   -7.530  10.033  1.00 25.55 ? 107 LEU A O   1 
ATOM   795  C CB  . LEU A 1 107 ? -1.315  -6.275  9.789   1.00 24.30 ? 107 LEU A CB  1 
ATOM   796  C CG  . LEU A 1 107 ? -2.317  -5.682  8.789   1.00 23.94 ? 107 LEU A CG  1 
ATOM   797  C CD1 . LEU A 1 107 ? -3.108  -4.557  9.434   1.00 23.06 ? 107 LEU A CD1 1 
ATOM   798  C CD2 . LEU A 1 107 ? -1.648  -5.199  7.503   1.00 23.09 ? 107 LEU A CD2 1 
ATOM   799  N N   . LYS A 1 108 ? 0.246   -8.870  11.181  1.00 25.31 ? 108 LYS A N   1 
ATOM   800  C CA  . LYS A 1 108 ? 1.307   -9.436  12.017  1.00 25.53 ? 108 LYS A CA  1 
ATOM   801  C C   . LYS A 1 108 ? 2.295   -10.251 11.173  1.00 25.62 ? 108 LYS A C   1 
ATOM   802  O O   . LYS A 1 108 ? 3.507   -10.173 11.388  1.00 25.44 ? 108 LYS A O   1 
ATOM   803  C CB  . LYS A 1 108 ? 0.722   -10.288 13.150  1.00 25.78 ? 108 LYS A CB  1 
ATOM   804  C CG  . LYS A 1 108 ? 1.721   -10.681 14.234  1.00 25.92 ? 108 LYS A CG  1 
ATOM   805  C CD  . LYS A 1 108 ? 1.061   -11.522 15.321  1.00 25.83 ? 108 LYS A CD  1 
ATOM   806  N N   . GLU A 1 109 ? 1.769   -11.015 10.215  1.00 25.66 ? 109 GLU A N   1 
ATOM   807  C CA  . GLU A 1 109 ? 2.585   -11.776 9.256   1.00 25.84 ? 109 GLU A CA  1 
ATOM   808  C C   . GLU A 1 109 ? 3.542   -10.850 8.492   1.00 25.74 ? 109 GLU A C   1 
ATOM   809  O O   . GLU A 1 109 ? 4.727   -11.165 8.320   1.00 25.63 ? 109 GLU A O   1 
ATOM   810  C CB  . GLU A 1 109 ? 1.682   -12.552 8.288   1.00 26.05 ? 109 GLU A CB  1 
ATOM   811  C CG  . GLU A 1 109 ? 2.415   -13.401 7.249   1.00 26.57 ? 109 GLU A CG  1 
ATOM   812  N N   . VAL A 1 110 ? 3.023   -9.708  8.047   1.00 25.36 ? 110 VAL A N   1 
ATOM   813  C CA  . VAL A 1 110 ? 3.845   -8.681  7.411   1.00 25.43 ? 110 VAL A CA  1 
ATOM   814  C C   . VAL A 1 110 ? 4.906   -8.165  8.387   1.00 25.56 ? 110 VAL A C   1 
ATOM   815  O O   . VAL A 1 110 ? 6.093   -8.163  8.062   1.00 25.68 ? 110 VAL A O   1 
ATOM   816  C CB  . VAL A 1 110 ? 2.996   -7.511  6.849   1.00 25.16 ? 110 VAL A CB  1 
ATOM   817  C CG1 . VAL A 1 110 ? 3.895   -6.417  6.293   1.00 25.30 ? 110 VAL A CG1 1 
ATOM   818  C CG2 . VAL A 1 110 ? 2.047   -8.014  5.772   1.00 25.19 ? 110 VAL A CG2 1 
ATOM   819  N N   . GLN A 1 111 ? 4.477   -7.755  9.583   1.00 25.75 ? 111 GLN A N   1 
ATOM   820  C CA  . GLN A 1 111 ? 5.399   -7.248  10.613  1.00 26.15 ? 111 GLN A CA  1 
ATOM   821  C C   . GLN A 1 111 ? 6.487   -8.238  11.030  1.00 25.42 ? 111 GLN A C   1 
ATOM   822  O O   . GLN A 1 111 ? 7.644   -7.848  11.202  1.00 25.42 ? 111 GLN A O   1 
ATOM   823  C CB  . GLN A 1 111 ? 4.638   -6.740  11.843  1.00 26.18 ? 111 GLN A CB  1 
ATOM   824  C CG  . GLN A 1 111 ? 4.832   -5.254  12.105  1.00 27.83 ? 111 GLN A CG  1 
ATOM   825  C CD  . GLN A 1 111 ? 4.223   -4.805  13.419  1.00 27.87 ? 111 GLN A CD  1 
ATOM   826  O OE1 . GLN A 1 111 ? 3.004   -4.657  13.531  1.00 31.22 ? 111 GLN A OE1 1 
ATOM   827  N NE2 . GLN A 1 111 ? 5.068   -4.581  14.420  1.00 29.42 ? 111 GLN A NE2 1 
ATOM   828  N N   . ASP A 1 112 ? 6.112   -9.509  11.182  1.00 24.55 ? 112 ASP A N   1 
ATOM   829  C CA  . ASP A 1 112 ? 7.052   -10.578 11.530  1.00 24.32 ? 112 ASP A CA  1 
ATOM   830  C C   . ASP A 1 112 ? 8.136   -10.776 10.468  1.00 23.44 ? 112 ASP A C   1 
ATOM   831  O O   . ASP A 1 112 ? 9.232   -11.253 10.774  1.00 23.47 ? 112 ASP A O   1 
ATOM   832  C CB  . ASP A 1 112 ? 6.307   -11.900 11.772  1.00 24.92 ? 112 ASP A CB  1 
ATOM   833  C CG  . ASP A 1 112 ? 5.626   -11.959 13.139  1.00 26.38 ? 112 ASP A CG  1 
ATOM   834  O OD1 . ASP A 1 112 ? 5.796   -11.029 13.956  1.00 29.31 ? 112 ASP A OD1 1 
ATOM   835  O OD2 . ASP A 1 112 ? 4.914   -12.951 13.399  1.00 29.27 ? 112 ASP A OD2 1 
ATOM   836  N N   . ALA A 1 113 ? 7.827   -10.398 9.229   1.00 22.14 ? 113 ALA A N   1 
ATOM   837  C CA  . ALA A 1 113 ? 8.792   -10.452 8.128   1.00 20.92 ? 113 ALA A CA  1 
ATOM   838  C C   . ALA A 1 113 ? 9.843   -9.334  8.209   1.00 20.38 ? 113 ALA A C   1 
ATOM   839  O O   . ALA A 1 113 ? 10.789  -9.302  7.415   1.00 19.98 ? 113 ALA A O   1 
ATOM   840  C CB  . ALA A 1 113 ? 8.067   -10.410 6.790   1.00 21.05 ? 113 ALA A CB  1 
ATOM   841  N N   . GLU A 1 114 ? 9.649   -8.416  9.152   1.00 19.54 ? 114 GLU A N   1 
ATOM   842  C CA  . GLU A 1 114 ? 10.599  -7.333  9.450   1.00 19.20 ? 114 GLU A CA  1 
ATOM   843  C C   . GLU A 1 114 ? 11.138  -6.585  8.225   1.00 18.78 ? 114 GLU A C   1 
ATOM   844  O O   . GLU A 1 114 ? 12.344  -6.323  8.122   1.00 18.85 ? 114 GLU A O   1 
ATOM   845  C CB  . GLU A 1 114 ? 11.757  -7.856  10.309  1.00 19.43 ? 114 GLU A CB  1 
ATOM   846  C CG  . GLU A 1 114 ? 11.334  -8.318  11.703  1.00 19.76 ? 114 GLU A CG  1 
ATOM   847  C CD  . GLU A 1 114 ? 12.501  -8.792  12.526  1.00 21.30 ? 114 GLU A CD  1 
ATOM   848  O OE1 . GLU A 1 114 ? 13.634  -8.352  12.241  1.00 21.87 ? 114 GLU A OE1 1 
ATOM   849  O OE2 . GLU A 1 114 ? 12.287  -9.611  13.447  1.00 20.03 ? 114 GLU A OE2 1 
ATOM   850  N N   . GLY A 1 115 ? 10.245  -6.240  7.308   1.00 17.94 ? 115 GLY A N   1 
ATOM   851  C CA  . GLY A 1 115 ? 10.620  -5.424  6.153   1.00 17.70 ? 115 GLY A CA  1 
ATOM   852  C C   . GLY A 1 115 ? 10.915  -6.208  4.888   1.00 17.54 ? 115 GLY A C   1 
ATOM   853  O O   . GLY A 1 115 ? 11.226  -5.620  3.851   1.00 17.44 ? 115 GLY A O   1 
ATOM   854  N N   . GLN A 1 116 ? 10.807  -7.533  4.971   1.00 17.85 ? 116 GLN A N   1 
ATOM   855  C CA  . GLN A 1 116 ? 10.961  -8.401  3.799   1.00 17.81 ? 116 GLN A CA  1 
ATOM   856  C C   . GLN A 1 116 ? 9.683   -8.430  2.958   1.00 17.88 ? 116 GLN A C   1 
ATOM   857  O O   . GLN A 1 116 ? 9.683   -8.921  1.823   1.00 17.62 ? 116 GLN A O   1 
ATOM   858  C CB  . GLN A 1 116 ? 11.366  -9.818  4.215   1.00 18.28 ? 116 GLN A CB  1 
ATOM   859  C CG  . GLN A 1 116 ? 12.787  -9.917  4.773   1.00 19.56 ? 116 GLN A CG  1 
ATOM   860  C CD  . GLN A 1 116 ? 13.849  -9.526  3.765   1.00 22.28 ? 116 GLN A CD  1 
ATOM   861  O OE1 . GLN A 1 116 ? 13.793  -9.921  2.595   1.00 23.80 ? 116 GLN A OE1 1 
ATOM   862  N NE2 . GLN A 1 116 ? 14.829  -8.747  4.214   1.00 23.89 ? 116 GLN A NE2 1 
ATOM   863  N N   . VAL A 1 117 ? 8.597   -7.924  3.543   1.00 17.62 ? 117 VAL A N   1 
ATOM   864  C CA  . VAL A 1 117 ? 7.319   -7.781  2.855   1.00 17.62 ? 117 VAL A CA  1 
ATOM   865  C C   . VAL A 1 117 ? 6.897   -6.313  2.830   1.00 17.81 ? 117 VAL A C   1 
ATOM   866  O O   . VAL A 1 117 ? 6.843   -5.652  3.874   1.00 18.20 ? 117 VAL A O   1 
ATOM   867  C CB  . VAL A 1 117 ? 6.198   -8.659  3.494   1.00 17.66 ? 117 VAL A CB  1 
ATOM   868  C CG1 . VAL A 1 117 ? 4.844   -8.376  2.840   1.00 18.16 ? 117 VAL A CG1 1 
ATOM   869  C CG2 . VAL A 1 117 ? 6.536   -10.143 3.361   1.00 17.69 ? 117 VAL A CG2 1 
ATOM   870  N N   . VAL A 1 118 ? 6.608   -5.817  1.627   1.00 17.64 ? 118 VAL A N   1 
ATOM   871  C CA  . VAL A 1 118 ? 6.100   -4.460  1.419   1.00 17.65 ? 118 VAL A CA  1 
ATOM   872  C C   . VAL A 1 118 ? 4.642   -4.571  0.981   1.00 17.32 ? 118 VAL A C   1 
ATOM   873  O O   . VAL A 1 118 ? 4.298   -5.439  0.176   1.00 16.82 ? 118 VAL A O   1 
ATOM   874  C CB  . VAL A 1 118 ? 6.932   -3.701  0.352   1.00 17.65 ? 118 VAL A CB  1 
ATOM   875  C CG1 . VAL A 1 118 ? 6.397   -2.271  0.144   1.00 17.45 ? 118 VAL A CG1 1 
ATOM   876  C CG2 . VAL A 1 118 ? 8.407   -3.673  0.749   1.00 18.72 ? 118 VAL A CG2 1 
ATOM   877  N N   . MET A 1 119 ? 3.782   -3.718  1.529   1.00 16.93 ? 119 MET A N   1 
ATOM   878  C CA  . MET A 1 119 ? 2.351   -3.806  1.251   1.00 17.56 ? 119 MET A CA  1 
ATOM   879  C C   . MET A 1 119 ? 1.810   -2.600  0.488   1.00 16.79 ? 119 MET A C   1 
ATOM   880  O O   . MET A 1 119 ? 1.980   -1.454  0.914   1.00 17.31 ? 119 MET A O   1 
ATOM   881  C CB  . MET A 1 119 ? 1.567   -3.996  2.556   1.00 17.50 ? 119 MET A CB  1 
ATOM   882  C CG  . MET A 1 119 ? 0.068   -4.040  2.365   1.00 18.93 ? 119 MET A CG  1 
ATOM   883  S SD  . MET A 1 119 ? -0.737  -4.708  3.829   1.00 20.86 ? 119 MET A SD  1 
ATOM   884  C CE  . MET A 1 119 ? -0.669  -6.473  3.507   1.00 20.60 ? 119 MET A CE  1 
ATOM   885  N N   . PHE A 1 120 ? 1.146   -2.872  -0.632  1.00 15.93 ? 120 PHE A N   1 
ATOM   886  C CA  . PHE A 1 120 ? 0.408   -1.854  -1.369  1.00 15.59 ? 120 PHE A CA  1 
ATOM   887  C C   . PHE A 1 120 ? -1.033  -1.817  -0.900  1.00 15.64 ? 120 PHE A C   1 
ATOM   888  O O   . PHE A 1 120 ? -1.718  -2.843  -0.924  1.00 15.37 ? 120 PHE A O   1 
ATOM   889  C CB  . PHE A 1 120 ? 0.454   -2.113  -2.878  1.00 15.40 ? 120 PHE A CB  1 
ATOM   890  C CG  . PHE A 1 120 ? -0.427  -1.187  -3.692  1.00 15.15 ? 120 PHE A CG  1 
ATOM   891  C CD1 . PHE A 1 120 ? -0.352  0.202   -3.540  1.00 14.38 ? 120 PHE A CD1 1 
ATOM   892  C CD2 . PHE A 1 120 ? -1.316  -1.705  -4.626  1.00 15.58 ? 120 PHE A CD2 1 
ATOM   893  C CE1 . PHE A 1 120 ? -1.158  1.059   -4.294  1.00 15.87 ? 120 PHE A CE1 1 
ATOM   894  C CE2 . PHE A 1 120 ? -2.131  -0.854  -5.390  1.00 14.99 ? 120 PHE A CE2 1 
ATOM   895  C CZ  . PHE A 1 120 ? -2.052  0.527   -5.221  1.00 15.90 ? 120 PHE A CZ  1 
ATOM   896  N N   . ILE A 1 121 ? -1.493  -0.634  -0.496  1.00 15.60 ? 121 ILE A N   1 
ATOM   897  C CA  . ILE A 1 121 ? -2.907  -0.445  -0.156  1.00 16.49 ? 121 ILE A CA  1 
ATOM   898  C C   . ILE A 1 121 ? -3.540  0.599   -1.066  1.00 16.55 ? 121 ILE A C   1 
ATOM   899  O O   . ILE A 1 121 ? -3.280  1.797   -0.942  1.00 16.04 ? 121 ILE A O   1 
ATOM   900  C CB  . ILE A 1 121 ? -3.133  -0.038  1.320   1.00 16.47 ? 121 ILE A CB  1 
ATOM   901  C CG1 . ILE A 1 121 ? -2.433  -1.013  2.272   1.00 16.99 ? 121 ILE A CG1 1 
ATOM   902  C CG2 . ILE A 1 121 ? -4.637  0.061   1.613   1.00 17.70 ? 121 ILE A CG2 1 
ATOM   903  C CD1 . ILE A 1 121 ? -2.352  -0.510  3.712   1.00 17.40 ? 121 ILE A CD1 1 
ATOM   904  N N   . ASP A 1 122 ? -4.374  0.121   -1.981  1.00 16.92 ? 122 ASP A N   1 
ATOM   905  C CA  . ASP A 1 122 ? -5.111  0.981   -2.889  1.00 17.45 ? 122 ASP A CA  1 
ATOM   906  C C   . ASP A 1 122 ? -6.230  1.664   -2.109  1.00 17.72 ? 122 ASP A C   1 
ATOM   907  O O   . ASP A 1 122 ? -6.643  1.156   -1.059  1.00 16.93 ? 122 ASP A O   1 
ATOM   908  C CB  . ASP A 1 122 ? -5.682  0.138   -4.023  1.00 18.15 ? 122 ASP A CB  1 
ATOM   909  C CG  . ASP A 1 122 ? -6.184  0.975   -5.174  1.00 19.34 ? 122 ASP A CG  1 
ATOM   910  O OD1 . ASP A 1 122 ? -5.715  2.121   -5.338  1.00 19.91 ? 122 ASP A OD1 1 
ATOM   911  O OD2 . ASP A 1 122 ? -7.056  0.480   -5.912  1.00 21.84 ? 122 ASP A OD2 1 
ATOM   912  N N   . GLU A 1 123 ? -6.716  2.802   -2.611  1.00 17.93 ? 123 GLU A N   1 
ATOM   913  C CA  . GLU A 1 123 ? -7.787  3.547   -1.933  1.00 19.75 ? 123 GLU A CA  1 
ATOM   914  C C   . GLU A 1 123 ? -7.441  3.719   -0.456  1.00 18.91 ? 123 GLU A C   1 
ATOM   915  O O   . GLU A 1 123 ? -8.274  3.468   0.432   1.00 18.98 ? 123 GLU A O   1 
ATOM   916  C CB  . GLU A 1 123 ? -9.132  2.814   -2.069  1.00 19.49 ? 123 GLU A CB  1 
ATOM   917  C CG  . GLU A 1 123 ? -9.653  2.649   -3.499  1.00 22.38 ? 123 GLU A CG  1 
ATOM   918  C CD  . GLU A 1 123 ? -11.054 2.039   -3.544  1.00 23.33 ? 123 GLU A CD  1 
ATOM   919  O OE1 . GLU A 1 123 ? -11.665 2.028   -4.639  1.00 29.89 ? 123 GLU A OE1 1 
ATOM   920  O OE2 . GLU A 1 123 ? -11.549 1.568   -2.492  1.00 28.70 ? 123 GLU A OE2 1 
ATOM   921  N N   . ILE A 1 124 ? -6.206  4.139   -0.191  1.00 18.45 ? 124 ILE A N   1 
ATOM   922  C CA  . ILE A 1 124 ? -5.659  4.140   1.168   1.00 18.42 ? 124 ILE A CA  1 
ATOM   923  C C   . ILE A 1 124 ? -6.429  5.033   2.165   1.00 18.22 ? 124 ILE A C   1 
ATOM   924  O O   . ILE A 1 124 ? -6.425  4.768   3.370   1.00 18.17 ? 124 ILE A O   1 
ATOM   925  C CB  . ILE A 1 124 ? -4.130  4.440   1.164   1.00 18.53 ? 124 ILE A CB  1 
ATOM   926  C CG1 . ILE A 1 124 ? -3.491  4.055   2.508   1.00 18.38 ? 124 ILE A CG1 1 
ATOM   927  C CG2 . ILE A 1 124 ? -3.851  5.891   0.744   1.00 18.11 ? 124 ILE A CG2 1 
ATOM   928  C CD1 . ILE A 1 124 ? -1.974  3.913   2.459   1.00 19.03 ? 124 ILE A CD1 1 
ATOM   929  N N   . HIS A 1 125 ? -7.114  6.059   1.663   1.00 17.94 ? 125 HIS A N   1 
ATOM   930  C CA  . HIS A 1 125 ? -7.941  6.914   2.528   1.00 18.07 ? 125 HIS A CA  1 
ATOM   931  C C   . HIS A 1 125 ? -9.005  6.091   3.263   1.00 18.10 ? 125 HIS A C   1 
ATOM   932  O O   . HIS A 1 125 ? -9.525  6.526   4.285   1.00 18.42 ? 125 HIS A O   1 
ATOM   933  C CB  . HIS A 1 125 ? -8.615  8.028   1.723   1.00 18.09 ? 125 HIS A CB  1 
ATOM   934  C CG  . HIS A 1 125 ? -9.553  7.522   0.676   1.00 18.30 ? 125 HIS A CG  1 
ATOM   935  N ND1 . HIS A 1 125 ? -9.115  7.032   -0.535  1.00 18.67 ? 125 HIS A ND1 1 
ATOM   936  C CD2 . HIS A 1 125 ? -10.901 7.408   0.665   1.00 19.35 ? 125 HIS A CD2 1 
ATOM   937  C CE1 . HIS A 1 125 ? -10.155 6.638   -1.250  1.00 20.49 ? 125 HIS A CE1 1 
ATOM   938  N NE2 . HIS A 1 125 ? -11.251 6.851   -0.541  1.00 20.10 ? 125 HIS A NE2 1 
ATOM   939  N N   . THR A 1 126 ? -9.322  4.907   2.740   1.00 18.14 ? 126 THR A N   1 
ATOM   940  C CA  . THR A 1 126 ? -10.378 4.072   3.326   1.00 18.66 ? 126 THR A CA  1 
ATOM   941  C C   . THR A 1 126 ? -9.891  3.282   4.547   1.00 18.92 ? 126 THR A C   1 
ATOM   942  O O   . THR A 1 126 ? -10.700 2.644   5.223   1.00 19.40 ? 126 THR A O   1 
ATOM   943  C CB  . THR A 1 126 ? -11.035 3.104   2.300   1.00 18.85 ? 126 THR A CB  1 
ATOM   944  O OG1 . THR A 1 126 ? -10.063 2.173   1.809   1.00 19.23 ? 126 THR A OG1 1 
ATOM   945  C CG2 . THR A 1 126 ? -11.647 3.864   1.124   1.00 18.64 ? 126 THR A CG2 1 
ATOM   946  N N   . VAL A 1 127 ? -8.584  3.318   4.817   1.00 18.61 ? 127 VAL A N   1 
ATOM   947  C CA  . VAL A 1 127 ? -7.996  2.570   5.949   1.00 19.18 ? 127 VAL A CA  1 
ATOM   948  C C   . VAL A 1 127 ? -7.340  3.439   7.031   1.00 19.15 ? 127 VAL A C   1 
ATOM   949  O O   . VAL A 1 127 ? -6.713  2.914   7.957   1.00 19.59 ? 127 VAL A O   1 
ATOM   950  C CB  . VAL A 1 127 ? -6.966  1.480   5.478   1.00 19.10 ? 127 VAL A CB  1 
ATOM   951  C CG1 . VAL A 1 127 ? -7.547  0.643   4.384   1.00 19.82 ? 127 VAL A CG1 1 
ATOM   952  C CG2 . VAL A 1 127 ? -5.641  2.109   5.024   1.00 19.32 ? 127 VAL A CG2 1 
ATOM   953  N N   . VAL A 1 128 ? -7.468  4.758   6.915   1.00 19.38 ? 128 VAL A N   1 
ATOM   954  C CA  . VAL A 1 128 ? -6.769  5.668   7.826   1.00 19.24 ? 128 VAL A CA  1 
ATOM   955  C C   . VAL A 1 128 ? -7.620  6.116   9.018   1.00 19.50 ? 128 VAL A C   1 
ATOM   956  O O   . VAL A 1 128 ? -7.165  6.918   9.832   1.00 19.67 ? 128 VAL A O   1 
ATOM   957  C CB  . VAL A 1 128 ? -6.140  6.892   7.088   1.00 19.27 ? 128 VAL A CB  1 
ATOM   958  C CG1 . VAL A 1 128 ? -5.047  6.425   6.105   1.00 18.81 ? 128 VAL A CG1 1 
ATOM   959  C CG2 . VAL A 1 128 ? -7.202  7.712   6.380   1.00 18.98 ? 128 VAL A CG2 1 
ATOM   960  N N   . GLY A 1 129 ? -8.839  5.587   9.112   1.00 19.47 ? 129 GLY A N   1 
ATOM   961  C CA  . GLY A 1 129 ? -9.760  5.912   10.211  1.00 20.36 ? 129 GLY A CA  1 
ATOM   962  C C   . GLY A 1 129 ? -10.092 7.387   10.358  1.00 20.32 ? 129 GLY A C   1 
ATOM   963  O O   . GLY A 1 129 ? -10.197 7.896   11.477  1.00 21.27 ? 129 GLY A O   1 
ATOM   964  N N   . ALA A 1 130 ? -10.260 8.075   9.228   1.00 20.41 ? 130 ALA A N   1 
ATOM   965  C CA  . ALA A 1 130 ? -10.581 9.502   9.227   1.00 20.44 ? 130 ALA A CA  1 
ATOM   966  C C   . ALA A 1 130 ? -12.024 9.779   8.816   1.00 20.47 ? 130 ALA A C   1 
ATOM   967  O O   . ALA A 1 130 ? -12.393 10.929  8.601   1.00 20.48 ? 130 ALA A O   1 
ATOM   968  C CB  . ALA A 1 130 ? -9.594  10.284  8.310   1.00 20.48 ? 130 ALA A CB  1 
ATOM   969  N N   . GLY A 1 131 ? -12.835 8.723   8.711   1.00 20.88 ? 131 GLY A N   1 
ATOM   970  C CA  . GLY A 1 131 ? -14.263 8.885   8.428   1.00 20.89 ? 131 GLY A CA  1 
ATOM   971  C C   . GLY A 1 131 ? -14.786 8.364   7.101   1.00 21.11 ? 131 GLY A C   1 
ATOM   972  O O   . GLY A 1 131 ? -15.986 8.457   6.840   1.00 21.55 ? 131 GLY A O   1 
ATOM   973  N N   . ALA A 1 132 ? -13.910 7.820   6.254   1.00 20.66 ? 132 ALA A N   1 
ATOM   974  C CA  . ALA A 1 132 ? -14.331 7.275   4.958   1.00 20.60 ? 132 ALA A CA  1 
ATOM   975  C C   . ALA A 1 132 ? -15.229 6.041   5.125   1.00 20.50 ? 132 ALA A C   1 
ATOM   976  O O   . ALA A 1 132 ? -16.048 5.738   4.258   1.00 20.97 ? 132 ALA A O   1 
ATOM   977  C CB  . ALA A 1 132 ? -13.118 6.950   4.088   1.00 20.61 ? 132 ALA A CB  1 
ATOM   978  N N   . VAL A 1 133 ? -15.074 5.351   6.254   1.00 20.28 ? 133 VAL A N   1 
ATOM   979  C CA  . VAL A 1 133 ? -15.870 4.167   6.585   1.00 20.12 ? 133 VAL A CA  1 
ATOM   980  C C   . VAL A 1 133 ? -17.006 4.576   7.518   1.00 19.82 ? 133 VAL A C   1 
ATOM   981  O O   . VAL A 1 133 ? -16.779 5.254   8.521   1.00 19.94 ? 133 VAL A O   1 
ATOM   982  C CB  . VAL A 1 133 ? -15.004 3.075   7.272   1.00 20.13 ? 133 VAL A CB  1 
ATOM   983  C CG1 . VAL A 1 133 ? -15.818 1.803   7.517   1.00 20.56 ? 133 VAL A CG1 1 
ATOM   984  C CG2 . VAL A 1 133 ? -13.765 2.757   6.436   1.00 20.89 ? 133 VAL A CG2 1 
ATOM   985  N N   . ALA A 1 134 ? -18.224 4.156   7.192   1.00 19.64 ? 134 ALA A N   1 
ATOM   986  C CA  . ALA A 1 134 ? -19.411 4.550   7.958   1.00 19.57 ? 134 ALA A CA  1 
ATOM   987  C C   . ALA A 1 134 ? -19.355 4.074   9.407   1.00 19.69 ? 134 ALA A C   1 
ATOM   988  O O   . ALA A 1 134 ? -18.782 3.022   9.698   1.00 19.15 ? 134 ALA A O   1 
ATOM   989  C CB  . ALA A 1 134 ? -20.680 4.041   7.277   1.00 19.94 ? 134 ALA A CB  1 
ATOM   990  N N   . GLU A 1 135 ? -19.917 4.876   10.313  1.00 19.61 ? 135 GLU A N   1 
ATOM   991  C CA  . GLU A 1 135 ? -20.115 4.446   11.699  1.00 20.27 ? 135 GLU A CA  1 
ATOM   992  C C   . GLU A 1 135 ? -20.921 3.146   11.684  1.00 20.12 ? 135 GLU A C   1 
ATOM   993  O O   . GLU A 1 135 ? -21.927 3.038   10.976  1.00 20.26 ? 135 GLU A O   1 
ATOM   994  C CB  . GLU A 1 135 ? -20.847 5.532   12.502  1.00 20.33 ? 135 GLU A CB  1 
ATOM   995  C CG  . GLU A 1 135 ? -20.768 5.387   14.028  1.00 22.31 ? 135 GLU A CG  1 
ATOM   996  C CD  . GLU A 1 135 ? -21.689 4.303   14.589  1.00 24.17 ? 135 GLU A CD  1 
ATOM   997  O OE1 . GLU A 1 135 ? -22.679 3.930   13.921  1.00 24.56 ? 135 GLU A OE1 1 
ATOM   998  O OE2 . GLU A 1 135 ? -21.420 3.821   15.714  1.00 26.25 ? 135 GLU A OE2 1 
ATOM   999  N N   . GLY A 1 136 ? -20.454 2.153   12.438  1.00 20.22 ? 136 GLY A N   1 
ATOM   1000 C CA  . GLY A 1 136 ? -21.123 0.856   12.521  1.00 20.66 ? 136 GLY A CA  1 
ATOM   1001 C C   . GLY A 1 136 ? -20.631 -0.163  11.511  1.00 20.67 ? 136 GLY A C   1 
ATOM   1002 O O   . GLY A 1 136 ? -20.850 -1.367  11.686  1.00 21.32 ? 136 GLY A O   1 
ATOM   1003 N N   . ALA A 1 137 ? -19.972 0.315   10.450  1.00 20.44 ? 137 ALA A N   1 
ATOM   1004 C CA  . ALA A 1 137 ? -19.404 -0.565  9.426   1.00 19.71 ? 137 ALA A CA  1 
ATOM   1005 C C   . ALA A 1 137 ? -18.014 -1.037  9.842   1.00 19.51 ? 137 ALA A C   1 
ATOM   1006 O O   . ALA A 1 137 ? -17.401 -0.461  10.743  1.00 19.12 ? 137 ALA A O   1 
ATOM   1007 C CB  . ALA A 1 137 ? -19.347 0.145   8.076   1.00 19.74 ? 137 ALA A CB  1 
ATOM   1008 N N   . LEU A 1 138 ? -17.520 -2.084  9.181   1.00 18.78 ? 138 LEU A N   1 
ATOM   1009 C CA  . LEU A 1 138 ? -16.214 -2.654  9.529   1.00 18.29 ? 138 LEU A CA  1 
ATOM   1010 C C   . LEU A 1 138 ? -15.107 -1.720  9.069   1.00 18.14 ? 138 LEU A C   1 
ATOM   1011 O O   . LEU A 1 138 ? -14.915 -1.518  7.867   1.00 18.54 ? 138 LEU A O   1 
ATOM   1012 C CB  . LEU A 1 138 ? -16.037 -4.045  8.911   1.00 18.32 ? 138 LEU A CB  1 
ATOM   1013 C CG  . LEU A 1 138 ? -16.988 -5.154  9.372   1.00 17.44 ? 138 LEU A CG  1 
ATOM   1014 C CD1 . LEU A 1 138 ? -16.712 -6.451  8.626   1.00 18.28 ? 138 LEU A CD1 1 
ATOM   1015 C CD2 . LEU A 1 138 ? -16.911 -5.375  10.882  1.00 18.97 ? 138 LEU A CD2 1 
ATOM   1016 N N   . ASP A 1 139 ? -14.386 -1.160  10.035  1.00 17.93 ? 139 ASP A N   1 
ATOM   1017 C CA  . ASP A 1 139 ? -13.378 -0.131  9.769   1.00 17.59 ? 139 ASP A CA  1 
ATOM   1018 C C   . ASP A 1 139 ? -11.963 -0.641  10.017  1.00 17.17 ? 139 ASP A C   1 
ATOM   1019 O O   . ASP A 1 139 ? -11.537 -0.802  11.160  1.00 17.03 ? 139 ASP A O   1 
ATOM   1020 C CB  . ASP A 1 139 ? -13.666 1.115   10.621  1.00 17.52 ? 139 ASP A CB  1 
ATOM   1021 C CG  . ASP A 1 139 ? -12.866 2.335   10.186  1.00 18.98 ? 139 ASP A CG  1 
ATOM   1022 O OD1 . ASP A 1 139 ? -11.989 2.221   9.299   1.00 17.95 ? 139 ASP A OD1 1 
ATOM   1023 O OD2 . ASP A 1 139 ? -13.115 3.421   10.754  1.00 20.00 ? 139 ASP A OD2 1 
ATOM   1024 N N   . ALA A 1 140 ? -11.232 -0.876  8.930   1.00 17.16 ? 140 ALA A N   1 
ATOM   1025 C CA  . ALA A 1 140 ? -9.844  -1.329  9.001   1.00 17.00 ? 140 ALA A CA  1 
ATOM   1026 C C   . ALA A 1 140 ? -8.939  -0.311  9.703   1.00 16.89 ? 140 ALA A C   1 
ATOM   1027 O O   . ALA A 1 140 ? -7.863  -0.661  10.193  1.00 16.81 ? 140 ALA A O   1 
ATOM   1028 C CB  . ALA A 1 140 ? -9.318  -1.625  7.607   1.00 16.96 ? 140 ALA A CB  1 
ATOM   1029 N N   . GLY A 1 141 ? -9.390  0.943   9.743   1.00 16.78 ? 141 GLY A N   1 
ATOM   1030 C CA  . GLY A 1 141 ? -8.672  2.037   10.386  1.00 16.69 ? 141 GLY A CA  1 
ATOM   1031 C C   . GLY A 1 141 ? -8.307  1.783   11.840  1.00 17.01 ? 141 GLY A C   1 
ATOM   1032 O O   . GLY A 1 141 ? -7.304  2.295   12.330  1.00 16.88 ? 141 GLY A O   1 
ATOM   1033 N N   . ASN A 1 142 ? -9.131  0.999   12.533  1.00 16.78 ? 142 ASN A N   1 
ATOM   1034 C CA  . ASN A 1 142 ? -8.866  0.657   13.932  1.00 16.96 ? 142 ASN A CA  1 
ATOM   1035 C C   . ASN A 1 142 ? -7.525  -0.047  14.105  1.00 16.94 ? 142 ASN A C   1 
ATOM   1036 O O   . ASN A 1 142 ? -6.869  0.086   15.141  1.00 17.08 ? 142 ASN A O   1 
ATOM   1037 C CB  . ASN A 1 142 ? -10.000 -0.206  14.493  1.00 17.00 ? 142 ASN A CB  1 
ATOM   1038 C CG  . ASN A 1 142 ? -11.297 0.571   14.668  1.00 17.32 ? 142 ASN A CG  1 
ATOM   1039 O OD1 . ASN A 1 142 ? -11.343 1.790   14.487  1.00 16.75 ? 142 ASN A OD1 1 
ATOM   1040 N ND2 . ASN A 1 142 ? -12.360 -0.137  15.040  1.00 16.97 ? 142 ASN A ND2 1 
ATOM   1041 N N   . ILE A 1 143 ? -7.128  -0.787  13.073  1.00 17.22 ? 143 ILE A N   1 
ATOM   1042 C CA  . ILE A 1 143 ? -5.858  -1.510  13.071  1.00 17.22 ? 143 ILE A CA  1 
ATOM   1043 C C   . ILE A 1 143 ? -4.792  -0.751  12.281  1.00 17.34 ? 143 ILE A C   1 
ATOM   1044 O O   . ILE A 1 143 ? -3.665  -0.567  12.751  1.00 16.96 ? 143 ILE A O   1 
ATOM   1045 C CB  . ILE A 1 143 ? -6.014  -2.934  12.485  1.00 17.31 ? 143 ILE A CB  1 
ATOM   1046 C CG1 . ILE A 1 143 ? -7.164  -3.701  13.165  1.00 17.17 ? 143 ILE A CG1 1 
ATOM   1047 C CG2 . ILE A 1 143 ? -4.707  -3.710  12.597  1.00 17.64 ? 143 ILE A CG2 1 
ATOM   1048 C CD1 . ILE A 1 143 ? -7.059  -3.808  14.683  1.00 17.61 ? 143 ILE A CD1 1 
ATOM   1049 N N   . LEU A 1 144 ? -5.154  -0.315  11.080  1.00 17.17 ? 144 LEU A N   1 
ATOM   1050 C CA  . LEU A 1 144 ? -4.176  0.285   10.173  1.00 17.78 ? 144 LEU A CA  1 
ATOM   1051 C C   . LEU A 1 144 ? -3.762  1.715   10.498  1.00 18.24 ? 144 LEU A C   1 
ATOM   1052 O O   . LEU A 1 144 ? -2.608  2.082   10.255  1.00 18.02 ? 144 LEU A O   1 
ATOM   1053 C CB  . LEU A 1 144 ? -4.642  0.161   8.722   1.00 17.46 ? 144 LEU A CB  1 
ATOM   1054 C CG  . LEU A 1 144 ? -4.375  -1.209  8.091   1.00 17.73 ? 144 LEU A CG  1 
ATOM   1055 C CD1 . LEU A 1 144 ? -5.263  -1.427  6.869   1.00 17.51 ? 144 LEU A CD1 1 
ATOM   1056 C CD2 . LEU A 1 144 ? -2.906  -1.328  7.695   1.00 16.78 ? 144 LEU A CD2 1 
ATOM   1057 N N   . LYS A 1 145 ? -4.673  2.526   11.042  1.00 18.76 ? 145 LYS A N   1 
ATOM   1058 C CA  . LYS A 1 145 ? -4.293  3.902   11.409  1.00 19.33 ? 145 LYS A CA  1 
ATOM   1059 C C   . LYS A 1 145 ? -3.119  3.945   12.404  1.00 19.14 ? 145 LYS A C   1 
ATOM   1060 O O   . LYS A 1 145 ? -2.123  4.611   12.121  1.00 18.33 ? 145 LYS A O   1 
ATOM   1061 C CB  . LYS A 1 145 ? -5.470  4.748   11.925  1.00 19.56 ? 145 LYS A CB  1 
ATOM   1062 C CG  . LYS A 1 145 ? -5.041  6.172   12.285  1.00 20.00 ? 145 LYS A CG  1 
ATOM   1063 C CD  . LYS A 1 145 ? -6.150  6.979   12.926  1.00 21.34 ? 145 LYS A CD  1 
ATOM   1064 C CE  . LYS A 1 145 ? -5.854  8.481   12.830  1.00 24.89 ? 145 LYS A CE  1 
ATOM   1065 N NZ  . LYS A 1 145 ? -6.238  9.037   11.498  1.00 27.17 ? 145 LYS A NZ  1 
ATOM   1066 N N   . PRO A 1 146 ? -3.236  3.258   13.564  1.00 18.93 ? 146 PRO A N   1 
ATOM   1067 C CA  . PRO A 1 146 ? -2.105  3.279   14.493  1.00 19.31 ? 146 PRO A CA  1 
ATOM   1068 C C   . PRO A 1 146 ? -0.833  2.652   13.928  1.00 19.27 ? 146 PRO A C   1 
ATOM   1069 O O   . PRO A 1 146 ? 0.255   3.177   14.156  1.00 19.20 ? 146 PRO A O   1 
ATOM   1070 C CB  . PRO A 1 146 ? -2.609  2.478   15.703  1.00 19.58 ? 146 PRO A CB  1 
ATOM   1071 C CG  . PRO A 1 146 ? -3.771  1.696   15.216  1.00 19.27 ? 146 PRO A CG  1 
ATOM   1072 C CD  . PRO A 1 146 ? -4.380  2.495   14.109  1.00 19.33 ? 146 PRO A CD  1 
ATOM   1073 N N   . MET A 1 147 ? -0.973  1.547   13.197  1.00 19.35 ? 147 MET A N   1 
ATOM   1074 C CA  . MET A 1 147 ? 0.185   0.864   12.611  1.00 20.27 ? 147 MET A CA  1 
ATOM   1075 C C   . MET A 1 147 ? 0.934   1.770   11.639  1.00 19.06 ? 147 MET A C   1 
ATOM   1076 O O   . MET A 1 147 ? 2.168   1.870   11.692  1.00 18.61 ? 147 MET A O   1 
ATOM   1077 C CB  . MET A 1 147 ? -0.242  -0.430  11.914  1.00 20.12 ? 147 MET A CB  1 
ATOM   1078 C CG  . MET A 1 147 ? -0.482  -1.593  12.871  1.00 22.34 ? 147 MET A CG  1 
ATOM   1079 S SD  . MET A 1 147 ? -0.717  -3.186  12.057  1.00 24.90 ? 147 MET A SD  1 
ATOM   1080 C CE  . MET A 1 147 ? 0.828   -3.395  11.198  1.00 25.12 ? 147 MET A CE  1 
ATOM   1081 N N   . LEU A 1 148 ? 0.183   2.447   10.771  1.00 18.16 ? 148 LEU A N   1 
ATOM   1082 C CA  . LEU A 1 148 ? 0.779   3.378   9.812   1.00 17.74 ? 148 LEU A CA  1 
ATOM   1083 C C   . LEU A 1 148 ? 1.380   4.589   10.526  1.00 17.77 ? 148 LEU A C   1 
ATOM   1084 O O   . LEU A 1 148 ? 2.516   4.995   10.230  1.00 17.99 ? 148 LEU A O   1 
ATOM   1085 C CB  . LEU A 1 148 ? -0.244  3.813   8.749   1.00 17.70 ? 148 LEU A CB  1 
ATOM   1086 C CG  . LEU A 1 148 ? -0.674  2.759   7.726   1.00 17.44 ? 148 LEU A CG  1 
ATOM   1087 C CD1 . LEU A 1 148 ? -1.899  3.249   6.953   1.00 17.11 ? 148 LEU A CD1 1 
ATOM   1088 C CD2 . LEU A 1 148 ? 0.485   2.384   6.776   1.00 17.49 ? 148 LEU A CD2 1 
ATOM   1089 N N   . ALA A 1 149 ? 0.636   5.139   11.487  1.00 17.76 ? 149 ALA A N   1 
ATOM   1090 C CA  . ALA A 1 149 ? 1.086   6.327   12.224  1.00 17.79 ? 149 ALA A CA  1 
ATOM   1091 C C   . ALA A 1 149 ? 2.359   6.062   13.031  1.00 17.97 ? 149 ALA A C   1 
ATOM   1092 O O   . ALA A 1 149 ? 3.162   6.973   13.236  1.00 18.34 ? 149 ALA A O   1 
ATOM   1093 C CB  . ALA A 1 149 ? -0.018  6.859   13.123  1.00 17.97 ? 149 ALA A CB  1 
ATOM   1094 N N   . ARG A 1 150 ? 2.542   4.818   13.472  1.00 17.83 ? 150 ARG A N   1 
ATOM   1095 C CA  . ARG A 1 150 ? 3.741   4.435   14.231  1.00 18.00 ? 150 ARG A CA  1 
ATOM   1096 C C   . ARG A 1 150 ? 4.883   3.883   13.363  1.00 18.16 ? 150 ARG A C   1 
ATOM   1097 O O   . ARG A 1 150 ? 5.940   3.521   13.886  1.00 17.73 ? 150 ARG A O   1 
ATOM   1098 C CB  . ARG A 1 150 ? 3.399   3.425   15.327  1.00 17.94 ? 150 ARG A CB  1 
ATOM   1099 C CG  . ARG A 1 150 ? 2.494   3.960   16.426  1.00 18.06 ? 150 ARG A CG  1 
ATOM   1100 C CD  . ARG A 1 150 ? 2.419   3.000   17.600  1.00 19.08 ? 150 ARG A CD  1 
ATOM   1101 N NE  . ARG A 1 150 ? 1.876   1.694   17.230  1.00 19.95 ? 150 ARG A NE  1 
ATOM   1102 C CZ  . ARG A 1 150 ? 0.646   1.270   17.517  1.00 20.33 ? 150 ARG A CZ  1 
ATOM   1103 N NH1 . ARG A 1 150 ? -0.203  2.041   18.198  1.00 20.07 ? 150 ARG A NH1 1 
ATOM   1104 N NH2 . ARG A 1 150 ? 0.268   0.061   17.133  1.00 21.96 ? 150 ARG A NH2 1 
ATOM   1105 N N   . GLY A 1 151 ? 4.671   3.812   12.053  1.00 18.24 ? 151 GLY A N   1 
ATOM   1106 C CA  . GLY A 1 151 ? 5.705   3.331   11.127  1.00 18.60 ? 151 GLY A CA  1 
ATOM   1107 C C   . GLY A 1 151 ? 5.948   1.834   11.188  1.00 18.98 ? 151 GLY A C   1 
ATOM   1108 O O   . GLY A 1 151 ? 7.073   1.367   10.952  1.00 19.06 ? 151 GLY A O   1 
ATOM   1109 N N   . GLU A 1 152 ? 4.897   1.076   11.500  1.00 19.10 ? 152 GLU A N   1 
ATOM   1110 C CA  . GLU A 1 152 ? 5.028   -0.365  11.702  1.00 19.86 ? 152 GLU A CA  1 
ATOM   1111 C C   . GLU A 1 152 ? 4.901   -1.181  10.420  1.00 20.11 ? 152 GLU A C   1 
ATOM   1112 O O   . GLU A 1 152 ? 5.068   -2.402  10.449  1.00 20.23 ? 152 GLU A O   1 
ATOM   1113 C CB  . GLU A 1 152 ? 4.030   -0.864  12.745  1.00 20.09 ? 152 GLU A CB  1 
ATOM   1114 C CG  . GLU A 1 152 ? 4.287   -0.308  14.131  1.00 21.59 ? 152 GLU A CG  1 
ATOM   1115 C CD  . GLU A 1 152 ? 3.248   -0.738  15.147  1.00 23.17 ? 152 GLU A CD  1 
ATOM   1116 O OE1 . GLU A 1 152 ? 2.288   -1.448  14.774  1.00 24.73 ? 152 GLU A OE1 1 
ATOM   1117 O OE2 . GLU A 1 152 ? 3.407   -0.370  16.326  1.00 24.47 ? 152 GLU A OE2 1 
ATOM   1118 N N   . LEU A 1 153 ? 4.603   -0.504  9.313   1.00 20.34 ? 153 LEU A N   1 
ATOM   1119 C CA  . LEU A 1 153 ? 4.490   -1.155  8.003   1.00 20.79 ? 153 LEU A CA  1 
ATOM   1120 C C   . LEU A 1 153 ? 5.342   -0.479  6.938   1.00 20.67 ? 153 LEU A C   1 
ATOM   1121 O O   . LEU A 1 153 ? 5.483   0.750   6.925   1.00 21.29 ? 153 LEU A O   1 
ATOM   1122 C CB  . LEU A 1 153 ? 3.037   -1.156  7.528   1.00 20.94 ? 153 LEU A CB  1 
ATOM   1123 C CG  . LEU A 1 153 ? 2.037   -2.072  8.216   1.00 22.39 ? 153 LEU A CG  1 
ATOM   1124 C CD1 . LEU A 1 153 ? 0.630   -1.657  7.810   1.00 24.60 ? 153 LEU A CD1 1 
ATOM   1125 C CD2 . LEU A 1 153 ? 2.294   -3.544  7.859   1.00 23.25 ? 153 LEU A CD2 1 
ATOM   1126 N N   . ARG A 1 154 ? 5.919   -1.291  6.055   1.00 19.97 ? 154 ARG A N   1 
ATOM   1127 C CA  . ARG A 1 154 ? 6.461   -0.782  4.811   1.00 19.36 ? 154 ARG A CA  1 
ATOM   1128 C C   . ARG A 1 154 ? 5.307   -0.795  3.835   1.00 19.21 ? 154 ARG A C   1 
ATOM   1129 O O   . ARG A 1 154 ? 4.796   -1.860  3.476   1.00 19.39 ? 154 ARG A O   1 
ATOM   1130 C CB  . ARG A 1 154 ? 7.607   -1.645  4.298   1.00 19.24 ? 154 ARG A CB  1 
ATOM   1131 C CG  . ARG A 1 154 ? 8.788   -1.717  5.241   1.00 19.11 ? 154 ARG A CG  1 
ATOM   1132 C CD  . ARG A 1 154 ? 9.971   -2.347  4.550   1.00 18.31 ? 154 ARG A CD  1 
ATOM   1133 N NE  . ARG A 1 154 ? 10.638  -1.406  3.654   1.00 18.20 ? 154 ARG A NE  1 
ATOM   1134 C CZ  . ARG A 1 154 ? 11.624  -1.735  2.823   1.00 16.42 ? 154 ARG A CZ  1 
ATOM   1135 N NH1 . ARG A 1 154 ? 12.046  -2.992  2.746   1.00 16.00 ? 154 ARG A NH1 1 
ATOM   1136 N NH2 . ARG A 1 154 ? 12.181  -0.800  2.060   1.00 16.31 ? 154 ARG A NH2 1 
ATOM   1137 N N   . CYS A 1 155 ? 4.889   0.393   3.420   1.00 18.74 ? 155 CYS A N   1 
ATOM   1138 C CA  . CYS A 1 155 ? 3.611   0.536   2.746   1.00 18.38 ? 155 CYS A CA  1 
ATOM   1139 C C   . CYS A 1 155 ? 3.670   1.554   1.616   1.00 17.75 ? 155 CYS A C   1 
ATOM   1140 O O   . CYS A 1 155 ? 4.238   2.628   1.773   1.00 17.72 ? 155 CYS A O   1 
ATOM   1141 C CB  . CYS A 1 155 ? 2.532   0.939   3.757   1.00 18.79 ? 155 CYS A CB  1 
ATOM   1142 S SG  . CYS A 1 155 ? 0.941   1.342   2.994   1.00 20.49 ? 155 CYS A SG  1 
ATOM   1143 N N   . ILE A 1 156 ? 3.089   1.190   0.480   1.00 16.93 ? 156 ILE A N   1 
ATOM   1144 C CA  . ILE A 1 156 ? 2.830   2.121   -0.611  1.00 16.59 ? 156 ILE A CA  1 
ATOM   1145 C C   . ILE A 1 156 ? 1.320   2.283   -0.706  1.00 16.10 ? 156 ILE A C   1 
ATOM   1146 O O   . ILE A 1 156 ? 0.584   1.305   -0.609  1.00 16.22 ? 156 ILE A O   1 
ATOM   1147 C CB  . ILE A 1 156 ? 3.452   1.642   -1.962  1.00 17.25 ? 156 ILE A CB  1 
ATOM   1148 C CG1 . ILE A 1 156 ? 2.947   2.483   -3.145  1.00 16.77 ? 156 ILE A CG1 1 
ATOM   1149 C CG2 . ILE A 1 156 ? 3.218   0.153   -2.193  1.00 18.91 ? 156 ILE A CG2 1 
ATOM   1150 C CD1 . ILE A 1 156 ? 3.999   2.696   -4.224  1.00 20.86 ? 156 ILE A CD1 1 
ATOM   1151 N N   . GLY A 1 157 ? 0.860   3.519   -0.849  1.00 15.33 ? 157 GLY A N   1 
ATOM   1152 C CA  . GLY A 1 157 ? -0.572  3.769   -0.942  1.00 14.84 ? 157 GLY A CA  1 
ATOM   1153 C C   . GLY A 1 157 ? -0.950  4.397   -2.267  1.00 15.24 ? 157 GLY A C   1 
ATOM   1154 O O   . GLY A 1 157 ? -0.090  4.862   -3.020  1.00 15.31 ? 157 GLY A O   1 
ATOM   1155 N N   . ALA A 1 158 ? -2.244  4.388   -2.557  1.00 15.00 ? 158 ALA A N   1 
ATOM   1156 C CA  . ALA A 1 158 ? -2.790  5.138   -3.687  1.00 15.24 ? 158 ALA A CA  1 
ATOM   1157 C C   . ALA A 1 158 ? -4.143  5.708   -3.314  1.00 15.22 ? 158 ALA A C   1 
ATOM   1158 O O   . ALA A 1 158 ? -4.925  5.071   -2.600  1.00 15.15 ? 158 ALA A O   1 
ATOM   1159 C CB  . ALA A 1 158 ? -2.903  4.273   -4.926  1.00 15.15 ? 158 ALA A CB  1 
ATOM   1160 N N   . THR A 1 159 ? -4.399  6.917   -3.802  1.00 15.16 ? 159 THR A N   1 
ATOM   1161 C CA  . THR A 1 159 ? -5.687  7.590   -3.656  1.00 15.55 ? 159 THR A CA  1 
ATOM   1162 C C   . THR A 1 159 ? -5.757  8.795   -4.610  1.00 15.55 ? 159 THR A C   1 
ATOM   1163 O O   . THR A 1 159 ? -4.857  8.998   -5.439  1.00 15.20 ? 159 THR A O   1 
ATOM   1164 C CB  . THR A 1 159 ? -5.990  7.971   -2.159  1.00 15.68 ? 159 THR A CB  1 
ATOM   1165 O OG1 . THR A 1 159 ? -7.310  8.512   -2.048  1.00 16.82 ? 159 THR A OG1 1 
ATOM   1166 C CG2 . THR A 1 159 ? -4.977  8.971   -1.589  1.00 16.21 ? 159 THR A CG2 1 
ATOM   1167 N N   . THR A 1 160 ? -6.839  9.565   -4.530  1.00 15.20 ? 160 THR A N   1 
ATOM   1168 C CA  . THR A 1 160 ? -6.956  10.780  -5.340  1.00 15.16 ? 160 THR A CA  1 
ATOM   1169 C C   . THR A 1 160 ? -6.470  11.972  -4.526  1.00 15.06 ? 160 THR A C   1 
ATOM   1170 O O   . THR A 1 160 ? -6.334  11.880  -3.294  1.00 14.91 ? 160 THR A O   1 
ATOM   1171 C CB  . THR A 1 160 ? -8.401  11.012  -5.830  1.00 15.36 ? 160 THR A CB  1 
ATOM   1172 O OG1 . THR A 1 160 ? -9.254  11.266  -4.707  1.00 15.09 ? 160 THR A OG1 1 
ATOM   1173 C CG2 . THR A 1 160 ? -8.907  9.791   -6.601  1.00 15.87 ? 160 THR A CG2 1 
ATOM   1174 N N   . VAL A 1 161 ? -6.171  13.073  -5.213  1.00 14.47 ? 161 VAL A N   1 
ATOM   1175 C CA  . VAL A 1 161 ? -5.732  14.293  -4.546  1.00 14.96 ? 161 VAL A CA  1 
ATOM   1176 C C   . VAL A 1 161 ? -6.789  14.739  -3.537  1.00 14.98 ? 161 VAL A C   1 
ATOM   1177 O O   . VAL A 1 161 ? -6.473  15.036  -2.388  1.00 14.75 ? 161 VAL A O   1 
ATOM   1178 C CB  . VAL A 1 161 ? -5.439  15.419  -5.566  1.00 15.12 ? 161 VAL A CB  1 
ATOM   1179 C CG1 . VAL A 1 161 ? -5.257  16.770  -4.864  1.00 15.36 ? 161 VAL A CG1 1 
ATOM   1180 C CG2 . VAL A 1 161 ? -4.191  15.070  -6.381  1.00 15.26 ? 161 VAL A CG2 1 
ATOM   1181 N N   . SER A 1 162 ? -8.047  14.753  -3.966  1.00 15.16 ? 162 SER A N   1 
ATOM   1182 C CA  . SER A 1 162 ? -9.126  15.253  -3.114  1.00 16.22 ? 162 SER A CA  1 
ATOM   1183 C C   . SER A 1 162 ? -9.334  14.381  -1.883  1.00 16.14 ? 162 SER A C   1 
ATOM   1184 O O   . SER A 1 162 ? -9.590  14.898  -0.805  1.00 16.33 ? 162 SER A O   1 
ATOM   1185 C CB  . SER A 1 162 ? -10.432 15.406  -3.898  1.00 16.04 ? 162 SER A CB  1 
ATOM   1186 O OG  . SER A 1 162 ? -10.885 14.151  -4.367  1.00 19.20 ? 162 SER A OG  1 
ATOM   1187 N N   . GLU A 1 163 ? -9.224  13.063  -2.043  1.00 16.42 ? 163 GLU A N   1 
ATOM   1188 C CA  . GLU A 1 163 ? -9.419  12.145  -0.915  1.00 17.06 ? 163 GLU A CA  1 
ATOM   1189 C C   . GLU A 1 163 ? -8.227  12.210  0.040   1.00 16.86 ? 163 GLU A C   1 
ATOM   1190 O O   . GLU A 1 163 ? -8.385  12.101  1.265   1.00 17.01 ? 163 GLU A O   1 
ATOM   1191 C CB  . GLU A 1 163 ? -9.711  10.722  -1.405  1.00 17.00 ? 163 GLU A CB  1 
ATOM   1192 C CG  . GLU A 1 163 ? -11.122 10.588  -2.016  1.00 17.70 ? 163 GLU A CG  1 
ATOM   1193 C CD  . GLU A 1 163 ? -11.301 9.364   -2.899  1.00 18.42 ? 163 GLU A CD  1 
ATOM   1194 O OE1 . GLU A 1 163 ? -10.378 9.021   -3.667  1.00 19.21 ? 163 GLU A OE1 1 
ATOM   1195 O OE2 . GLU A 1 163 ? -12.387 8.749   -2.839  1.00 20.84 ? 163 GLU A OE2 1 
ATOM   1196 N N   . TYR A 1 164 ? -7.036  12.422  -0.521  1.00 16.94 ? 164 TYR A N   1 
ATOM   1197 C CA  . TYR A 1 164 ? -5.845  12.648  0.287   1.00 17.17 ? 164 TYR A CA  1 
ATOM   1198 C C   . TYR A 1 164 ? -6.022  13.898  1.147   1.00 16.93 ? 164 TYR A C   1 
ATOM   1199 O O   . TYR A 1 164 ? -5.780  13.871  2.355   1.00 16.49 ? 164 TYR A O   1 
ATOM   1200 C CB  . TYR A 1 164 ? -4.592  12.778  -0.591  1.00 17.95 ? 164 TYR A CB  1 
ATOM   1201 C CG  . TYR A 1 164 ? -3.368  13.174  0.203   1.00 18.54 ? 164 TYR A CG  1 
ATOM   1202 C CD1 . TYR A 1 164 ? -2.593  12.218  0.852   1.00 19.44 ? 164 TYR A CD1 1 
ATOM   1203 C CD2 . TYR A 1 164 ? -3.009  14.516  0.330   1.00 20.34 ? 164 TYR A CD2 1 
ATOM   1204 C CE1 . TYR A 1 164 ? -1.470  12.593  1.605   1.00 21.03 ? 164 TYR A CE1 1 
ATOM   1205 C CE2 . TYR A 1 164 ? -1.898  14.900  1.076   1.00 22.60 ? 164 TYR A CE2 1 
ATOM   1206 C CZ  . TYR A 1 164 ? -1.138  13.936  1.711   1.00 21.38 ? 164 TYR A CZ  1 
ATOM   1207 O OH  . TYR A 1 164 ? -0.034  14.331  2.446   1.00 24.44 ? 164 TYR A OH  1 
ATOM   1208 N N   . ARG A 1 165 ? -6.452  14.987  0.515   1.00 16.34 ? 165 ARG A N   1 
ATOM   1209 C CA  . ARG A 1 165 ? -6.662  16.255  1.221   1.00 16.12 ? 165 ARG A CA  1 
ATOM   1210 C C   . ARG A 1 165 ? -7.772  16.160  2.270   1.00 16.09 ? 165 ARG A C   1 
ATOM   1211 O O   . ARG A 1 165 ? -7.666  16.750  3.345   1.00 16.33 ? 165 ARG A O   1 
ATOM   1212 C CB  . ARG A 1 165 ? -6.929  17.380  0.223   1.00 16.21 ? 165 ARG A CB  1 
ATOM   1213 C CG  . ARG A 1 165 ? -5.682  17.764  -0.562  1.00 16.29 ? 165 ARG A CG  1 
ATOM   1214 C CD  . ARG A 1 165 ? -5.977  18.814  -1.621  1.00 17.86 ? 165 ARG A CD  1 
ATOM   1215 N NE  . ARG A 1 165 ? -4.739  19.187  -2.300  1.00 18.20 ? 165 ARG A NE  1 
ATOM   1216 C CZ  . ARG A 1 165 ? -4.629  20.156  -3.206  1.00 19.72 ? 165 ARG A CZ  1 
ATOM   1217 N NH1 . ARG A 1 165 ? -5.686  20.875  -3.573  1.00 19.63 ? 165 ARG A NH1 1 
ATOM   1218 N NH2 . ARG A 1 165 ? -3.450  20.397  -3.757  1.00 19.38 ? 165 ARG A NH2 1 
ATOM   1219 N N   . GLN A 1 166 ? -8.824  15.406  1.965   1.00 16.11 ? 166 GLN A N   1 
ATOM   1220 C CA  . GLN A 1 166 ? -9.928  15.224  2.914   1.00 16.62 ? 166 GLN A CA  1 
ATOM   1221 C C   . GLN A 1 166 ? -9.516  14.390  4.126   1.00 17.16 ? 166 GLN A C   1 
ATOM   1222 O O   . GLN A 1 166 ? -9.707  14.819  5.263   1.00 17.69 ? 166 GLN A O   1 
ATOM   1223 C CB  . GLN A 1 166 ? -11.136 14.567  2.238   1.00 16.59 ? 166 GLN A CB  1 
ATOM   1224 C CG  . GLN A 1 166 ? -11.880 15.458  1.228   1.00 16.90 ? 166 GLN A CG  1 
ATOM   1225 C CD  . GLN A 1 166 ? -12.657 14.653  0.191   1.00 17.09 ? 166 GLN A CD  1 
ATOM   1226 O OE1 . GLN A 1 166 ? -12.683 13.415  0.223   1.00 19.15 ? 166 GLN A OE1 1 
ATOM   1227 N NE2 . GLN A 1 166 ? -13.284 15.352  -0.749  1.00 18.18 ? 166 GLN A NE2 1 
ATOM   1228 N N   . PHE A 1 167 ? -8.929  13.217  3.876   1.00 17.20 ? 167 PHE A N   1 
ATOM   1229 C CA  . PHE A 1 167 ? -8.763  12.189  4.915   1.00 17.96 ? 167 PHE A CA  1 
ATOM   1230 C C   . PHE A 1 167 ? -7.357  11.997  5.494   1.00 18.37 ? 167 PHE A C   1 
ATOM   1231 O O   . PHE A 1 167 ? -7.209  11.409  6.567   1.00 18.62 ? 167 PHE A O   1 
ATOM   1232 C CB  . PHE A 1 167 ? -9.280  10.841  4.405   1.00 17.73 ? 167 PHE A CB  1 
ATOM   1233 C CG  . PHE A 1 167 ? -10.747 10.839  4.074   1.00 19.03 ? 167 PHE A CG  1 
ATOM   1234 C CD1 . PHE A 1 167 ? -11.704 10.882  5.082   1.00 20.68 ? 167 PHE A CD1 1 
ATOM   1235 C CD2 . PHE A 1 167 ? -11.167 10.789  2.749   1.00 19.04 ? 167 PHE A CD2 1 
ATOM   1236 C CE1 . PHE A 1 167 ? -13.078 10.881  4.772   1.00 21.22 ? 167 PHE A CE1 1 
ATOM   1237 C CE2 . PHE A 1 167 ? -12.525 10.788  2.425   1.00 19.82 ? 167 PHE A CE2 1 
ATOM   1238 C CZ  . PHE A 1 167 ? -13.480 10.839  3.437   1.00 19.46 ? 167 PHE A CZ  1 
ATOM   1239 N N   . ILE A 1 168 ? -6.332  12.460  4.786   1.00 18.45 ? 168 ILE A N   1 
ATOM   1240 C CA  . ILE A 1 168 ? -4.949  12.198  5.207   1.00 18.80 ? 168 ILE A CA  1 
ATOM   1241 C C   . ILE A 1 168 ? -4.237  13.486  5.599   1.00 19.50 ? 168 ILE A C   1 
ATOM   1242 O O   . ILE A 1 168 ? -3.628  13.567  6.673   1.00 19.71 ? 168 ILE A O   1 
ATOM   1243 C CB  . ILE A 1 168 ? -4.159  11.360  4.160   1.00 18.83 ? 168 ILE A CB  1 
ATOM   1244 C CG1 . ILE A 1 168 ? -4.838  9.996   3.978   1.00 18.75 ? 168 ILE A CG1 1 
ATOM   1245 C CG2 . ILE A 1 168 ? -2.703  11.157  4.604   1.00 17.92 ? 168 ILE A CG2 1 
ATOM   1246 C CD1 . ILE A 1 168 ? -4.475  9.240   2.701   1.00 19.11 ? 168 ILE A CD1 1 
ATOM   1247 N N   . GLU A 1 169 ? -4.324  14.488  4.730   1.00 20.08 ? 169 GLU A N   1 
ATOM   1248 C CA  . GLU A 1 169 ? -3.886  15.831  5.058   1.00 21.66 ? 169 GLU A CA  1 
ATOM   1249 C C   . GLU A 1 169 ? -4.628  16.297  6.311   1.00 21.82 ? 169 GLU A C   1 
ATOM   1250 O O   . GLU A 1 169 ? -5.838  16.047  6.459   1.00 22.71 ? 169 GLU A O   1 
ATOM   1251 C CB  . GLU A 1 169 ? -4.179  16.773  3.896   1.00 21.35 ? 169 GLU A CB  1 
ATOM   1252 C CG  . GLU A 1 169 ? -3.377  18.047  3.896   1.00 22.86 ? 169 GLU A CG  1 
ATOM   1253 C CD  . GLU A 1 169 ? -3.685  18.902  2.686   1.00 23.07 ? 169 GLU A CD  1 
ATOM   1254 O OE1 . GLU A 1 169 ? -4.871  19.236  2.481   1.00 22.09 ? 169 GLU A OE1 1 
ATOM   1255 O OE2 . GLU A 1 169 ? -2.744  19.230  1.933   1.00 24.97 ? 169 GLU A OE2 1 
ATOM   1256 N N   . LYS A 1 170 ? -3.880  16.967  7.187   1.00 22.43 ? 170 LYS A N   1 
ATOM   1257 C CA  . LYS A 1 170 ? -4.309  17.434  8.514   1.00 22.59 ? 170 LYS A CA  1 
ATOM   1258 C C   . LYS A 1 170 ? -4.019  16.419  9.626   1.00 22.78 ? 170 LYS A C   1 
ATOM   1259 O O   . LYS A 1 170 ? -3.949  16.782  10.798  1.00 22.98 ? 170 LYS A O   1 
ATOM   1260 C CB  . LYS A 1 170 ? -5.772  17.900  8.543   1.00 22.77 ? 170 LYS A CB  1 
ATOM   1261 C CG  . LYS A 1 170 ? -6.080  19.053  7.593   1.00 22.36 ? 170 LYS A CG  1 
ATOM   1262 C CD  . LYS A 1 170 ? -7.561  19.416  7.614   1.00 22.45 ? 170 LYS A CD  1 
ATOM   1263 C CE  . LYS A 1 170 ? -8.465  18.298  7.098   1.00 23.09 ? 170 LYS A CE  1 
ATOM   1264 N NZ  . LYS A 1 170 ? -8.164  17.898  5.694   1.00 20.98 ? 170 LYS A NZ  1 
ATOM   1265 N N   . ASP A 1 171 ? -3.848  15.148  9.257   1.00 22.68 ? 171 ASP A N   1 
ATOM   1266 C CA  . ASP A 1 171 ? -3.378  14.140  10.202  1.00 22.35 ? 171 ASP A CA  1 
ATOM   1267 C C   . ASP A 1 171 ? -1.855  14.188  10.219  1.00 22.20 ? 171 ASP A C   1 
ATOM   1268 O O   . ASP A 1 171 ? -1.194  13.559  9.393   1.00 21.97 ? 171 ASP A O   1 
ATOM   1269 C CB  . ASP A 1 171 ? -3.883  12.745  9.812   1.00 22.47 ? 171 ASP A CB  1 
ATOM   1270 C CG  . ASP A 1 171 ? -3.547  11.682  10.845  1.00 22.98 ? 171 ASP A CG  1 
ATOM   1271 O OD1 . ASP A 1 171 ? -2.473  11.749  11.489  1.00 23.44 ? 171 ASP A OD1 1 
ATOM   1272 O OD2 . ASP A 1 171 ? -4.357  10.749  10.994  1.00 23.89 ? 171 ASP A OD2 1 
ATOM   1273 N N   . LYS A 1 172 ? -1.312  14.950  11.165  1.00 22.07 ? 172 LYS A N   1 
ATOM   1274 C CA  . LYS A 1 172 ? 0.134   15.206  11.220  1.00 22.20 ? 172 LYS A CA  1 
ATOM   1275 C C   . LYS A 1 172 ? 0.985   13.937  11.323  1.00 21.57 ? 172 LYS A C   1 
ATOM   1276 O O   . LYS A 1 172 ? 2.063   13.861  10.731  1.00 20.94 ? 172 LYS A O   1 
ATOM   1277 C CB  . LYS A 1 172 ? 0.458   16.177  12.358  1.00 22.29 ? 172 LYS A CB  1 
ATOM   1278 C CG  . LYS A 1 172 ? 0.032   17.610  12.054  1.00 23.48 ? 172 LYS A CG  1 
ATOM   1279 C CD  . LYS A 1 172 ? 0.268   18.555  13.229  1.00 24.44 ? 172 LYS A CD  1 
ATOM   1280 C CE  . LYS A 1 172 ? -0.864  18.499  14.255  1.00 27.60 ? 172 LYS A CE  1 
ATOM   1281 N NZ  . LYS A 1 172 ? -2.001  19.394  13.888  1.00 30.41 ? 172 LYS A NZ  1 
ATOM   1282 N N   . ALA A 1 173 ? 0.480   12.944  12.055  1.00 20.87 ? 173 ALA A N   1 
ATOM   1283 C CA  . ALA A 1 173 ? 1.155   11.653  12.207  1.00 20.60 ? 173 ALA A CA  1 
ATOM   1284 C C   . ALA A 1 173 ? 1.324   10.915  10.878  1.00 20.39 ? 173 ALA A C   1 
ATOM   1285 O O   . ALA A 1 173 ? 2.403   10.398  10.586  1.00 20.34 ? 173 ALA A O   1 
ATOM   1286 C CB  . ALA A 1 173 ? 0.409   10.785  13.197  1.00 20.22 ? 173 ALA A CB  1 
ATOM   1287 N N   . LEU A 1 174 ? 0.259   10.873  10.079  1.00 20.04 ? 174 LEU A N   1 
ATOM   1288 C CA  . LEU A 1 174 ? 0.318   10.240  8.757   1.00 20.33 ? 174 LEU A CA  1 
ATOM   1289 C C   . LEU A 1 174 ? 1.096   11.093  7.759   1.00 20.50 ? 174 LEU A C   1 
ATOM   1290 O O   . LEU A 1 174 ? 1.924   10.578  7.003   1.00 20.76 ? 174 LEU A O   1 
ATOM   1291 C CB  . LEU A 1 174 ? -1.089  9.930   8.225   1.00 20.37 ? 174 LEU A CB  1 
ATOM   1292 C CG  . LEU A 1 174 ? -1.911  8.895   9.001   1.00 20.47 ? 174 LEU A CG  1 
ATOM   1293 C CD1 . LEU A 1 174 ? -3.306  8.794   8.417   1.00 21.46 ? 174 LEU A CD1 1 
ATOM   1294 C CD2 . LEU A 1 174 ? -1.236  7.519   9.007   1.00 21.58 ? 174 LEU A CD2 1 
ATOM   1295 N N   . GLU A 1 175 ? 0.844   12.402  7.770   1.00 20.86 ? 175 GLU A N   1 
ATOM   1296 C CA  . GLU A 1 175 ? 1.569   13.325  6.890   1.00 20.99 ? 175 GLU A CA  1 
ATOM   1297 C C   . GLU A 1 175 ? 3.080   13.181  7.038   1.00 20.86 ? 175 GLU A C   1 
ATOM   1298 O O   . GLU A 1 175 ? 3.819   13.271  6.051   1.00 20.64 ? 175 GLU A O   1 
ATOM   1299 C CB  . GLU A 1 175 ? 1.161   14.768  7.156   1.00 21.42 ? 175 GLU A CB  1 
ATOM   1300 C CG  . GLU A 1 175 ? -0.121  15.186  6.467   1.00 23.74 ? 175 GLU A CG  1 
ATOM   1301 C CD  . GLU A 1 175 ? -0.362  16.682  6.545   1.00 26.73 ? 175 GLU A CD  1 
ATOM   1302 O OE1 . GLU A 1 175 ? 0.544   17.463  6.168   1.00 30.42 ? 175 GLU A OE1 1 
ATOM   1303 O OE2 . GLU A 1 175 ? -1.460  17.080  6.980   1.00 26.36 ? 175 GLU A OE2 1 
ATOM   1304 N N   . ARG A 1 176 ? 3.522   12.946  8.271   1.00 20.09 ? 176 ARG A N   1 
ATOM   1305 C CA  . ARG A 1 176 ? 4.941   12.781  8.586   1.00 20.19 ? 176 ARG A CA  1 
ATOM   1306 C C   . ARG A 1 176 ? 5.521   11.516  7.951   1.00 19.85 ? 176 ARG A C   1 
ATOM   1307 O O   . ARG A 1 176 ? 6.681   11.508  7.541   1.00 20.54 ? 176 ARG A O   1 
ATOM   1308 C CB  . ARG A 1 176 ? 5.136   12.762  10.106  1.00 20.03 ? 176 ARG A CB  1 
ATOM   1309 C CG  . ARG A 1 176 ? 6.536   12.415  10.587  1.00 20.54 ? 176 ARG A CG  1 
ATOM   1310 C CD  . ARG A 1 176 ? 7.545   13.521  10.286  1.00 22.14 ? 176 ARG A CD  1 
ATOM   1311 N NE  . ARG A 1 176 ? 8.896   13.115  10.669  1.00 23.34 ? 176 ARG A NE  1 
ATOM   1312 C CZ  . ARG A 1 176 ? 9.909   12.965  9.818   1.00 24.72 ? 176 ARG A CZ  1 
ATOM   1313 N NH1 . ARG A 1 176 ? 9.738   13.209  8.525   1.00 25.42 ? 176 ARG A NH1 1 
ATOM   1314 N NH2 . ARG A 1 176 ? 11.100  12.586  10.266  1.00 24.35 ? 176 ARG A NH2 1 
ATOM   1315 N N   . ARG A 1 177 ? 4.698   10.467  7.871   1.00 19.05 ? 177 ARG A N   1 
ATOM   1316 C CA  . ARG A 1 177 ? 5.121   9.146   7.395   1.00 19.19 ? 177 ARG A CA  1 
ATOM   1317 C C   . ARG A 1 177 ? 5.070   9.009   5.869   1.00 18.74 ? 177 ARG A C   1 
ATOM   1318 O O   . ARG A 1 177 ? 5.784   8.174   5.295   1.00 18.87 ? 177 ARG A O   1 
ATOM   1319 C CB  . ARG A 1 177 ? 4.228   8.047   7.998   1.00 19.76 ? 177 ARG A CB  1 
ATOM   1320 C CG  . ARG A 1 177 ? 4.214   7.954   9.525   1.00 21.53 ? 177 ARG A CG  1 
ATOM   1321 C CD  . ARG A 1 177 ? 5.407   7.186   10.035  1.00 23.23 ? 177 ARG A CD  1 
ATOM   1322 N NE  . ARG A 1 177 ? 5.581   7.307   11.477  1.00 24.04 ? 177 ARG A NE  1 
ATOM   1323 C CZ  . ARG A 1 177 ? 6.663   6.894   12.131  1.00 24.66 ? 177 ARG A CZ  1 
ATOM   1324 N NH1 . ARG A 1 177 ? 7.670   6.330   11.472  1.00 24.72 ? 177 ARG A NH1 1 
ATOM   1325 N NH2 . ARG A 1 177 ? 6.737   7.038   13.446  1.00 26.32 ? 177 ARG A NH2 1 
ATOM   1326 N N   . PHE A 1 178 ? 4.198   9.795   5.231   1.00 18.31 ? 178 PHE A N   1 
ATOM   1327 C CA  . PHE A 1 178 ? 3.894   9.643   3.799   1.00 18.42 ? 178 PHE A CA  1 
ATOM   1328 C C   . PHE A 1 178 ? 4.619   10.670  2.930   1.00 18.06 ? 178 PHE A C   1 
ATOM   1329 O O   . PHE A 1 178 ? 4.792   11.824  3.332   1.00 17.82 ? 178 PHE A O   1 
ATOM   1330 C CB  . PHE A 1 178 ? 2.391   9.794   3.520   1.00 18.92 ? 178 PHE A CB  1 
ATOM   1331 C CG  . PHE A 1 178 ? 1.508   8.758   4.181   1.00 20.20 ? 178 PHE A CG  1 
ATOM   1332 C CD1 . PHE A 1 178 ? 2.037   7.690   4.903   1.00 20.99 ? 178 PHE A CD1 1 
ATOM   1333 C CD2 . PHE A 1 178 ? 0.128   8.849   4.039   1.00 21.15 ? 178 PHE A CD2 1 
ATOM   1334 C CE1 . PHE A 1 178 ? 1.197   6.739   5.495   1.00 21.48 ? 178 PHE A CE1 1 
ATOM   1335 C CE2 . PHE A 1 178 ? -0.718  7.904   4.618   1.00 21.97 ? 178 PHE A CE2 1 
ATOM   1336 C CZ  . PHE A 1 178 ? -0.178  6.848   5.350   1.00 21.67 ? 178 PHE A CZ  1 
ATOM   1337 N N   . GLN A 1 179 ? 5.019   10.240  1.734   1.00 17.62 ? 179 GLN A N   1 
ATOM   1338 C CA  . GLN A 1 179 ? 5.507   11.144  0.695   1.00 18.00 ? 179 GLN A CA  1 
ATOM   1339 C C   . GLN A 1 179 ? 4.630   11.028  -0.545  1.00 17.53 ? 179 GLN A C   1 
ATOM   1340 O O   . GLN A 1 179 ? 4.560   9.965   -1.173  1.00 17.21 ? 179 GLN A O   1 
ATOM   1341 C CB  . GLN A 1 179 ? 6.967   10.850  0.327   1.00 18.01 ? 179 GLN A CB  1 
ATOM   1342 C CG  . GLN A 1 179 ? 7.518   11.803  -0.731  1.00 20.23 ? 179 GLN A CG  1 
ATOM   1343 C CD  . GLN A 1 179 ? 7.509   13.231  -0.254  1.00 23.46 ? 179 GLN A CD  1 
ATOM   1344 O OE1 . GLN A 1 179 ? 8.218   13.580  0.686   1.00 24.31 ? 179 GLN A OE1 1 
ATOM   1345 N NE2 . GLN A 1 179 ? 6.687   14.062  -0.882  1.00 23.85 ? 179 GLN A NE2 1 
ATOM   1346 N N   . GLN A 1 180 ? 3.960   12.127  -0.886  1.00 17.66 ? 180 GLN A N   1 
ATOM   1347 C CA  . GLN A 1 180 ? 3.074   12.178  -2.053  1.00 18.27 ? 180 GLN A CA  1 
ATOM   1348 C C   . GLN A 1 180 ? 3.864   12.101  -3.359  1.00 17.45 ? 180 GLN A C   1 
ATOM   1349 O O   . GLN A 1 180 ? 4.905   12.750  -3.506  1.00 17.51 ? 180 GLN A O   1 
ATOM   1350 C CB  . GLN A 1 180 ? 2.267   13.481  -2.071  1.00 18.42 ? 180 GLN A CB  1 
ATOM   1351 C CG  . GLN A 1 180 ? 1.383   13.727  -0.866  1.00 19.58 ? 180 GLN A CG  1 
ATOM   1352 C CD  . GLN A 1 180 ? 0.922   15.181  -0.775  1.00 20.89 ? 180 GLN A CD  1 
ATOM   1353 O OE1 . GLN A 1 180 ? 0.281   15.707  -1.693  1.00 26.26 ? 180 GLN A OE1 1 
ATOM   1354 N NE2 . GLN A 1 180 ? 1.248   15.834  0.331   1.00 23.29 ? 180 GLN A NE2 1 
ATOM   1355 N N   . ILE A 1 181 ? 3.350   11.312  -4.300  1.00 16.74 ? 181 ILE A N   1 
ATOM   1356 C CA  . ILE A 1 181 ? 3.843   11.279  -5.676  1.00 16.61 ? 181 ILE A CA  1 
ATOM   1357 C C   . ILE A 1 181 ? 2.650   11.608  -6.576  1.00 16.65 ? 181 ILE A C   1 
ATOM   1358 O O   . ILE A 1 181 ? 1.737   10.795  -6.715  1.00 16.34 ? 181 ILE A O   1 
ATOM   1359 C CB  . ILE A 1 181 ? 4.423   9.888   -6.056  1.00 16.21 ? 181 ILE A CB  1 
ATOM   1360 C CG1 . ILE A 1 181 ? 5.622   9.516   -5.165  1.00 16.22 ? 181 ILE A CG1 1 
ATOM   1361 C CG2 . ILE A 1 181 ? 4.792   9.842   -7.543  1.00 15.47 ? 181 ILE A CG2 1 
ATOM   1362 C CD1 . ILE A 1 181 ? 6.127   8.072   -5.359  1.00 17.27 ? 181 ILE A CD1 1 
ATOM   1363 N N   . LEU A 1 182 ? 2.638   12.803  -7.164  1.00 16.94 ? 182 LEU A N   1 
ATOM   1364 C CA  . LEU A 1 182 ? 1.526   13.180  -8.038  1.00 17.37 ? 182 LEU A CA  1 
ATOM   1365 C C   . LEU A 1 182 ? 1.657   12.515  -9.411  1.00 17.84 ? 182 LEU A C   1 
ATOM   1366 O O   . LEU A 1 182 ? 2.698   12.623  -10.073 1.00 17.97 ? 182 LEU A O   1 
ATOM   1367 C CB  . LEU A 1 182 ? 1.406   14.703  -8.180  1.00 17.36 ? 182 LEU A CB  1 
ATOM   1368 C CG  . LEU A 1 182 ? 0.284   15.226  -9.084  1.00 17.64 ? 182 LEU A CG  1 
ATOM   1369 C CD1 . LEU A 1 182 ? -1.092  14.831  -8.548  1.00 18.45 ? 182 LEU A CD1 1 
ATOM   1370 C CD2 . LEU A 1 182 ? 0.368   16.737  -9.255  1.00 17.92 ? 182 LEU A CD2 1 
ATOM   1371 N N   . VAL A 1 183 ? 0.597   11.831  -9.829  1.00 18.40 ? 183 VAL A N   1 
ATOM   1372 C CA  . VAL A 1 183 ? 0.566   11.165  -11.129 1.00 19.39 ? 183 VAL A CA  1 
ATOM   1373 C C   . VAL A 1 183 ? -0.410  11.925  -12.015 1.00 20.26 ? 183 VAL A C   1 
ATOM   1374 O O   . VAL A 1 183 ? -1.625  11.792  -11.882 1.00 20.02 ? 183 VAL A O   1 
ATOM   1375 C CB  . VAL A 1 183 ? 0.181   9.675   -11.006 1.00 19.04 ? 183 VAL A CB  1 
ATOM   1376 C CG1 . VAL A 1 183 ? 0.349   8.967   -12.347 1.00 19.48 ? 183 VAL A CG1 1 
ATOM   1377 C CG2 . VAL A 1 183 ? 1.025   8.994   -9.935  1.00 19.45 ? 183 VAL A CG2 1 
ATOM   1378 N N   . GLU A 1 184 ? 0.144   12.735  -12.913 1.00 21.92 ? 184 GLU A N   1 
ATOM   1379 C CA  . GLU A 1 184 ? -0.625  13.770  -13.599 1.00 23.71 ? 184 GLU A CA  1 
ATOM   1380 C C   . GLU A 1 184 ? -1.384  13.264  -14.819 1.00 23.92 ? 184 GLU A C   1 
ATOM   1381 O O   . GLU A 1 184 ? -2.539  13.631  -15.026 1.00 24.12 ? 184 GLU A O   1 
ATOM   1382 C CB  . GLU A 1 184 ? 0.288   14.945  -13.984 1.00 23.79 ? 184 GLU A CB  1 
ATOM   1383 C CG  . GLU A 1 184 ? 0.998   15.581  -12.791 1.00 25.04 ? 184 GLU A CG  1 
ATOM   1384 C CD  . GLU A 1 184 ? 1.995   16.652  -13.181 1.00 25.85 ? 184 GLU A CD  1 
ATOM   1385 O OE1 . GLU A 1 184 ? 2.919   16.372  -13.987 1.00 29.44 ? 184 GLU A OE1 1 
ATOM   1386 O OE2 . GLU A 1 184 ? 1.860   17.778  -12.665 1.00 28.62 ? 184 GLU A OE2 1 
ATOM   1387 N N   . GLN A 1 185 ? -0.737  12.418  -15.614 1.00 24.36 ? 185 GLN A N   1 
ATOM   1388 C CA  . GLN A 1 185 ? -1.270  12.006  -16.909 1.00 24.94 ? 185 GLN A CA  1 
ATOM   1389 C C   . GLN A 1 185 ? -1.273  10.495  -17.045 1.00 25.01 ? 185 GLN A C   1 
ATOM   1390 O O   . GLN A 1 185 ? -0.428  9.831   -16.440 1.00 25.09 ? 185 GLN A O   1 
ATOM   1391 C CB  . GLN A 1 185 ? -0.409  12.591  -18.028 1.00 25.22 ? 185 GLN A CB  1 
ATOM   1392 C CG  . GLN A 1 185 ? -0.470  14.096  -18.137 1.00 26.19 ? 185 GLN A CG  1 
ATOM   1393 C CD  . GLN A 1 185 ? 0.575   14.634  -19.084 1.00 28.46 ? 185 GLN A CD  1 
ATOM   1394 O OE1 . GLN A 1 185 ? 1.753   14.733  -18.738 1.00 29.56 ? 185 GLN A OE1 1 
ATOM   1395 N NE2 . GLN A 1 185 ? 0.151   14.981  -20.291 1.00 28.96 ? 185 GLN A NE2 1 
ATOM   1396 N N   . PRO A 1 186 ? -2.211  9.943   -17.846 1.00 25.06 ? 186 PRO A N   1 
ATOM   1397 C CA  . PRO A 1 186 ? -2.135  8.517   -18.157 1.00 25.34 ? 186 PRO A CA  1 
ATOM   1398 C C   . PRO A 1 186 ? -0.922  8.234   -19.036 1.00 25.56 ? 186 PRO A C   1 
ATOM   1399 O O   . PRO A 1 186 ? -0.447  9.136   -19.729 1.00 25.54 ? 186 PRO A O   1 
ATOM   1400 C CB  . PRO A 1 186 ? -3.427  8.256   -18.947 1.00 25.36 ? 186 PRO A CB  1 
ATOM   1401 C CG  . PRO A 1 186 ? -4.318  9.408   -18.636 1.00 25.24 ? 186 PRO A CG  1 
ATOM   1402 C CD  . PRO A 1 186 ? -3.382  10.567  -18.485 1.00 24.93 ? 186 PRO A CD  1 
ATOM   1403 N N   . SER A 1 187 ? -0.429  6.999   -18.995 1.00 25.68 ? 187 SER A N   1 
ATOM   1404 C CA  . SER A 1 187 ? 0.764   6.616   -19.746 1.00 26.34 ? 187 SER A CA  1 
ATOM   1405 C C   . SER A 1 187 ? 0.652   5.194   -20.300 1.00 26.29 ? 187 SER A C   1 
ATOM   1406 O O   . SER A 1 187 ? -0.399  4.547   -20.211 1.00 25.87 ? 187 SER A O   1 
ATOM   1407 C CB  . SER A 1 187 ? 2.010   6.757   -18.863 1.00 26.43 ? 187 SER A CB  1 
ATOM   1408 O OG  . SER A 1 187 ? 3.205   6.685   -19.629 1.00 28.32 ? 187 SER A OG  1 
ATOM   1409 O OXT . SER A 1 187 ? 1.610   4.657   -20.858 1.00 26.27 ? 187 SER A OXT 1 
HETATM 1410 O O   . HOH B 2 .   ? 10.775  12.392  -2.528  1.00 8.73  ? 188 HOH A O   1 
HETATM 1411 O O   . HOH B 2 .   ? -4.237  12.721  -11.983 1.00 23.48 ? 189 HOH A O   1 
HETATM 1412 O O   . HOH B 2 .   ? -5.366  4.907   -11.139 1.00 18.45 ? 190 HOH A O   1 
HETATM 1413 O O   . HOH B 2 .   ? 5.541   -9.657  -15.422 1.00 19.47 ? 191 HOH A O   1 
HETATM 1414 O O   . HOH B 2 .   ? -6.455  13.282  -8.220  1.00 16.61 ? 192 HOH A O   1 
HETATM 1415 O O   . HOH B 2 .   ? -19.090 -3.402  6.651   1.00 17.26 ? 193 HOH A O   1 
HETATM 1416 O O   . HOH B 2 .   ? -10.871 3.912   7.681   1.00 19.85 ? 194 HOH A O   1 
HETATM 1417 O O   . HOH B 2 .   ? 8.212   -0.692  9.448   1.00 18.37 ? 195 HOH A O   1 
HETATM 1418 O O   . HOH B 2 .   ? -18.610 2.429   4.856   1.00 18.48 ? 196 HOH A O   1 
HETATM 1419 O O   . HOH B 2 .   ? -19.841 -6.292  15.401  1.00 22.98 ? 197 HOH A O   1 
HETATM 1420 O O   . HOH B 2 .   ? -0.616  -6.038  -15.542 1.00 25.30 ? 198 HOH A O   1 
HETATM 1421 O O   . HOH B 2 .   ? 8.045   2.777   -16.961 1.00 22.77 ? 199 HOH A O   1 
HETATM 1422 O O   . HOH B 2 .   ? -8.823  14.549  -6.796  1.00 18.59 ? 200 HOH A O   1 
HETATM 1423 O O   . HOH B 2 .   ? 4.190   9.899   12.655  1.00 19.67 ? 201 HOH A O   1 
HETATM 1424 O O   . HOH B 2 .   ? 7.656   -6.825  6.269   1.00 18.42 ? 202 HOH A O   1 
HETATM 1425 O O   . HOH B 2 .   ? 11.824  -8.065  -13.553 1.00 22.26 ? 203 HOH A O   1 
HETATM 1426 O O   . HOH B 2 .   ? 6.228   -6.759  -17.833 1.00 24.35 ? 204 HOH A O   1 
HETATM 1427 O O   . HOH B 2 .   ? -3.698  -14.325 -3.186  1.00 20.91 ? 205 HOH A O   1 
HETATM 1428 O O   . HOH B 2 .   ? 15.189  -9.297  10.283  1.00 22.94 ? 206 HOH A O   1 
HETATM 1429 O O   . HOH B 2 .   ? 12.935  3.111   9.347   1.00 21.44 ? 207 HOH A O   1 
HETATM 1430 O O   . HOH B 2 .   ? -4.500  2.509   -7.718  1.00 23.87 ? 208 HOH A O   1 
HETATM 1431 O O   . HOH B 2 .   ? -12.943 -2.652  12.789  1.00 20.47 ? 209 HOH A O   1 
HETATM 1432 O O   . HOH B 2 .   ? -8.482  21.089  -2.694  1.00 22.20 ? 210 HOH A O   1 
HETATM 1433 O O   . HOH B 2 .   ? -3.365  -4.522  -6.938  1.00 20.26 ? 211 HOH A O   1 
HETATM 1434 O O   . HOH B 2 .   ? 9.660   7.175   -18.145 1.00 27.43 ? 212 HOH A O   1 
HETATM 1435 O O   . HOH B 2 .   ? 0.668   4.224   -15.049 1.00 18.21 ? 213 HOH A O   1 
HETATM 1436 O O   . HOH B 2 .   ? -17.771 -3.876  19.004  1.00 24.49 ? 214 HOH A O   1 
HETATM 1437 O O   . HOH B 2 .   ? -6.935  15.949  -11.956 1.00 26.70 ? 215 HOH A O   1 
HETATM 1438 O O   . HOH B 2 .   ? -2.786  15.560  13.743  1.00 27.97 ? 216 HOH A O   1 
HETATM 1439 O O   . HOH B 2 .   ? 14.931  -8.835  -5.536  1.00 23.93 ? 217 HOH A O   1 
HETATM 1440 O O   . HOH B 2 .   ? -12.461 -1.140  6.543   1.00 19.60 ? 218 HOH A O   1 
HETATM 1441 O O   . HOH B 2 .   ? -4.637  -2.833  -2.473  1.00 18.81 ? 219 HOH A O   1 
HETATM 1442 O O   . HOH B 2 .   ? -15.211 -1.275  12.950  1.00 24.96 ? 220 HOH A O   1 
HETATM 1443 O O   . HOH B 2 .   ? 7.618   1.700   14.745  1.00 27.21 ? 221 HOH A O   1 
HETATM 1444 O O   . HOH B 2 .   ? 6.984   -13.386 -3.836  1.00 26.70 ? 222 HOH A O   1 
HETATM 1445 O O   . HOH B 2 .   ? -1.159  -13.545 -6.167  1.00 28.83 ? 223 HOH A O   1 
HETATM 1446 O O   . HOH B 2 .   ? -10.996 6.698   6.678   1.00 21.33 ? 224 HOH A O   1 
HETATM 1447 O O   . HOH B 2 .   ? 19.126  0.822   -7.194  1.00 34.16 ? 225 HOH A O   1 
HETATM 1448 O O   . HOH B 2 .   ? 12.684  -11.418 7.728   1.00 24.03 ? 226 HOH A O   1 
HETATM 1449 O O   . HOH B 2 .   ? -10.785 3.619   12.521  1.00 21.22 ? 227 HOH A O   1 
HETATM 1450 O O   . HOH B 2 .   ? 22.704  -1.235  2.595   1.00 37.96 ? 228 HOH A O   1 
HETATM 1451 O O   . HOH B 2 .   ? 1.344   -3.036  -15.743 1.00 27.48 ? 229 HOH A O   1 
HETATM 1452 O O   . HOH B 2 .   ? -16.639 -1.596  5.770   1.00 24.21 ? 230 HOH A O   1 
HETATM 1453 O O   . HOH B 2 .   ? 14.055  -5.374  6.219   1.00 27.21 ? 231 HOH A O   1 
HETATM 1454 O O   . HOH B 2 .   ? 4.017   2.349   8.540   1.00 23.26 ? 232 HOH A O   1 
HETATM 1455 O O   . HOH B 2 .   ? 0.068   -12.577 -1.556  1.00 22.31 ? 233 HOH A O   1 
HETATM 1456 O O   . HOH B 2 .   ? -7.124  19.692  3.944   1.00 22.89 ? 234 HOH A O   1 
HETATM 1457 O O   . HOH B 2 .   ? -1.648  4.908   -17.432 1.00 23.04 ? 235 HOH A O   1 
HETATM 1458 O O   . HOH B 2 .   ? -6.575  4.704   -5.370  1.00 24.59 ? 236 HOH A O   1 
HETATM 1459 O O   . HOH B 2 .   ? 15.814  -10.023 1.082   1.00 30.39 ? 237 HOH A O   1 
HETATM 1460 O O   . HOH B 2 .   ? 9.383   -1.403  -14.280 1.00 22.24 ? 238 HOH A O   1 
HETATM 1461 O O   . HOH B 2 .   ? 9.117   8.597   -16.178 1.00 31.65 ? 239 HOH A O   1 
HETATM 1462 O O   . HOH B 2 .   ? 0.869   3.336   -23.119 1.00 26.68 ? 240 HOH A O   1 
HETATM 1463 O O   . HOH B 2 .   ? 6.113   -4.013  6.125   1.00 25.93 ? 241 HOH A O   1 
HETATM 1464 O O   . HOH B 2 .   ? -3.069  -2.068  15.092  1.00 27.60 ? 242 HOH A O   1 
HETATM 1465 O O   . HOH B 2 .   ? 13.360  4.908   13.875  1.00 22.84 ? 243 HOH A O   1 
HETATM 1466 O O   . HOH B 2 .   ? -17.855 -2.387  13.263  1.00 29.89 ? 244 HOH A O   1 
HETATM 1467 O O   . HOH B 2 .   ? -2.833  10.762  14.165  1.00 31.48 ? 245 HOH A O   1 
HETATM 1468 O O   . HOH B 2 .   ? 19.879  -4.844  -13.404 1.00 30.27 ? 246 HOH A O   1 
HETATM 1469 O O   . HOH B 2 .   ? -9.480  14.543  8.044   1.00 26.79 ? 247 HOH A O   1 
HETATM 1470 O O   . HOH B 2 .   ? -13.451 5.792   8.880   1.00 26.89 ? 248 HOH A O   1 
HETATM 1471 O O   . HOH B 2 .   ? -2.262  -1.037  17.521  1.00 27.93 ? 249 HOH A O   1 
HETATM 1472 O O   . HOH B 2 .   ? -8.233  6.110   -7.509  1.00 23.40 ? 250 HOH A O   1 
HETATM 1473 O O   . HOH B 2 .   ? -21.114 0.760   4.904   1.00 27.03 ? 251 HOH A O   1 
HETATM 1474 O O   . HOH B 2 .   ? 21.062  -2.888  -7.548  1.00 34.82 ? 252 HOH A O   1 
HETATM 1475 O O   . HOH B 2 .   ? 10.070  1.278   3.972   1.00 23.36 ? 253 HOH A O   1 
HETATM 1476 O O   . HOH B 2 .   ? -8.968  -5.638  18.115  1.00 33.19 ? 254 HOH A O   1 
HETATM 1477 O O   . HOH B 2 .   ? 1.060   -1.284  -17.616 1.00 36.15 ? 255 HOH A O   1 
HETATM 1478 O O   . HOH B 2 .   ? 3.348   16.093  9.908   1.00 25.41 ? 256 HOH A O   1 
HETATM 1479 O O   . HOH B 2 .   ? 7.235   2.597   6.494   1.00 24.97 ? 257 HOH A O   1 
HETATM 1480 O O   . HOH B 2 .   ? -13.785 3.212   14.591  1.00 27.22 ? 258 HOH A O   1 
HETATM 1481 O O   . HOH B 2 .   ? 16.651  8.022   5.886   1.00 41.18 ? 259 HOH A O   1 
HETATM 1482 O O   . HOH B 2 .   ? -23.160 1.517   9.122   1.00 26.97 ? 260 HOH A O   1 
HETATM 1483 O O   . HOH B 2 .   ? 9.310   -11.957 -3.704  1.00 29.53 ? 261 HOH A O   1 
HETATM 1484 O O   . HOH B 2 .   ? -11.888 12.001  -5.367  1.00 32.39 ? 262 HOH A O   1 
HETATM 1485 O O   . HOH B 2 .   ? 6.701   4.497   16.551  1.00 28.74 ? 263 HOH A O   1 
HETATM 1486 O O   . HOH B 2 .   ? 12.842  -12.262 1.587   1.00 30.15 ? 264 HOH A O   1 
HETATM 1487 O O   . HOH B 2 .   ? -17.222 -8.130  17.883  1.00 32.24 ? 265 HOH A O   1 
HETATM 1488 O O   . HOH B 2 .   ? 6.924   12.953  -8.640  1.00 33.54 ? 266 HOH A O   1 
HETATM 1489 O O   . HOH B 2 .   ? -13.018 7.797   12.490  1.00 28.65 ? 267 HOH A O   1 
HETATM 1490 O O   . HOH B 2 .   ? 8.775   11.446  -16.405 1.00 33.50 ? 268 HOH A O   1 
HETATM 1491 O O   . HOH B 2 .   ? -5.471  -7.239  -4.093  1.00 32.64 ? 269 HOH A O   1 
HETATM 1492 O O   . HOH B 2 .   ? -10.099 -4.898  -2.395  1.00 41.99 ? 270 HOH A O   1 
HETATM 1493 O O   . HOH B 2 .   ? 5.439   -16.678 -9.767  1.00 27.28 ? 271 HOH A O   1 
HETATM 1494 O O   . HOH B 2 .   ? 11.742  1.106   7.062   1.00 28.37 ? 272 HOH A O   1 
HETATM 1495 O O   . HOH B 2 .   ? -14.417 9.583   -1.012  1.00 27.26 ? 273 HOH A O   1 
HETATM 1496 O O   . HOH B 2 .   ? -5.028  -1.907  -7.459  1.00 27.25 ? 274 HOH A O   1 
HETATM 1497 O O   . HOH B 2 .   ? 9.147   1.118   7.688   1.00 29.88 ? 275 HOH A O   1 
HETATM 1498 O O   . HOH B 2 .   ? 2.214   11.809  -15.522 1.00 30.38 ? 276 HOH A O   1 
HETATM 1499 O O   . HOH B 2 .   ? 7.130   -3.188  8.526   1.00 32.74 ? 277 HOH A O   1 
HETATM 1500 O O   . HOH B 2 .   ? -17.351 7.505   9.631   1.00 30.73 ? 278 HOH A O   1 
HETATM 1501 O O   . HOH B 2 .   ? -16.963 1.935   11.758  1.00 29.47 ? 279 HOH A O   1 
HETATM 1502 O O   . HOH B 2 .   ? 7.484   15.543  7.099   1.00 28.64 ? 280 HOH A O   1 
HETATM 1503 O O   . HOH B 2 .   ? -16.753 0.358   4.028   1.00 31.00 ? 281 HOH A O   1 
HETATM 1504 O O   . HOH B 2 .   ? 7.504   2.087   3.892   1.00 29.29 ? 282 HOH A O   1 
HETATM 1505 O O   . HOH B 2 .   ? -12.828 -11.963 5.834   1.00 32.71 ? 283 HOH A O   1 
HETATM 1506 O O   . HOH B 2 .   ? -9.121  15.409  -9.838  1.00 31.29 ? 284 HOH A O   1 
HETATM 1507 O O   . HOH B 2 .   ? 12.404  12.878  7.473   1.00 30.15 ? 285 HOH A O   1 
HETATM 1508 O O   . HOH B 2 .   ? 12.656  3.162   -12.853 1.00 33.02 ? 286 HOH A O   1 
HETATM 1509 O O   . HOH B 2 .   ? -23.358 1.784   6.286   1.00 26.05 ? 287 HOH A O   1 
HETATM 1510 O O   . HOH B 2 .   ? 15.016  -8.708  7.425   1.00 33.48 ? 288 HOH A O   1 
HETATM 1511 O O   . HOH B 2 .   ? 10.855  -15.624 -13.720 1.00 29.33 ? 289 HOH A O   1 
HETATM 1512 O O   . HOH B 2 .   ? -12.199 0.439   4.193   1.00 31.55 ? 290 HOH A O   1 
HETATM 1513 O O   . HOH B 2 .   ? 19.943  -6.896  -11.315 1.00 30.77 ? 291 HOH A O   1 
HETATM 1514 O O   . HOH B 2 .   ? 10.226  -9.516  14.982  1.00 32.76 ? 292 HOH A O   1 
HETATM 1515 O O   . HOH B 2 .   ? 17.380  -8.119  3.456   1.00 29.10 ? 293 HOH A O   1 
HETATM 1516 O O   . HOH B 2 .   ? -16.439 -11.196 16.418  1.00 38.44 ? 294 HOH A O   1 
HETATM 1517 O O   . HOH B 2 .   ? 21.878  -0.336  -1.923  1.00 34.56 ? 295 HOH A O   1 
HETATM 1518 O O   . HOH B 2 .   ? 14.803  9.041   16.716  1.00 31.48 ? 296 HOH A O   1 
HETATM 1519 O O   . HOH B 2 .   ? 9.024   -0.268  -19.484 1.00 26.85 ? 297 HOH A O   1 
HETATM 1520 O O   . HOH B 2 .   ? -9.249  13.217  -14.657 1.00 27.51 ? 298 HOH A O   1 
HETATM 1521 O O   . HOH B 2 .   ? -1.153  -14.410 -3.168  1.00 31.36 ? 299 HOH A O   1 
HETATM 1522 O O   . HOH B 2 .   ? -22.022 -2.518  13.789  1.00 31.12 ? 300 HOH A O   1 
HETATM 1523 O O   . HOH B 2 .   ? 9.870   15.297  1.048   1.00 34.50 ? 301 HOH A O   1 
HETATM 1524 O O   . HOH B 2 .   ? -5.152  -12.117 15.487  1.00 34.02 ? 302 HOH A O   1 
HETATM 1525 O O   . HOH B 2 .   ? -14.461 1.113   2.782   1.00 34.28 ? 303 HOH A O   1 
HETATM 1526 O O   . HOH B 2 .   ? -13.499 13.362  -3.425  1.00 28.46 ? 304 HOH A O   1 
HETATM 1527 O O   . HOH B 2 .   ? 7.649   5.309   8.795   1.00 29.11 ? 305 HOH A O   1 
HETATM 1528 O O   . HOH B 2 .   ? 1.411   -7.161  -22.301 1.00 39.31 ? 306 HOH A O   1 
HETATM 1529 O O   . HOH B 2 .   ? -6.782  23.051  -5.364  1.00 38.94 ? 307 HOH A O   1 
HETATM 1530 O O   . HOH B 2 .   ? -8.691  17.565  -6.667  1.00 32.46 ? 308 HOH A O   1 
HETATM 1531 O O   . HOH B 2 .   ? 4.894   9.787   -15.992 1.00 31.71 ? 309 HOH A O   1 
HETATM 1532 O O   . HOH B 2 .   ? -12.273 -5.849  18.738  1.00 37.27 ? 310 HOH A O   1 
HETATM 1533 O O   . HOH B 2 .   ? 13.004  10.108  6.474   1.00 15.18 ? 311 HOH A O   1 
HETATM 1534 O O   . HOH B 2 .   ? 10.292  11.047  1.565   1.00 19.57 ? 312 HOH A O   1 
HETATM 1535 O O   . HOH B 2 .   ? 3.715   14.345  1.085   1.00 25.32 ? 313 HOH A O   1 
HETATM 1536 O O   . HOH B 2 .   ? 7.809   -15.053 -6.100  1.00 26.19 ? 314 HOH A O   1 
HETATM 1537 O O   . HOH B 2 .   ? 8.014   -5.407  9.353   1.00 32.95 ? 315 HOH A O   1 
HETATM 1538 O O   . HOH B 2 .   ? -8.038  -0.927  -0.242  1.00 33.57 ? 316 HOH A O   1 
HETATM 1539 O O   . HOH B 2 .   ? 13.972  -12.318 -8.530  1.00 25.17 ? 317 HOH A O   1 
HETATM 1540 O O   . HOH B 2 .   ? 4.766   14.606  -6.956  1.00 29.10 ? 318 HOH A O   1 
HETATM 1541 O O   . HOH B 2 .   ? -6.603  10.736  9.405   1.00 33.59 ? 319 HOH A O   1 
HETATM 1542 O O   . HOH B 2 .   ? 6.144   -13.371 8.452   1.00 33.40 ? 320 HOH A O   1 
HETATM 1543 O O   . HOH B 2 .   ? 5.678   0.412   16.945  1.00 37.88 ? 321 HOH A O   1 
HETATM 1544 O O   . HOH B 2 .   ? -19.246 -8.224  5.597   1.00 33.50 ? 322 HOH A O   1 
HETATM 1545 O O   . HOH B 2 .   ? 12.252  -10.378 -4.512  1.00 26.68 ? 323 HOH A O   1 
HETATM 1546 O O   . HOH B 2 .   ? 16.267  7.631   -0.543  1.00 35.18 ? 324 HOH A O   1 
HETATM 1547 O O   . HOH B 2 .   ? 16.476  1.215   -8.154  1.00 35.44 ? 325 HOH A O   1 
HETATM 1548 O O   . HOH B 2 .   ? 24.018  -5.586  -2.180  1.00 52.87 ? 326 HOH A O   1 
# 
loop_
_pdbx_poly_seq_scheme.asym_id 
_pdbx_poly_seq_scheme.entity_id 
_pdbx_poly_seq_scheme.seq_id 
_pdbx_poly_seq_scheme.mon_id 
_pdbx_poly_seq_scheme.ndb_seq_num 
_pdbx_poly_seq_scheme.pdb_seq_num 
_pdbx_poly_seq_scheme.auth_seq_num 
_pdbx_poly_seq_scheme.pdb_mon_id 
_pdbx_poly_seq_scheme.auth_mon_id 
_pdbx_poly_seq_scheme.pdb_strand_id 
_pdbx_poly_seq_scheme.pdb_ins_code 
_pdbx_poly_seq_scheme.hetero 
A 1 1   GLY 1   1   ?   ?   ?   A . n 
A 1 2   TYR 2   2   ?   ?   ?   A . n 
A 1 3   GLN 3   3   3   GLN GLN A . n 
A 1 4   ALA 4   4   4   ALA ALA A . n 
A 1 5   LEU 5   5   5   LEU LEU A . n 
A 1 6   GLU 6   6   6   GLU GLU A . n 
A 1 7   LYS 7   7   7   LYS LYS A . n 
A 1 8   TYR 8   8   8   TYR TYR A . n 
A 1 9   SER 9   9   9   SER SER A . n 
A 1 10  ARG 10  10  10  ARG ARG A . n 
A 1 11  ASP 11  11  11  ASP ASP A . n 
A 1 12  LEU 12  12  12  LEU LEU A . n 
A 1 13  THR 13  13  13  THR THR A . n 
A 1 14  ALA 14  14  14  ALA ALA A . n 
A 1 15  LEU 15  15  15  LEU LEU A . n 
A 1 16  ALA 16  16  16  ALA ALA A . n 
A 1 17  ARG 17  17  17  ARG ARG A . n 
A 1 18  ALA 18  18  18  ALA ALA A . n 
A 1 19  GLY 19  19  19  GLY GLY A . n 
A 1 20  LYS 20  20  20  LYS LYS A . n 
A 1 21  LEU 21  21  21  LEU LEU A . n 
A 1 22  ASP 22  22  22  ASP ASP A . n 
A 1 23  PRO 23  23  23  PRO PRO A . n 
A 1 24  VAL 24  24  24  VAL VAL A . n 
A 1 25  ILE 25  25  25  ILE ILE A . n 
A 1 26  GLY 26  26  26  GLY GLY A . n 
A 1 27  ARG 27  27  27  ARG ARG A . n 
A 1 28  ASP 28  28  28  ASP ASP A . n 
A 1 29  THR 29  29  29  THR THR A . n 
A 1 30  GLU 30  30  30  GLU GLU A . n 
A 1 31  ILE 31  31  31  ILE ILE A . n 
A 1 32  ARG 32  32  32  ARG ARG A . n 
A 1 33  ARG 33  33  33  ARG ARG A . n 
A 1 34  ALA 34  34  34  ALA ALA A . n 
A 1 35  ILE 35  35  35  ILE ILE A . n 
A 1 36  GLN 36  36  36  GLN GLN A . n 
A 1 37  ILE 37  37  37  ILE ILE A . n 
A 1 38  LEU 38  38  38  LEU LEU A . n 
A 1 39  SER 39  39  39  SER SER A . n 
A 1 40  ARG 40  40  40  ARG ARG A . n 
A 1 41  ARG 41  41  41  ARG ARG A . n 
A 1 42  THR 42  42  42  THR THR A . n 
A 1 43  LYS 43  43  43  LYS LYS A . n 
A 1 44  ASN 44  44  44  ASN ASN A . n 
A 1 45  ASN 45  45  45  ASN ASN A . n 
A 1 46  PRO 46  46  46  PRO PRO A . n 
A 1 47  ILE 47  47  47  ILE ILE A . n 
A 1 48  LEU 48  48  48  LEU LEU A . n 
A 1 49  LEU 49  49  49  LEU LEU A . n 
A 1 50  GLY 50  50  50  GLY GLY A . n 
A 1 51  ASP 51  51  51  ASP ASP A . n 
A 1 52  PRO 52  52  52  PRO PRO A . n 
A 1 53  GLY 53  53  53  GLY GLY A . n 
A 1 54  VAL 54  54  54  VAL VAL A . n 
A 1 55  GLY 55  55  55  GLY GLY A . n 
A 1 56  LYS 56  56  56  LYS LYS A . n 
A 1 57  THR 57  57  57  THR THR A . n 
A 1 58  ALA 58  58  58  ALA ALA A . n 
A 1 59  ILE 59  59  59  ILE ILE A . n 
A 1 60  VAL 60  60  60  VAL VAL A . n 
A 1 61  GLU 61  61  61  GLU GLU A . n 
A 1 62  GLY 62  62  62  GLY GLY A . n 
A 1 63  LEU 63  63  63  LEU LEU A . n 
A 1 64  ALA 64  64  64  ALA ALA A . n 
A 1 65  ILE 65  65  65  ILE ILE A . n 
A 1 66  LYS 66  66  66  LYS LYS A . n 
A 1 67  ILE 67  67  67  ILE ILE A . n 
A 1 68  VAL 68  68  68  VAL VAL A . n 
A 1 69  GLN 69  69  69  GLN GLN A . n 
A 1 70  GLY 70  70  70  GLY GLY A . n 
A 1 71  ASP 71  71  71  ASP ASP A . n 
A 1 72  VAL 72  72  72  VAL VAL A . n 
A 1 73  PRO 73  73  73  PRO PRO A . n 
A 1 74  ASP 74  74  74  ASP ASP A . n 
A 1 75  SER 75  75  75  SER SER A . n 
A 1 76  LEU 76  76  76  LEU LEU A . n 
A 1 77  LYS 77  77  77  LYS LYS A . n 
A 1 78  GLY 78  78  78  GLY GLY A . n 
A 1 79  ARG 79  79  79  ARG ARG A . n 
A 1 80  LYS 80  80  80  LYS LYS A . n 
A 1 81  LEU 81  81  81  LEU LEU A . n 
A 1 82  VAL 82  82  82  VAL VAL A . n 
A 1 83  SER 83  83  83  SER SER A . n 
A 1 84  LEU 84  84  84  LEU LEU A . n 
A 1 85  ASP 85  85  85  ASP ASP A . n 
A 1 86  LEU 86  86  86  LEU LEU A . n 
A 1 87  SER 87  87  87  SER SER A . n 
A 1 88  SER 88  88  88  SER SER A . n 
A 1 89  LEU 89  89  89  LEU LEU A . n 
A 1 90  ILE 90  90  90  ILE ILE A . n 
A 1 91  ALA 91  91  91  ALA ALA A . n 
A 1 92  GLY 92  92  92  GLY GLY A . n 
A 1 93  ALA 93  93  93  ALA ALA A . n 
A 1 94  LYS 94  94  94  LYS LYS A . n 
A 1 95  TYR 95  95  95  TYR TYR A . n 
A 1 96  ARG 96  96  96  ARG ARG A . n 
A 1 97  GLY 97  97  97  GLY GLY A . n 
A 1 98  ASP 98  98  98  ASP ASP A . n 
A 1 99  PHE 99  99  99  PHE PHE A . n 
A 1 100 GLU 100 100 100 GLU GLU A . n 
A 1 101 GLU 101 101 101 GLU GLU A . n 
A 1 102 ARG 102 102 102 ARG ARG A . n 
A 1 103 LEU 103 103 103 LEU LEU A . n 
A 1 104 LYS 104 104 104 LYS LYS A . n 
A 1 105 SER 105 105 105 SER SER A . n 
A 1 106 ILE 106 106 106 ILE ILE A . n 
A 1 107 LEU 107 107 107 LEU LEU A . n 
A 1 108 LYS 108 108 108 LYS LYS A . n 
A 1 109 GLU 109 109 109 GLU GLU A . n 
A 1 110 VAL 110 110 110 VAL VAL A . n 
A 1 111 GLN 111 111 111 GLN GLN A . n 
A 1 112 ASP 112 112 112 ASP ASP A . n 
A 1 113 ALA 113 113 113 ALA ALA A . n 
A 1 114 GLU 114 114 114 GLU GLU A . n 
A 1 115 GLY 115 115 115 GLY GLY A . n 
A 1 116 GLN 116 116 116 GLN GLN A . n 
A 1 117 VAL 117 117 117 VAL VAL A . n 
A 1 118 VAL 118 118 118 VAL VAL A . n 
A 1 119 MET 119 119 119 MET MET A . n 
A 1 120 PHE 120 120 120 PHE PHE A . n 
A 1 121 ILE 121 121 121 ILE ILE A . n 
A 1 122 ASP 122 122 122 ASP ASP A . n 
A 1 123 GLU 123 123 123 GLU GLU A . n 
A 1 124 ILE 124 124 124 ILE ILE A . n 
A 1 125 HIS 125 125 125 HIS HIS A . n 
A 1 126 THR 126 126 126 THR THR A . n 
A 1 127 VAL 127 127 127 VAL VAL A . n 
A 1 128 VAL 128 128 128 VAL VAL A . n 
A 1 129 GLY 129 129 129 GLY GLY A . n 
A 1 130 ALA 130 130 130 ALA ALA A . n 
A 1 131 GLY 131 131 131 GLY GLY A . n 
A 1 132 ALA 132 132 132 ALA ALA A . n 
A 1 133 VAL 133 133 133 VAL VAL A . n 
A 1 134 ALA 134 134 134 ALA ALA A . n 
A 1 135 GLU 135 135 135 GLU GLU A . n 
A 1 136 GLY 136 136 136 GLY GLY A . n 
A 1 137 ALA 137 137 137 ALA ALA A . n 
A 1 138 LEU 138 138 138 LEU LEU A . n 
A 1 139 ASP 139 139 139 ASP ASP A . n 
A 1 140 ALA 140 140 140 ALA ALA A . n 
A 1 141 GLY 141 141 141 GLY GLY A . n 
A 1 142 ASN 142 142 142 ASN ASN A . n 
A 1 143 ILE 143 143 143 ILE ILE A . n 
A 1 144 LEU 144 144 144 LEU LEU A . n 
A 1 145 LYS 145 145 145 LYS LYS A . n 
A 1 146 PRO 146 146 146 PRO PRO A . n 
A 1 147 MET 147 147 147 MET MET A . n 
A 1 148 LEU 148 148 148 LEU LEU A . n 
A 1 149 ALA 149 149 149 ALA ALA A . n 
A 1 150 ARG 150 150 150 ARG ARG A . n 
A 1 151 GLY 151 151 151 GLY GLY A . n 
A 1 152 GLU 152 152 152 GLU GLU A . n 
A 1 153 LEU 153 153 153 LEU LEU A . n 
A 1 154 ARG 154 154 154 ARG ARG A . n 
A 1 155 CYS 155 155 155 CYS CYS A . n 
A 1 156 ILE 156 156 156 ILE ILE A . n 
A 1 157 GLY 157 157 157 GLY GLY A . n 
A 1 158 ALA 158 158 158 ALA ALA A . n 
A 1 159 THR 159 159 159 THR THR A . n 
A 1 160 THR 160 160 160 THR THR A . n 
A 1 161 VAL 161 161 161 VAL VAL A . n 
A 1 162 SER 162 162 162 SER SER A . n 
A 1 163 GLU 163 163 163 GLU GLU A . n 
A 1 164 TYR 164 164 164 TYR TYR A . n 
A 1 165 ARG 165 165 165 ARG ARG A . n 
A 1 166 GLN 166 166 166 GLN GLN A . n 
A 1 167 PHE 167 167 167 PHE PHE A . n 
A 1 168 ILE 168 168 168 ILE ILE A . n 
A 1 169 GLU 169 169 169 GLU GLU A . n 
A 1 170 LYS 170 170 170 LYS LYS A . n 
A 1 171 ASP 171 171 171 ASP ASP A . n 
A 1 172 LYS 172 172 172 LYS LYS A . n 
A 1 173 ALA 173 173 173 ALA ALA A . n 
A 1 174 LEU 174 174 174 LEU LEU A . n 
A 1 175 GLU 175 175 175 GLU GLU A . n 
A 1 176 ARG 176 176 176 ARG ARG A . n 
A 1 177 ARG 177 177 177 ARG ARG A . n 
A 1 178 PHE 178 178 178 PHE PHE A . n 
A 1 179 GLN 179 179 179 GLN GLN A . n 
A 1 180 GLN 180 180 180 GLN GLN A . n 
A 1 181 ILE 181 181 181 ILE ILE A . n 
A 1 182 LEU 182 182 182 LEU LEU A . n 
A 1 183 VAL 183 183 183 VAL VAL A . n 
A 1 184 GLU 184 184 184 GLU GLU A . n 
A 1 185 GLN 185 185 185 GLN GLN A . n 
A 1 186 PRO 186 186 186 PRO PRO A . n 
A 1 187 SER 187 187 187 SER SER A . n 
# 
_pdbx_SG_project.id                    1 
_pdbx_SG_project.project_name          ? 
_pdbx_SG_project.full_name_of_center   'Structural Genomics Consortium' 
_pdbx_SG_project.initial_of_center     SGC 
# 
loop_
_pdbx_nonpoly_scheme.asym_id 
_pdbx_nonpoly_scheme.entity_id 
_pdbx_nonpoly_scheme.mon_id 
_pdbx_nonpoly_scheme.ndb_seq_num 
_pdbx_nonpoly_scheme.pdb_seq_num 
_pdbx_nonpoly_scheme.auth_seq_num 
_pdbx_nonpoly_scheme.pdb_mon_id 
_pdbx_nonpoly_scheme.auth_mon_id 
_pdbx_nonpoly_scheme.pdb_strand_id 
_pdbx_nonpoly_scheme.pdb_ins_code 
B 2 HOH 1   188 1   HOH HOH A . 
B 2 HOH 2   189 2   HOH HOH A . 
B 2 HOH 3   190 3   HOH HOH A . 
B 2 HOH 4   191 4   HOH HOH A . 
B 2 HOH 5   192 5   HOH HOH A . 
B 2 HOH 6   193 6   HOH HOH A . 
B 2 HOH 7   194 7   HOH HOH A . 
B 2 HOH 8   195 8   HOH HOH A . 
B 2 HOH 9   196 9   HOH HOH A . 
B 2 HOH 10  197 10  HOH HOH A . 
B 2 HOH 11  198 11  HOH HOH A . 
B 2 HOH 12  199 12  HOH HOH A . 
B 2 HOH 13  200 13  HOH HOH A . 
B 2 HOH 14  201 14  HOH HOH A . 
B 2 HOH 15  202 15  HOH HOH A . 
B 2 HOH 16  203 16  HOH HOH A . 
B 2 HOH 17  204 17  HOH HOH A . 
B 2 HOH 18  205 18  HOH HOH A . 
B 2 HOH 19  206 19  HOH HOH A . 
B 2 HOH 20  207 20  HOH HOH A . 
B 2 HOH 21  208 21  HOH HOH A . 
B 2 HOH 22  209 22  HOH HOH A . 
B 2 HOH 23  210 23  HOH HOH A . 
B 2 HOH 24  211 24  HOH HOH A . 
B 2 HOH 25  212 25  HOH HOH A . 
B 2 HOH 26  213 26  HOH HOH A . 
B 2 HOH 27  214 27  HOH HOH A . 
B 2 HOH 28  215 28  HOH HOH A . 
B 2 HOH 29  216 29  HOH HOH A . 
B 2 HOH 30  217 30  HOH HOH A . 
B 2 HOH 31  218 31  HOH HOH A . 
B 2 HOH 32  219 32  HOH HOH A . 
B 2 HOH 33  220 33  HOH HOH A . 
B 2 HOH 34  221 34  HOH HOH A . 
B 2 HOH 35  222 35  HOH HOH A . 
B 2 HOH 36  223 36  HOH HOH A . 
B 2 HOH 37  224 37  HOH HOH A . 
B 2 HOH 38  225 38  HOH HOH A . 
B 2 HOH 39  226 39  HOH HOH A . 
B 2 HOH 40  227 40  HOH HOH A . 
B 2 HOH 41  228 41  HOH HOH A . 
B 2 HOH 42  229 42  HOH HOH A . 
B 2 HOH 43  230 43  HOH HOH A . 
B 2 HOH 44  231 44  HOH HOH A . 
B 2 HOH 45  232 45  HOH HOH A . 
B 2 HOH 46  233 46  HOH HOH A . 
B 2 HOH 47  234 47  HOH HOH A . 
B 2 HOH 48  235 48  HOH HOH A . 
B 2 HOH 49  236 49  HOH HOH A . 
B 2 HOH 50  237 50  HOH HOH A . 
B 2 HOH 51  238 51  HOH HOH A . 
B 2 HOH 52  239 52  HOH HOH A . 
B 2 HOH 53  240 53  HOH HOH A . 
B 2 HOH 54  241 54  HOH HOH A . 
B 2 HOH 55  242 55  HOH HOH A . 
B 2 HOH 56  243 56  HOH HOH A . 
B 2 HOH 57  244 57  HOH HOH A . 
B 2 HOH 58  245 58  HOH HOH A . 
B 2 HOH 59  246 59  HOH HOH A . 
B 2 HOH 60  247 60  HOH HOH A . 
B 2 HOH 61  248 61  HOH HOH A . 
B 2 HOH 62  249 62  HOH HOH A . 
B 2 HOH 63  250 63  HOH HOH A . 
B 2 HOH 64  251 64  HOH HOH A . 
B 2 HOH 65  252 65  HOH HOH A . 
B 2 HOH 66  253 66  HOH HOH A . 
B 2 HOH 67  254 67  HOH HOH A . 
B 2 HOH 68  255 68  HOH HOH A . 
B 2 HOH 69  256 69  HOH HOH A . 
B 2 HOH 70  257 70  HOH HOH A . 
B 2 HOH 71  258 71  HOH HOH A . 
B 2 HOH 72  259 72  HOH HOH A . 
B 2 HOH 73  260 73  HOH HOH A . 
B 2 HOH 74  261 74  HOH HOH A . 
B 2 HOH 75  262 75  HOH HOH A . 
B 2 HOH 76  263 76  HOH HOH A . 
B 2 HOH 77  264 77  HOH HOH A . 
B 2 HOH 78  265 78  HOH HOH A . 
B 2 HOH 79  266 79  HOH HOH A . 
B 2 HOH 80  267 80  HOH HOH A . 
B 2 HOH 81  268 81  HOH HOH A . 
B 2 HOH 82  269 82  HOH HOH A . 
B 2 HOH 83  270 83  HOH HOH A . 
B 2 HOH 84  271 84  HOH HOH A . 
B 2 HOH 85  272 85  HOH HOH A . 
B 2 HOH 86  273 86  HOH HOH A . 
B 2 HOH 87  274 87  HOH HOH A . 
B 2 HOH 88  275 88  HOH HOH A . 
B 2 HOH 89  276 89  HOH HOH A . 
B 2 HOH 90  277 90  HOH HOH A . 
B 2 HOH 91  278 91  HOH HOH A . 
B 2 HOH 92  279 92  HOH HOH A . 
B 2 HOH 93  280 93  HOH HOH A . 
B 2 HOH 94  281 94  HOH HOH A . 
B 2 HOH 95  282 95  HOH HOH A . 
B 2 HOH 96  283 96  HOH HOH A . 
B 2 HOH 97  284 97  HOH HOH A . 
B 2 HOH 98  285 98  HOH HOH A . 
B 2 HOH 99  286 99  HOH HOH A . 
B 2 HOH 100 287 100 HOH HOH A . 
B 2 HOH 101 288 101 HOH HOH A . 
B 2 HOH 102 289 102 HOH HOH A . 
B 2 HOH 103 290 103 HOH HOH A . 
B 2 HOH 104 291 104 HOH HOH A . 
B 2 HOH 105 292 105 HOH HOH A . 
B 2 HOH 106 293 106 HOH HOH A . 
B 2 HOH 107 294 107 HOH HOH A . 
B 2 HOH 108 295 108 HOH HOH A . 
B 2 HOH 109 296 109 HOH HOH A . 
B 2 HOH 110 297 110 HOH HOH A . 
B 2 HOH 111 298 111 HOH HOH A . 
B 2 HOH 112 299 112 HOH HOH A . 
B 2 HOH 113 300 113 HOH HOH A . 
B 2 HOH 114 301 114 HOH HOH A . 
B 2 HOH 115 302 115 HOH HOH A . 
B 2 HOH 116 303 116 HOH HOH A . 
B 2 HOH 117 304 117 HOH HOH A . 
B 2 HOH 118 305 118 HOH HOH A . 
B 2 HOH 119 306 120 HOH HOH A . 
B 2 HOH 120 307 121 HOH HOH A . 
B 2 HOH 121 308 122 HOH HOH A . 
B 2 HOH 122 309 125 HOH HOH A . 
B 2 HOH 123 310 126 HOH HOH A . 
B 2 HOH 124 311 127 HOH HOH A . 
B 2 HOH 125 312 128 HOH HOH A . 
B 2 HOH 126 313 129 HOH HOH A . 
B 2 HOH 127 314 130 HOH HOH A . 
B 2 HOH 128 315 132 HOH HOH A . 
B 2 HOH 129 316 134 HOH HOH A . 
B 2 HOH 130 317 135 HOH HOH A . 
B 2 HOH 131 318 136 HOH HOH A . 
B 2 HOH 132 319 137 HOH HOH A . 
B 2 HOH 133 320 140 HOH HOH A . 
B 2 HOH 134 321 141 HOH HOH A . 
B 2 HOH 135 322 144 HOH HOH A . 
B 2 HOH 136 323 145 HOH HOH A . 
B 2 HOH 137 324 147 HOH HOH A . 
B 2 HOH 138 325 148 HOH HOH A . 
B 2 HOH 139 326 150 HOH HOH A . 
# 
_pdbx_struct_assembly.id                   1 
_pdbx_struct_assembly.details              author_defined_assembly 
_pdbx_struct_assembly.method_details       ? 
_pdbx_struct_assembly.oligomeric_details   monomeric 
_pdbx_struct_assembly.oligomeric_count     1 
# 
_pdbx_struct_assembly_gen.assembly_id       1 
_pdbx_struct_assembly_gen.oper_expression   1 
_pdbx_struct_assembly_gen.asym_id_list      A,B 
# 
_pdbx_struct_oper_list.id                   1 
_pdbx_struct_oper_list.type                 'identity operation' 
_pdbx_struct_oper_list.name                 1_555 
_pdbx_struct_oper_list.symmetry_operation   x,y,z 
_pdbx_struct_oper_list.matrix[1][1]         1.0000000000 
_pdbx_struct_oper_list.matrix[1][2]         0.0000000000 
_pdbx_struct_oper_list.matrix[1][3]         0.0000000000 
_pdbx_struct_oper_list.vector[1]            0.0000000000 
_pdbx_struct_oper_list.matrix[2][1]         0.0000000000 
_pdbx_struct_oper_list.matrix[2][2]         1.0000000000 
_pdbx_struct_oper_list.matrix[2][3]         0.0000000000 
_pdbx_struct_oper_list.vector[2]            0.0000000000 
_pdbx_struct_oper_list.matrix[3][1]         0.0000000000 
_pdbx_struct_oper_list.matrix[3][2]         0.0000000000 
_pdbx_struct_oper_list.matrix[3][3]         1.0000000000 
_pdbx_struct_oper_list.vector[3]            0.0000000000 
# 
loop_
_pdbx_audit_revision_history.ordinal 
_pdbx_audit_revision_history.data_content_type 
_pdbx_audit_revision_history.major_revision 
_pdbx_audit_revision_history.minor_revision 
_pdbx_audit_revision_history.revision_date 
1 'Structure model' 1 0 2007-04-03 
2 'Structure model' 1 1 2008-05-01 
3 'Structure model' 1 2 2011-07-13 
4 'Structure model' 1 3 2023-08-30 
# 
_pdbx_audit_revision_details.ordinal             1 
_pdbx_audit_revision_details.revision_ordinal    1 
_pdbx_audit_revision_details.data_content_type   'Structure model' 
_pdbx_audit_revision_details.provider            repository 
_pdbx_audit_revision_details.type                'Initial release' 
_pdbx_audit_revision_details.description         ? 
_pdbx_audit_revision_details.details             ? 
# 
loop_
_pdbx_audit_revision_group.ordinal 
_pdbx_audit_revision_group.revision_ordinal 
_pdbx_audit_revision_group.data_content_type 
_pdbx_audit_revision_group.group 
1 2 'Structure model' 'Version format compliance' 
2 3 'Structure model' 'Version format compliance' 
3 4 'Structure model' 'Data collection'           
4 4 'Structure model' 'Database references'       
5 4 'Structure model' 'Refinement description'    
# 
loop_
_pdbx_audit_revision_category.ordinal 
_pdbx_audit_revision_category.revision_ordinal 
_pdbx_audit_revision_category.data_content_type 
_pdbx_audit_revision_category.category 
1 4 'Structure model' chem_comp_atom                
2 4 'Structure model' chem_comp_bond                
3 4 'Structure model' database_2                    
4 4 'Structure model' pdbx_initial_refinement_model 
5 4 'Structure model' struct_ref_seq_dif            
# 
loop_
_pdbx_audit_revision_item.ordinal 
_pdbx_audit_revision_item.revision_ordinal 
_pdbx_audit_revision_item.data_content_type 
_pdbx_audit_revision_item.item 
1 4 'Structure model' '_database_2.pdbx_DOI'                
2 4 'Structure model' '_database_2.pdbx_database_accession' 
3 4 'Structure model' '_struct_ref_seq_dif.details'         
# 
loop_
_software.name 
_software.classification 
_software.version 
_software.citation_id 
_software.pdbx_ordinal 
REFMAC    refinement       5.2.0019 ? 1 
HKL-2000  'data reduction' .        ? 2 
SCALEPACK 'data scaling'   .        ? 3 
PHASER    phasing          .        ? 4 
# 
loop_
_pdbx_validate_torsion.id 
_pdbx_validate_torsion.PDB_model_num 
_pdbx_validate_torsion.auth_comp_id 
_pdbx_validate_torsion.auth_asym_id 
_pdbx_validate_torsion.auth_seq_id 
_pdbx_validate_torsion.PDB_ins_code 
_pdbx_validate_torsion.label_alt_id 
_pdbx_validate_torsion.phi 
_pdbx_validate_torsion.psi 
1 1 THR A 42  ? ? -127.97 -54.33 
2 1 ASP A 71  ? ? -87.71  47.45  
3 1 LYS A 170 ? ? 91.58   -21.03 
# 
loop_
_pdbx_unobs_or_zero_occ_atoms.id 
_pdbx_unobs_or_zero_occ_atoms.PDB_model_num 
_pdbx_unobs_or_zero_occ_atoms.polymer_flag 
_pdbx_unobs_or_zero_occ_atoms.occupancy_flag 
_pdbx_unobs_or_zero_occ_atoms.auth_asym_id 
_pdbx_unobs_or_zero_occ_atoms.auth_comp_id 
_pdbx_unobs_or_zero_occ_atoms.auth_seq_id 
_pdbx_unobs_or_zero_occ_atoms.PDB_ins_code 
_pdbx_unobs_or_zero_occ_atoms.auth_atom_id 
_pdbx_unobs_or_zero_occ_atoms.label_alt_id 
_pdbx_unobs_or_zero_occ_atoms.label_asym_id 
_pdbx_unobs_or_zero_occ_atoms.label_comp_id 
_pdbx_unobs_or_zero_occ_atoms.label_seq_id 
_pdbx_unobs_or_zero_occ_atoms.label_atom_id 
1  1 Y 1 A GLU 6   ? OE1 ? A GLU 6   OE1 
2  1 Y 1 A GLU 6   ? OE2 ? A GLU 6   OE2 
3  1 Y 1 A GLU 101 ? CD  ? A GLU 101 CD  
4  1 Y 1 A GLU 101 ? OE1 ? A GLU 101 OE1 
5  1 Y 1 A GLU 101 ? OE2 ? A GLU 101 OE2 
6  1 Y 1 A LYS 108 ? CE  ? A LYS 108 CE  
7  1 Y 1 A LYS 108 ? NZ  ? A LYS 108 NZ  
8  1 Y 1 A GLU 109 ? CD  ? A GLU 109 CD  
9  1 Y 1 A GLU 109 ? OE1 ? A GLU 109 OE1 
10 1 Y 1 A GLU 109 ? OE2 ? A GLU 109 OE2 
# 
loop_
_pdbx_unobs_or_zero_occ_residues.id 
_pdbx_unobs_or_zero_occ_residues.PDB_model_num 
_pdbx_unobs_or_zero_occ_residues.polymer_flag 
_pdbx_unobs_or_zero_occ_residues.occupancy_flag 
_pdbx_unobs_or_zero_occ_residues.auth_asym_id 
_pdbx_unobs_or_zero_occ_residues.auth_comp_id 
_pdbx_unobs_or_zero_occ_residues.auth_seq_id 
_pdbx_unobs_or_zero_occ_residues.PDB_ins_code 
_pdbx_unobs_or_zero_occ_residues.label_asym_id 
_pdbx_unobs_or_zero_occ_residues.label_comp_id 
_pdbx_unobs_or_zero_occ_residues.label_seq_id 
1 1 Y 1 A GLY 1 ? A GLY 1 
2 1 Y 1 A TYR 2 ? A TYR 2 
# 
loop_
_chem_comp_atom.comp_id 
_chem_comp_atom.atom_id 
_chem_comp_atom.type_symbol 
_chem_comp_atom.pdbx_aromatic_flag 
_chem_comp_atom.pdbx_stereo_config 
_chem_comp_atom.pdbx_ordinal 
ALA N    N N N 1   
ALA CA   C N S 2   
ALA C    C N N 3   
ALA O    O N N 4   
ALA CB   C N N 5   
ALA OXT  O N N 6   
ALA H    H N N 7   
ALA H2   H N N 8   
ALA HA   H N N 9   
ALA HB1  H N N 10  
ALA HB2  H N N 11  
ALA HB3  H N N 12  
ALA HXT  H N N 13  
ARG N    N N N 14  
ARG CA   C N S 15  
ARG C    C N N 16  
ARG O    O N N 17  
ARG CB   C N N 18  
ARG CG   C N N 19  
ARG CD   C N N 20  
ARG NE   N N N 21  
ARG CZ   C N N 22  
ARG NH1  N N N 23  
ARG NH2  N N N 24  
ARG OXT  O N N 25  
ARG H    H N N 26  
ARG H2   H N N 27  
ARG HA   H N N 28  
ARG HB2  H N N 29  
ARG HB3  H N N 30  
ARG HG2  H N N 31  
ARG HG3  H N N 32  
ARG HD2  H N N 33  
ARG HD3  H N N 34  
ARG HE   H N N 35  
ARG HH11 H N N 36  
ARG HH12 H N N 37  
ARG HH21 H N N 38  
ARG HH22 H N N 39  
ARG HXT  H N N 40  
ASN N    N N N 41  
ASN CA   C N S 42  
ASN C    C N N 43  
ASN O    O N N 44  
ASN CB   C N N 45  
ASN CG   C N N 46  
ASN OD1  O N N 47  
ASN ND2  N N N 48  
ASN OXT  O N N 49  
ASN H    H N N 50  
ASN H2   H N N 51  
ASN HA   H N N 52  
ASN HB2  H N N 53  
ASN HB3  H N N 54  
ASN HD21 H N N 55  
ASN HD22 H N N 56  
ASN HXT  H N N 57  
ASP N    N N N 58  
ASP CA   C N S 59  
ASP C    C N N 60  
ASP O    O N N 61  
ASP CB   C N N 62  
ASP CG   C N N 63  
ASP OD1  O N N 64  
ASP OD2  O N N 65  
ASP OXT  O N N 66  
ASP H    H N N 67  
ASP H2   H N N 68  
ASP HA   H N N 69  
ASP HB2  H N N 70  
ASP HB3  H N N 71  
ASP HD2  H N N 72  
ASP HXT  H N N 73  
CYS N    N N N 74  
CYS CA   C N R 75  
CYS C    C N N 76  
CYS O    O N N 77  
CYS CB   C N N 78  
CYS SG   S N N 79  
CYS OXT  O N N 80  
CYS H    H N N 81  
CYS H2   H N N 82  
CYS HA   H N N 83  
CYS HB2  H N N 84  
CYS HB3  H N N 85  
CYS HG   H N N 86  
CYS HXT  H N N 87  
GLN N    N N N 88  
GLN CA   C N S 89  
GLN C    C N N 90  
GLN O    O N N 91  
GLN CB   C N N 92  
GLN CG   C N N 93  
GLN CD   C N N 94  
GLN OE1  O N N 95  
GLN NE2  N N N 96  
GLN OXT  O N N 97  
GLN H    H N N 98  
GLN H2   H N N 99  
GLN HA   H N N 100 
GLN HB2  H N N 101 
GLN HB3  H N N 102 
GLN HG2  H N N 103 
GLN HG3  H N N 104 
GLN HE21 H N N 105 
GLN HE22 H N N 106 
GLN HXT  H N N 107 
GLU N    N N N 108 
GLU CA   C N S 109 
GLU C    C N N 110 
GLU O    O N N 111 
GLU CB   C N N 112 
GLU CG   C N N 113 
GLU CD   C N N 114 
GLU OE1  O N N 115 
GLU OE2  O N N 116 
GLU OXT  O N N 117 
GLU H    H N N 118 
GLU H2   H N N 119 
GLU HA   H N N 120 
GLU HB2  H N N 121 
GLU HB3  H N N 122 
GLU HG2  H N N 123 
GLU HG3  H N N 124 
GLU HE2  H N N 125 
GLU HXT  H N N 126 
GLY N    N N N 127 
GLY CA   C N N 128 
GLY C    C N N 129 
GLY O    O N N 130 
GLY OXT  O N N 131 
GLY H    H N N 132 
GLY H2   H N N 133 
GLY HA2  H N N 134 
GLY HA3  H N N 135 
GLY HXT  H N N 136 
HIS N    N N N 137 
HIS CA   C N S 138 
HIS C    C N N 139 
HIS O    O N N 140 
HIS CB   C N N 141 
HIS CG   C Y N 142 
HIS ND1  N Y N 143 
HIS CD2  C Y N 144 
HIS CE1  C Y N 145 
HIS NE2  N Y N 146 
HIS OXT  O N N 147 
HIS H    H N N 148 
HIS H2   H N N 149 
HIS HA   H N N 150 
HIS HB2  H N N 151 
HIS HB3  H N N 152 
HIS HD1  H N N 153 
HIS HD2  H N N 154 
HIS HE1  H N N 155 
HIS HE2  H N N 156 
HIS HXT  H N N 157 
HOH O    O N N 158 
HOH H1   H N N 159 
HOH H2   H N N 160 
ILE N    N N N 161 
ILE CA   C N S 162 
ILE C    C N N 163 
ILE O    O N N 164 
ILE CB   C N S 165 
ILE CG1  C N N 166 
ILE CG2  C N N 167 
ILE CD1  C N N 168 
ILE OXT  O N N 169 
ILE H    H N N 170 
ILE H2   H N N 171 
ILE HA   H N N 172 
ILE HB   H N N 173 
ILE HG12 H N N 174 
ILE HG13 H N N 175 
ILE HG21 H N N 176 
ILE HG22 H N N 177 
ILE HG23 H N N 178 
ILE HD11 H N N 179 
ILE HD12 H N N 180 
ILE HD13 H N N 181 
ILE HXT  H N N 182 
LEU N    N N N 183 
LEU CA   C N S 184 
LEU C    C N N 185 
LEU O    O N N 186 
LEU CB   C N N 187 
LEU CG   C N N 188 
LEU CD1  C N N 189 
LEU CD2  C N N 190 
LEU OXT  O N N 191 
LEU H    H N N 192 
LEU H2   H N N 193 
LEU HA   H N N 194 
LEU HB2  H N N 195 
LEU HB3  H N N 196 
LEU HG   H N N 197 
LEU HD11 H N N 198 
LEU HD12 H N N 199 
LEU HD13 H N N 200 
LEU HD21 H N N 201 
LEU HD22 H N N 202 
LEU HD23 H N N 203 
LEU HXT  H N N 204 
LYS N    N N N 205 
LYS CA   C N S 206 
LYS C    C N N 207 
LYS O    O N N 208 
LYS CB   C N N 209 
LYS CG   C N N 210 
LYS CD   C N N 211 
LYS CE   C N N 212 
LYS NZ   N N N 213 
LYS OXT  O N N 214 
LYS H    H N N 215 
LYS H2   H N N 216 
LYS HA   H N N 217 
LYS HB2  H N N 218 
LYS HB3  H N N 219 
LYS HG2  H N N 220 
LYS HG3  H N N 221 
LYS HD2  H N N 222 
LYS HD3  H N N 223 
LYS HE2  H N N 224 
LYS HE3  H N N 225 
LYS HZ1  H N N 226 
LYS HZ2  H N N 227 
LYS HZ3  H N N 228 
LYS HXT  H N N 229 
MET N    N N N 230 
MET CA   C N S 231 
MET C    C N N 232 
MET O    O N N 233 
MET CB   C N N 234 
MET CG   C N N 235 
MET SD   S N N 236 
MET CE   C N N 237 
MET OXT  O N N 238 
MET H    H N N 239 
MET H2   H N N 240 
MET HA   H N N 241 
MET HB2  H N N 242 
MET HB3  H N N 243 
MET HG2  H N N 244 
MET HG3  H N N 245 
MET HE1  H N N 246 
MET HE2  H N N 247 
MET HE3  H N N 248 
MET HXT  H N N 249 
PHE N    N N N 250 
PHE CA   C N S 251 
PHE C    C N N 252 
PHE O    O N N 253 
PHE CB   C N N 254 
PHE CG   C Y N 255 
PHE CD1  C Y N 256 
PHE CD2  C Y N 257 
PHE CE1  C Y N 258 
PHE CE2  C Y N 259 
PHE CZ   C Y N 260 
PHE OXT  O N N 261 
PHE H    H N N 262 
PHE H2   H N N 263 
PHE HA   H N N 264 
PHE HB2  H N N 265 
PHE HB3  H N N 266 
PHE HD1  H N N 267 
PHE HD2  H N N 268 
PHE HE1  H N N 269 
PHE HE2  H N N 270 
PHE HZ   H N N 271 
PHE HXT  H N N 272 
PRO N    N N N 273 
PRO CA   C N S 274 
PRO C    C N N 275 
PRO O    O N N 276 
PRO CB   C N N 277 
PRO CG   C N N 278 
PRO CD   C N N 279 
PRO OXT  O N N 280 
PRO H    H N N 281 
PRO HA   H N N 282 
PRO HB2  H N N 283 
PRO HB3  H N N 284 
PRO HG2  H N N 285 
PRO HG3  H N N 286 
PRO HD2  H N N 287 
PRO HD3  H N N 288 
PRO HXT  H N N 289 
SER N    N N N 290 
SER CA   C N S 291 
SER C    C N N 292 
SER O    O N N 293 
SER CB   C N N 294 
SER OG   O N N 295 
SER OXT  O N N 296 
SER H    H N N 297 
SER H2   H N N 298 
SER HA   H N N 299 
SER HB2  H N N 300 
SER HB3  H N N 301 
SER HG   H N N 302 
SER HXT  H N N 303 
THR N    N N N 304 
THR CA   C N S 305 
THR C    C N N 306 
THR O    O N N 307 
THR CB   C N R 308 
THR OG1  O N N 309 
THR CG2  C N N 310 
THR OXT  O N N 311 
THR H    H N N 312 
THR H2   H N N 313 
THR HA   H N N 314 
THR HB   H N N 315 
THR HG1  H N N 316 
THR HG21 H N N 317 
THR HG22 H N N 318 
THR HG23 H N N 319 
THR HXT  H N N 320 
TYR N    N N N 321 
TYR CA   C N S 322 
TYR C    C N N 323 
TYR O    O N N 324 
TYR CB   C N N 325 
TYR CG   C Y N 326 
TYR CD1  C Y N 327 
TYR CD2  C Y N 328 
TYR CE1  C Y N 329 
TYR CE2  C Y N 330 
TYR CZ   C Y N 331 
TYR OH   O N N 332 
TYR OXT  O N N 333 
TYR H    H N N 334 
TYR H2   H N N 335 
TYR HA   H N N 336 
TYR HB2  H N N 337 
TYR HB3  H N N 338 
TYR HD1  H N N 339 
TYR HD2  H N N 340 
TYR HE1  H N N 341 
TYR HE2  H N N 342 
TYR HH   H N N 343 
TYR HXT  H N N 344 
VAL N    N N N 345 
VAL CA   C N S 346 
VAL C    C N N 347 
VAL O    O N N 348 
VAL CB   C N N 349 
VAL CG1  C N N 350 
VAL CG2  C N N 351 
VAL OXT  O N N 352 
VAL H    H N N 353 
VAL H2   H N N 354 
VAL HA   H N N 355 
VAL HB   H N N 356 
VAL HG11 H N N 357 
VAL HG12 H N N 358 
VAL HG13 H N N 359 
VAL HG21 H N N 360 
VAL HG22 H N N 361 
VAL HG23 H N N 362 
VAL HXT  H N N 363 
# 
loop_
_chem_comp_bond.comp_id 
_chem_comp_bond.atom_id_1 
_chem_comp_bond.atom_id_2 
_chem_comp_bond.value_order 
_chem_comp_bond.pdbx_aromatic_flag 
_chem_comp_bond.pdbx_stereo_config 
_chem_comp_bond.pdbx_ordinal 
ALA N   CA   sing N N 1   
ALA N   H    sing N N 2   
ALA N   H2   sing N N 3   
ALA CA  C    sing N N 4   
ALA CA  CB   sing N N 5   
ALA CA  HA   sing N N 6   
ALA C   O    doub N N 7   
ALA C   OXT  sing N N 8   
ALA CB  HB1  sing N N 9   
ALA CB  HB2  sing N N 10  
ALA CB  HB3  sing N N 11  
ALA OXT HXT  sing N N 12  
ARG N   CA   sing N N 13  
ARG N   H    sing N N 14  
ARG N   H2   sing N N 15  
ARG CA  C    sing N N 16  
ARG CA  CB   sing N N 17  
ARG CA  HA   sing N N 18  
ARG C   O    doub N N 19  
ARG C   OXT  sing N N 20  
ARG CB  CG   sing N N 21  
ARG CB  HB2  sing N N 22  
ARG CB  HB3  sing N N 23  
ARG CG  CD   sing N N 24  
ARG CG  HG2  sing N N 25  
ARG CG  HG3  sing N N 26  
ARG CD  NE   sing N N 27  
ARG CD  HD2  sing N N 28  
ARG CD  HD3  sing N N 29  
ARG NE  CZ   sing N N 30  
ARG NE  HE   sing N N 31  
ARG CZ  NH1  sing N N 32  
ARG CZ  NH2  doub N N 33  
ARG NH1 HH11 sing N N 34  
ARG NH1 HH12 sing N N 35  
ARG NH2 HH21 sing N N 36  
ARG NH2 HH22 sing N N 37  
ARG OXT HXT  sing N N 38  
ASN N   CA   sing N N 39  
ASN N   H    sing N N 40  
ASN N   H2   sing N N 41  
ASN CA  C    sing N N 42  
ASN CA  CB   sing N N 43  
ASN CA  HA   sing N N 44  
ASN C   O    doub N N 45  
ASN C   OXT  sing N N 46  
ASN CB  CG   sing N N 47  
ASN CB  HB2  sing N N 48  
ASN CB  HB3  sing N N 49  
ASN CG  OD1  doub N N 50  
ASN CG  ND2  sing N N 51  
ASN ND2 HD21 sing N N 52  
ASN ND2 HD22 sing N N 53  
ASN OXT HXT  sing N N 54  
ASP N   CA   sing N N 55  
ASP N   H    sing N N 56  
ASP N   H2   sing N N 57  
ASP CA  C    sing N N 58  
ASP CA  CB   sing N N 59  
ASP CA  HA   sing N N 60  
ASP C   O    doub N N 61  
ASP C   OXT  sing N N 62  
ASP CB  CG   sing N N 63  
ASP CB  HB2  sing N N 64  
ASP CB  HB3  sing N N 65  
ASP CG  OD1  doub N N 66  
ASP CG  OD2  sing N N 67  
ASP OD2 HD2  sing N N 68  
ASP OXT HXT  sing N N 69  
CYS N   CA   sing N N 70  
CYS N   H    sing N N 71  
CYS N   H2   sing N N 72  
CYS CA  C    sing N N 73  
CYS CA  CB   sing N N 74  
CYS CA  HA   sing N N 75  
CYS C   O    doub N N 76  
CYS C   OXT  sing N N 77  
CYS CB  SG   sing N N 78  
CYS CB  HB2  sing N N 79  
CYS CB  HB3  sing N N 80  
CYS SG  HG   sing N N 81  
CYS OXT HXT  sing N N 82  
GLN N   CA   sing N N 83  
GLN N   H    sing N N 84  
GLN N   H2   sing N N 85  
GLN CA  C    sing N N 86  
GLN CA  CB   sing N N 87  
GLN CA  HA   sing N N 88  
GLN C   O    doub N N 89  
GLN C   OXT  sing N N 90  
GLN CB  CG   sing N N 91  
GLN CB  HB2  sing N N 92  
GLN CB  HB3  sing N N 93  
GLN CG  CD   sing N N 94  
GLN CG  HG2  sing N N 95  
GLN CG  HG3  sing N N 96  
GLN CD  OE1  doub N N 97  
GLN CD  NE2  sing N N 98  
GLN NE2 HE21 sing N N 99  
GLN NE2 HE22 sing N N 100 
GLN OXT HXT  sing N N 101 
GLU N   CA   sing N N 102 
GLU N   H    sing N N 103 
GLU N   H2   sing N N 104 
GLU CA  C    sing N N 105 
GLU CA  CB   sing N N 106 
GLU CA  HA   sing N N 107 
GLU C   O    doub N N 108 
GLU C   OXT  sing N N 109 
GLU CB  CG   sing N N 110 
GLU CB  HB2  sing N N 111 
GLU CB  HB3  sing N N 112 
GLU CG  CD   sing N N 113 
GLU CG  HG2  sing N N 114 
GLU CG  HG3  sing N N 115 
GLU CD  OE1  doub N N 116 
GLU CD  OE2  sing N N 117 
GLU OE2 HE2  sing N N 118 
GLU OXT HXT  sing N N 119 
GLY N   CA   sing N N 120 
GLY N   H    sing N N 121 
GLY N   H2   sing N N 122 
GLY CA  C    sing N N 123 
GLY CA  HA2  sing N N 124 
GLY CA  HA3  sing N N 125 
GLY C   O    doub N N 126 
GLY C   OXT  sing N N 127 
GLY OXT HXT  sing N N 128 
HIS N   CA   sing N N 129 
HIS N   H    sing N N 130 
HIS N   H2   sing N N 131 
HIS CA  C    sing N N 132 
HIS CA  CB   sing N N 133 
HIS CA  HA   sing N N 134 
HIS C   O    doub N N 135 
HIS C   OXT  sing N N 136 
HIS CB  CG   sing N N 137 
HIS CB  HB2  sing N N 138 
HIS CB  HB3  sing N N 139 
HIS CG  ND1  sing Y N 140 
HIS CG  CD2  doub Y N 141 
HIS ND1 CE1  doub Y N 142 
HIS ND1 HD1  sing N N 143 
HIS CD2 NE2  sing Y N 144 
HIS CD2 HD2  sing N N 145 
HIS CE1 NE2  sing Y N 146 
HIS CE1 HE1  sing N N 147 
HIS NE2 HE2  sing N N 148 
HIS OXT HXT  sing N N 149 
HOH O   H1   sing N N 150 
HOH O   H2   sing N N 151 
ILE N   CA   sing N N 152 
ILE N   H    sing N N 153 
ILE N   H2   sing N N 154 
ILE CA  C    sing N N 155 
ILE CA  CB   sing N N 156 
ILE CA  HA   sing N N 157 
ILE C   O    doub N N 158 
ILE C   OXT  sing N N 159 
ILE CB  CG1  sing N N 160 
ILE CB  CG2  sing N N 161 
ILE CB  HB   sing N N 162 
ILE CG1 CD1  sing N N 163 
ILE CG1 HG12 sing N N 164 
ILE CG1 HG13 sing N N 165 
ILE CG2 HG21 sing N N 166 
ILE CG2 HG22 sing N N 167 
ILE CG2 HG23 sing N N 168 
ILE CD1 HD11 sing N N 169 
ILE CD1 HD12 sing N N 170 
ILE CD1 HD13 sing N N 171 
ILE OXT HXT  sing N N 172 
LEU N   CA   sing N N 173 
LEU N   H    sing N N 174 
LEU N   H2   sing N N 175 
LEU CA  C    sing N N 176 
LEU CA  CB   sing N N 177 
LEU CA  HA   sing N N 178 
LEU C   O    doub N N 179 
LEU C   OXT  sing N N 180 
LEU CB  CG   sing N N 181 
LEU CB  HB2  sing N N 182 
LEU CB  HB3  sing N N 183 
LEU CG  CD1  sing N N 184 
LEU CG  CD2  sing N N 185 
LEU CG  HG   sing N N 186 
LEU CD1 HD11 sing N N 187 
LEU CD1 HD12 sing N N 188 
LEU CD1 HD13 sing N N 189 
LEU CD2 HD21 sing N N 190 
LEU CD2 HD22 sing N N 191 
LEU CD2 HD23 sing N N 192 
LEU OXT HXT  sing N N 193 
LYS N   CA   sing N N 194 
LYS N   H    sing N N 195 
LYS N   H2   sing N N 196 
LYS CA  C    sing N N 197 
LYS CA  CB   sing N N 198 
LYS CA  HA   sing N N 199 
LYS C   O    doub N N 200 
LYS C   OXT  sing N N 201 
LYS CB  CG   sing N N 202 
LYS CB  HB2  sing N N 203 
LYS CB  HB3  sing N N 204 
LYS CG  CD   sing N N 205 
LYS CG  HG2  sing N N 206 
LYS CG  HG3  sing N N 207 
LYS CD  CE   sing N N 208 
LYS CD  HD2  sing N N 209 
LYS CD  HD3  sing N N 210 
LYS CE  NZ   sing N N 211 
LYS CE  HE2  sing N N 212 
LYS CE  HE3  sing N N 213 
LYS NZ  HZ1  sing N N 214 
LYS NZ  HZ2  sing N N 215 
LYS NZ  HZ3  sing N N 216 
LYS OXT HXT  sing N N 217 
MET N   CA   sing N N 218 
MET N   H    sing N N 219 
MET N   H2   sing N N 220 
MET CA  C    sing N N 221 
MET CA  CB   sing N N 222 
MET CA  HA   sing N N 223 
MET C   O    doub N N 224 
MET C   OXT  sing N N 225 
MET CB  CG   sing N N 226 
MET CB  HB2  sing N N 227 
MET CB  HB3  sing N N 228 
MET CG  SD   sing N N 229 
MET CG  HG2  sing N N 230 
MET CG  HG3  sing N N 231 
MET SD  CE   sing N N 232 
MET CE  HE1  sing N N 233 
MET CE  HE2  sing N N 234 
MET CE  HE3  sing N N 235 
MET OXT HXT  sing N N 236 
PHE N   CA   sing N N 237 
PHE N   H    sing N N 238 
PHE N   H2   sing N N 239 
PHE CA  C    sing N N 240 
PHE CA  CB   sing N N 241 
PHE CA  HA   sing N N 242 
PHE C   O    doub N N 243 
PHE C   OXT  sing N N 244 
PHE CB  CG   sing N N 245 
PHE CB  HB2  sing N N 246 
PHE CB  HB3  sing N N 247 
PHE CG  CD1  doub Y N 248 
PHE CG  CD2  sing Y N 249 
PHE CD1 CE1  sing Y N 250 
PHE CD1 HD1  sing N N 251 
PHE CD2 CE2  doub Y N 252 
PHE CD2 HD2  sing N N 253 
PHE CE1 CZ   doub Y N 254 
PHE CE1 HE1  sing N N 255 
PHE CE2 CZ   sing Y N 256 
PHE CE2 HE2  sing N N 257 
PHE CZ  HZ   sing N N 258 
PHE OXT HXT  sing N N 259 
PRO N   CA   sing N N 260 
PRO N   CD   sing N N 261 
PRO N   H    sing N N 262 
PRO CA  C    sing N N 263 
PRO CA  CB   sing N N 264 
PRO CA  HA   sing N N 265 
PRO C   O    doub N N 266 
PRO C   OXT  sing N N 267 
PRO CB  CG   sing N N 268 
PRO CB  HB2  sing N N 269 
PRO CB  HB3  sing N N 270 
PRO CG  CD   sing N N 271 
PRO CG  HG2  sing N N 272 
PRO CG  HG3  sing N N 273 
PRO CD  HD2  sing N N 274 
PRO CD  HD3  sing N N 275 
PRO OXT HXT  sing N N 276 
SER N   CA   sing N N 277 
SER N   H    sing N N 278 
SER N   H2   sing N N 279 
SER CA  C    sing N N 280 
SER CA  CB   sing N N 281 
SER CA  HA   sing N N 282 
SER C   O    doub N N 283 
SER C   OXT  sing N N 284 
SER CB  OG   sing N N 285 
SER CB  HB2  sing N N 286 
SER CB  HB3  sing N N 287 
SER OG  HG   sing N N 288 
SER OXT HXT  sing N N 289 
THR N   CA   sing N N 290 
THR N   H    sing N N 291 
THR N   H2   sing N N 292 
THR CA  C    sing N N 293 
THR CA  CB   sing N N 294 
THR CA  HA   sing N N 295 
THR C   O    doub N N 296 
THR C   OXT  sing N N 297 
THR CB  OG1  sing N N 298 
THR CB  CG2  sing N N 299 
THR CB  HB   sing N N 300 
THR OG1 HG1  sing N N 301 
THR CG2 HG21 sing N N 302 
THR CG2 HG22 sing N N 303 
THR CG2 HG23 sing N N 304 
THR OXT HXT  sing N N 305 
TYR N   CA   sing N N 306 
TYR N   H    sing N N 307 
TYR N   H2   sing N N 308 
TYR CA  C    sing N N 309 
TYR CA  CB   sing N N 310 
TYR CA  HA   sing N N 311 
TYR C   O    doub N N 312 
TYR C   OXT  sing N N 313 
TYR CB  CG   sing N N 314 
TYR CB  HB2  sing N N 315 
TYR CB  HB3  sing N N 316 
TYR CG  CD1  doub Y N 317 
TYR CG  CD2  sing Y N 318 
TYR CD1 CE1  sing Y N 319 
TYR CD1 HD1  sing N N 320 
TYR CD2 CE2  doub Y N 321 
TYR CD2 HD2  sing N N 322 
TYR CE1 CZ   doub Y N 323 
TYR CE1 HE1  sing N N 324 
TYR CE2 CZ   sing Y N 325 
TYR CE2 HE2  sing N N 326 
TYR CZ  OH   sing N N 327 
TYR OH  HH   sing N N 328 
TYR OXT HXT  sing N N 329 
VAL N   CA   sing N N 330 
VAL N   H    sing N N 331 
VAL N   H2   sing N N 332 
VAL CA  C    sing N N 333 
VAL CA  CB   sing N N 334 
VAL CA  HA   sing N N 335 
VAL C   O    doub N N 336 
VAL C   OXT  sing N N 337 
VAL CB  CG1  sing N N 338 
VAL CB  CG2  sing N N 339 
VAL CB  HB   sing N N 340 
VAL CG1 HG11 sing N N 341 
VAL CG1 HG12 sing N N 342 
VAL CG1 HG13 sing N N 343 
VAL CG2 HG21 sing N N 344 
VAL CG2 HG22 sing N N 345 
VAL CG2 HG23 sing N N 346 
VAL OXT HXT  sing N N 347 
# 
_pdbx_entity_nonpoly.entity_id   2 
_pdbx_entity_nonpoly.name        water 
_pdbx_entity_nonpoly.comp_id     HOH 
# 
_pdbx_initial_refinement_model.id               1 
_pdbx_initial_refinement_model.entity_id_list   ? 
_pdbx_initial_refinement_model.type             'experimental model' 
_pdbx_initial_refinement_model.source_name      PDB 
_pdbx_initial_refinement_model.accession_code   1JBK 
_pdbx_initial_refinement_model.details          1JBK.pdb 
# 
